data_6LHX
#
_entry.id   6LHX
#
_cell.length_a   180.424
_cell.length_b   168.584
_cell.length_c   93.614
_cell.angle_alpha   90.000
_cell.angle_beta   106.710
_cell.angle_gamma   90.000
#
_symmetry.space_group_name_H-M   'C 1 2 1'
#
loop_
_entity.id
_entity.type
_entity.pdbx_description
1 polymer ThsA
2 water water
#
_entity_poly.entity_id   1
_entity_poly.type   'polypeptide(L)'
_entity_poly.pdbx_seq_one_letter_code
;GH(MSE)NPIVELFIKDFTKEV(MSE)EENAAIFAGAGLS(MSE)SVGYVSWAKLLEPIAQEIGLDVNKENDLVSLAQYY
CNENQGNRGRINQIILDEFSRKVDLTENHKILARLPIHTYWTTNYDRLIEKALEEENKIADVKYTVKQLATTKVKRDAVV
YK(MSE)HGDVEHPSEAVLIKDDYEKYSIK(MSE)DPYIKALSGDLVSKTFLFVGFSFTDPNLDYILSRVRSAYERDQRR
HYCLIKKEERRPDELEADFEYRVRKQELFISDLSRFNIKTIVLNNYNEITEILQRIENNIKTKTVFLSGSAVEYNHWETE
HAEQFIHQLSKELIRKDFNIVSGFGLGVGSFVINGVLEELY(MSE)NQGTIDDDRLILRPFPQGKKGEEQWDKYRRD
(MSE)ITRTGVSIFLYGNKIDKGQVVKAKGVQSEFNISFEQNNYVVPVGATGYIAKDLWNKVNEEFETYYPGADAR
(MSE)KKLFGELNNEALSIEELINTIIEFVEILSN
;
_entity_poly.pdbx_strand_id   A,B,C,D
#
# COMPACT_ATOMS: atom_id res chain seq x y z
N HIS A 2 16.73 15.79 -30.23
CA HIS A 2 17.58 16.45 -29.24
C HIS A 2 18.75 15.57 -28.84
N MSE A 3 18.44 14.35 -28.40
CA MSE A 3 19.46 13.41 -27.95
C MSE A 3 20.14 12.73 -29.15
O MSE A 3 19.72 12.91 -30.29
CB MSE A 3 18.86 12.37 -27.02
CG MSE A 3 18.11 12.97 -25.84
SE MSE A 3 17.43 11.65 -24.57
CE MSE A 3 19.10 11.18 -23.70
N ASN A 4 21.20 11.98 -28.89
CA ASN A 4 21.98 11.31 -29.94
C ASN A 4 21.14 10.28 -30.69
N PRO A 5 21.44 10.07 -31.99
CA PRO A 5 20.65 9.23 -32.89
C PRO A 5 20.32 7.83 -32.35
N ILE A 6 21.24 7.23 -31.60
CA ILE A 6 21.01 5.90 -31.03
C ILE A 6 19.88 5.93 -30.02
N VAL A 7 19.96 6.89 -29.10
CA VAL A 7 18.94 7.07 -28.07
C VAL A 7 17.59 7.40 -28.70
N GLU A 8 17.60 8.24 -29.73
CA GLU A 8 16.37 8.62 -30.42
C GLU A 8 15.71 7.41 -31.09
N LEU A 9 16.54 6.60 -31.74
CA LEU A 9 16.06 5.39 -32.40
C LEU A 9 15.42 4.46 -31.38
N PHE A 10 16.10 4.27 -30.25
CA PHE A 10 15.54 3.47 -29.17
C PHE A 10 14.20 4.04 -28.69
N ILE A 11 14.15 5.36 -28.54
CA ILE A 11 12.94 6.02 -28.07
C ILE A 11 11.76 5.73 -28.98
N LYS A 12 11.99 5.79 -30.29
CA LYS A 12 10.91 5.58 -31.24
C LYS A 12 10.49 4.10 -31.29
N ASP A 13 11.48 3.20 -31.31
CA ASP A 13 11.18 1.77 -31.36
C ASP A 13 10.43 1.29 -30.11
N PHE A 14 10.94 1.68 -28.95
CA PHE A 14 10.35 1.26 -27.68
C PHE A 14 9.01 1.97 -27.44
N THR A 15 8.87 3.19 -27.97
CA THR A 15 7.58 3.87 -27.93
C THR A 15 6.59 3.02 -28.69
N LYS A 16 6.99 2.54 -29.86
CA LYS A 16 6.14 1.65 -30.64
C LYS A 16 5.76 0.42 -29.83
N GLU A 17 6.73 -0.20 -29.17
CA GLU A 17 6.46 -1.40 -28.38
C GLU A 17 5.61 -1.14 -27.14
N VAL A 18 5.83 0.00 -26.48
CA VAL A 18 5.05 0.36 -25.30
C VAL A 18 3.59 0.66 -25.65
N MSE A 19 3.41 1.38 -26.73
CA MSE A 19 2.07 1.81 -27.16
C MSE A 19 1.19 0.63 -27.54
O MSE A 19 -0.04 0.70 -27.42
CB MSE A 19 2.18 2.78 -28.33
CG MSE A 19 0.92 3.60 -28.57
SE MSE A 19 1.36 5.25 -29.51
CE MSE A 19 2.33 4.47 -31.01
N GLU A 20 1.82 -0.45 -27.99
CA GLU A 20 1.07 -1.64 -28.37
C GLU A 20 0.78 -2.48 -27.13
N GLU A 21 1.18 -1.93 -25.98
CA GLU A 21 0.86 -2.46 -24.66
C GLU A 21 1.35 -3.89 -24.42
N ASN A 22 2.49 -4.24 -25.00
CA ASN A 22 3.04 -5.58 -24.78
C ASN A 22 4.51 -5.50 -24.37
N ALA A 23 4.93 -4.34 -23.89
CA ALA A 23 6.30 -4.14 -23.46
C ALA A 23 6.45 -4.50 -21.99
N ALA A 24 7.66 -4.90 -21.61
CA ALA A 24 7.95 -5.26 -20.21
C ALA A 24 9.18 -4.52 -19.70
N ILE A 25 9.25 -4.35 -18.39
CA ILE A 25 10.40 -3.72 -17.76
C ILE A 25 11.09 -4.76 -16.89
N PHE A 26 12.41 -4.86 -16.99
CA PHE A 26 13.13 -5.70 -16.04
C PHE A 26 14.04 -4.76 -15.25
N ALA A 27 13.76 -4.66 -13.95
CA ALA A 27 14.36 -3.64 -13.10
C ALA A 27 15.38 -4.21 -12.12
N GLY A 28 16.58 -3.64 -12.15
CA GLY A 28 17.62 -4.01 -11.19
C GLY A 28 17.61 -3.07 -10.00
N ALA A 29 18.54 -3.31 -9.08
CA ALA A 29 18.61 -2.56 -7.84
C ALA A 29 18.94 -1.09 -8.08
N GLY A 30 19.59 -0.81 -9.21
CA GLY A 30 19.98 0.55 -9.57
C GLY A 30 18.79 1.48 -9.70
N LEU A 31 17.67 0.93 -10.13
CA LEU A 31 16.45 1.72 -10.32
C LEU A 31 15.86 2.18 -8.98
N SER A 32 16.20 1.46 -7.92
CA SER A 32 15.71 1.79 -6.58
C SER A 32 16.62 2.77 -5.87
N MSE A 33 17.64 3.26 -6.56
CA MSE A 33 18.57 4.22 -5.99
C MSE A 33 18.50 5.55 -6.73
O MSE A 33 18.41 5.60 -7.96
CB MSE A 33 20.00 3.67 -6.03
CG MSE A 33 20.14 2.30 -5.41
SE MSE A 33 19.94 2.30 -3.48
CE MSE A 33 20.02 0.37 -3.15
N SER A 34 18.55 6.64 -5.96
CA SER A 34 18.52 7.99 -6.53
C SER A 34 19.72 8.24 -7.43
N VAL A 35 20.86 7.66 -7.05
CA VAL A 35 22.09 7.82 -7.83
C VAL A 35 22.10 6.93 -9.06
N GLY A 36 21.14 6.01 -9.13
CA GLY A 36 20.95 5.21 -10.33
C GLY A 36 21.73 3.90 -10.37
N TYR A 37 22.51 3.63 -9.32
CA TYR A 37 23.30 2.41 -9.29
C TYR A 37 23.51 1.91 -7.86
N VAL A 38 24.00 0.68 -7.74
CA VAL A 38 24.32 0.10 -6.45
C VAL A 38 25.76 -0.38 -6.42
N SER A 39 26.53 0.09 -5.45
CA SER A 39 27.88 -0.43 -5.27
C SER A 39 27.75 -1.69 -4.43
N TRP A 40 27.64 -2.83 -5.12
CA TRP A 40 27.31 -4.10 -4.49
C TRP A 40 28.29 -4.51 -3.41
N ALA A 41 29.57 -4.28 -3.66
CA ALA A 41 30.62 -4.56 -2.68
C ALA A 41 30.45 -3.69 -1.44
N LYS A 42 30.35 -2.38 -1.67
CA LYS A 42 30.21 -1.41 -0.60
C LYS A 42 28.91 -1.56 0.20
N LEU A 43 27.86 -2.04 -0.45
CA LEU A 43 26.59 -2.25 0.24
C LEU A 43 26.65 -3.42 1.23
N LEU A 44 27.28 -4.51 0.81
CA LEU A 44 27.42 -5.69 1.65
C LEU A 44 28.46 -5.48 2.75
N PRO A 46 31.29 -3.26 4.70
CA PRO A 46 30.90 -2.33 5.76
C PRO A 46 29.89 -2.93 6.72
N ILE A 47 29.28 -4.06 6.34
CA ILE A 47 28.41 -4.79 7.24
C ILE A 47 29.18 -5.98 7.81
N ALA A 48 30.13 -6.49 7.04
CA ALA A 48 30.96 -7.58 7.54
C ALA A 48 32.12 -6.99 8.33
N GLN A 49 32.33 -5.69 8.16
CA GLN A 49 33.33 -4.96 8.93
C GLN A 49 32.72 -4.69 10.30
N GLU A 50 31.40 -4.58 10.32
CA GLU A 50 30.63 -4.37 11.54
C GLU A 50 30.46 -5.65 12.35
N ILE A 51 31.03 -6.73 11.85
CA ILE A 51 30.99 -8.01 12.56
C ILE A 51 32.43 -8.50 12.78
N GLY A 52 33.38 -7.79 12.17
CA GLY A 52 34.78 -8.14 12.31
C GLY A 52 35.21 -9.25 11.37
N LEU A 53 34.34 -9.59 10.43
CA LEU A 53 34.66 -10.62 9.45
C LEU A 53 35.07 -9.98 8.13
N ASP A 54 36.35 -9.66 8.00
CA ASP A 54 36.87 -8.98 6.82
C ASP A 54 36.96 -9.91 5.62
N VAL A 55 36.54 -9.41 4.46
CA VAL A 55 36.59 -10.19 3.23
C VAL A 55 38.03 -10.38 2.77
N ASN A 59 38.29 -16.67 3.36
CA ASN A 59 38.68 -17.14 4.68
C ASN A 59 37.53 -17.05 5.68
N ASP A 60 37.08 -15.83 5.96
CA ASP A 60 35.92 -15.65 6.82
C ASP A 60 34.65 -15.75 5.98
N LEU A 61 34.83 -15.62 4.66
CA LEU A 61 33.70 -15.64 3.74
C LEU A 61 33.13 -17.05 3.58
N VAL A 62 33.99 -18.06 3.73
CA VAL A 62 33.50 -19.44 3.63
C VAL A 62 32.74 -19.80 4.89
N SER A 63 33.17 -19.23 6.02
CA SER A 63 32.49 -19.42 7.29
C SER A 63 31.13 -18.73 7.25
N LEU A 64 31.10 -17.56 6.61
CA LEU A 64 29.86 -16.82 6.44
C LEU A 64 28.90 -17.57 5.52
N ALA A 65 29.45 -18.10 4.42
CA ALA A 65 28.67 -18.84 3.45
C ALA A 65 28.08 -20.11 4.07
N GLN A 66 28.87 -20.78 4.90
CA GLN A 66 28.41 -22.03 5.53
C GLN A 66 27.52 -21.78 6.74
N TYR A 67 27.63 -20.58 7.33
CA TYR A 67 26.71 -20.17 8.37
C TYR A 67 25.35 -19.88 7.74
N TYR A 68 25.38 -19.15 6.63
CA TYR A 68 24.17 -18.78 5.90
C TYR A 68 23.45 -20.00 5.35
N CYS A 69 24.23 -20.97 4.86
CA CYS A 69 23.67 -22.17 4.27
C CYS A 69 23.56 -23.31 5.28
N ASN A 70 23.50 -22.95 6.56
CA ASN A 70 23.36 -23.94 7.62
C ASN A 70 21.93 -24.48 7.66
N GLU A 71 21.77 -25.72 8.09
CA GLU A 71 20.46 -26.36 8.17
C GLU A 71 19.45 -25.54 8.96
N ASN A 72 19.91 -24.92 10.04
CA ASN A 72 19.06 -24.04 10.84
C ASN A 72 18.74 -22.78 10.04
N GLN A 73 17.47 -22.63 9.67
CA GLN A 73 17.05 -21.55 8.77
C GLN A 73 17.00 -20.20 9.47
N GLY A 74 17.11 -20.21 10.80
CA GLY A 74 17.20 -18.99 11.57
C GLY A 74 18.37 -18.12 11.16
N ASN A 75 19.49 -18.77 10.86
CA ASN A 75 20.68 -18.09 10.34
C ASN A 75 20.34 -17.28 9.09
N ARG A 76 19.84 -17.99 8.09
CA ARG A 76 19.38 -17.43 6.84
C ARG A 76 18.45 -16.24 7.07
N GLY A 77 17.47 -16.44 7.94
CA GLY A 77 16.51 -15.39 8.26
C GLY A 77 17.14 -14.15 8.86
N ARG A 78 18.09 -14.34 9.76
CA ARG A 78 18.76 -13.23 10.43
C ARG A 78 19.63 -12.42 9.47
N ILE A 79 20.46 -13.12 8.70
CA ILE A 79 21.35 -12.44 7.75
C ILE A 79 20.53 -11.72 6.68
N ASN A 80 19.51 -12.41 6.18
CA ASN A 80 18.57 -11.81 5.24
C ASN A 80 17.97 -10.54 5.84
N GLN A 81 17.59 -10.62 7.11
CA GLN A 81 16.99 -9.47 7.78
C GLN A 81 17.95 -8.28 7.81
N ILE A 82 19.20 -8.52 8.20
CA ILE A 82 20.20 -7.46 8.25
C ILE A 82 20.42 -6.79 6.88
N ILE A 83 20.70 -7.61 5.87
CA ILE A 83 20.99 -7.10 4.53
C ILE A 83 19.79 -6.36 3.95
N LEU A 84 18.61 -6.96 4.10
CA LEU A 84 17.36 -6.37 3.64
C LEU A 84 17.15 -5.01 4.30
N ASP A 85 17.29 -4.97 5.62
CA ASP A 85 17.15 -3.72 6.36
C ASP A 85 18.08 -2.64 5.84
N GLU A 86 19.34 -2.98 5.55
CA GLU A 86 20.24 -1.98 4.97
C GLU A 86 19.71 -1.48 3.62
N PHE A 87 19.29 -2.41 2.78
CA PHE A 87 18.69 -2.08 1.48
C PHE A 87 17.55 -1.08 1.63
N SER A 88 16.60 -1.42 2.50
CA SER A 88 15.43 -0.59 2.77
C SER A 88 15.83 0.78 3.29
N ARG A 89 16.90 0.82 4.08
CA ARG A 89 17.38 2.10 4.60
C ARG A 89 18.14 2.89 3.54
N LYS A 90 18.35 2.26 2.37
CA LYS A 90 19.09 2.94 1.30
C LYS A 90 18.30 3.20 0.01
N VAL A 91 17.02 2.89 -0.03
CA VAL A 91 16.25 3.03 -1.27
C VAL A 91 15.21 4.14 -1.21
N ASP A 92 14.81 4.64 -2.38
CA ASP A 92 13.78 5.69 -2.46
C ASP A 92 13.00 5.64 -3.77
N LEU A 93 11.85 6.31 -3.77
CA LEU A 93 10.98 6.33 -4.94
C LEU A 93 11.51 7.41 -5.88
N THR A 94 11.48 7.14 -7.19
CA THR A 94 12.00 8.11 -8.15
C THR A 94 10.98 8.44 -9.23
N GLU A 95 11.24 9.51 -9.96
CA GLU A 95 10.40 9.93 -11.08
C GLU A 95 10.31 8.85 -12.15
N ASN A 96 11.38 8.04 -12.26
CA ASN A 96 11.37 6.89 -13.16
C ASN A 96 10.21 5.95 -12.86
N HIS A 97 10.03 5.62 -11.58
CA HIS A 97 8.95 4.75 -11.15
C HIS A 97 7.59 5.33 -11.51
N LYS A 98 7.45 6.64 -11.35
CA LYS A 98 6.18 7.32 -11.61
C LYS A 98 5.85 7.35 -13.11
N ILE A 99 6.83 7.71 -13.92
CA ILE A 99 6.67 7.71 -15.37
C ILE A 99 6.33 6.32 -15.87
N LEU A 100 7.06 5.32 -15.38
CA LEU A 100 6.80 3.93 -15.73
C LEU A 100 5.39 3.52 -15.32
N ALA A 101 4.96 4.01 -14.15
CA ALA A 101 3.64 3.68 -13.64
C ALA A 101 2.54 4.33 -14.47
N ARG A 102 2.83 5.48 -15.08
CA ARG A 102 1.84 6.13 -15.95
C ARG A 102 1.79 5.51 -17.36
N LEU A 103 2.82 4.77 -17.71
CA LEU A 103 2.88 4.12 -19.02
C LEU A 103 2.04 2.85 -19.07
N PRO A 104 1.50 2.51 -20.26
CA PRO A 104 0.68 1.31 -20.39
C PRO A 104 1.50 0.02 -20.40
N ILE A 105 2.40 -0.11 -19.43
CA ILE A 105 3.20 -1.32 -19.27
C ILE A 105 2.53 -2.24 -18.24
N HIS A 106 2.28 -3.48 -18.62
CA HIS A 106 1.55 -4.41 -17.76
C HIS A 106 2.43 -5.53 -17.20
N THR A 107 3.71 -5.53 -17.58
CA THR A 107 4.61 -6.57 -17.09
C THR A 107 5.93 -6.02 -16.54
N TYR A 108 6.14 -6.27 -15.26
CA TYR A 108 7.37 -5.91 -14.57
C TYR A 108 8.04 -7.15 -14.02
N TRP A 109 9.30 -7.35 -14.37
CA TRP A 109 10.15 -8.35 -13.73
C TRP A 109 11.18 -7.61 -12.90
N THR A 110 11.49 -8.14 -11.74
CA THR A 110 12.51 -7.53 -10.90
C THR A 110 13.15 -8.52 -9.95
N THR A 111 14.38 -8.22 -9.56
CA THR A 111 15.08 -9.01 -8.55
C THR A 111 15.17 -8.20 -7.26
N ASN A 112 14.48 -7.05 -7.24
CA ASN A 112 14.45 -6.20 -6.06
C ASN A 112 13.51 -6.73 -5.01
N TYR A 113 13.80 -6.43 -3.74
CA TYR A 113 12.98 -6.85 -2.63
C TYR A 113 11.98 -5.76 -2.27
N ASP A 114 12.37 -4.52 -2.52
CA ASP A 114 11.56 -3.35 -2.20
C ASP A 114 10.22 -3.34 -2.94
N ARG A 115 9.30 -2.51 -2.47
CA ARG A 115 7.97 -2.42 -3.05
C ARG A 115 7.76 -1.13 -3.82
N LEU A 116 8.83 -0.58 -4.39
CA LEU A 116 8.74 0.71 -5.09
C LEU A 116 7.84 0.67 -6.33
N ILE A 117 7.97 -0.40 -7.12
CA ILE A 117 7.18 -0.54 -8.34
C ILE A 117 5.69 -0.62 -8.05
N GLU A 118 5.30 -1.54 -7.18
CA GLU A 118 3.90 -1.71 -6.82
C GLU A 118 3.35 -0.45 -6.14
N LYS A 119 4.19 0.23 -5.38
CA LYS A 119 3.80 1.48 -4.73
C LYS A 119 3.47 2.54 -5.78
N ALA A 120 4.37 2.69 -6.75
CA ALA A 120 4.17 3.65 -7.83
C ALA A 120 2.89 3.31 -8.58
N LEU A 121 2.66 2.02 -8.80
CA LEU A 121 1.45 1.56 -9.46
C LEU A 121 0.17 1.94 -8.68
N GLU A 122 0.19 1.77 -7.36
CA GLU A 122 -1.01 2.07 -6.56
C GLU A 122 -1.23 3.57 -6.44
N GLU A 123 -0.15 4.33 -6.42
CA GLU A 123 -0.24 5.79 -6.38
C GLU A 123 -0.84 6.34 -7.67
N GLU A 124 -0.77 5.55 -8.73
CA GLU A 124 -1.39 5.92 -10.00
C GLU A 124 -2.77 5.28 -10.13
N ASN A 125 -3.29 4.78 -9.01
CA ASN A 125 -4.58 4.12 -8.95
C ASN A 125 -4.68 2.91 -9.89
N LYS A 126 -3.56 2.21 -10.04
CA LYS A 126 -3.54 0.96 -10.80
C LYS A 126 -3.43 -0.21 -9.84
N ILE A 127 -4.01 -1.35 -10.23
CA ILE A 127 -3.97 -2.53 -9.39
C ILE A 127 -2.81 -3.43 -9.80
N ALA A 128 -1.93 -3.71 -8.85
CA ALA A 128 -0.73 -4.50 -9.12
C ALA A 128 -0.87 -5.93 -8.61
N ASP A 129 -0.68 -6.90 -9.52
CA ASP A 129 -0.63 -8.29 -9.12
C ASP A 129 0.81 -8.66 -8.78
N VAL A 130 1.14 -8.63 -7.50
CA VAL A 130 2.52 -8.87 -7.07
C VAL A 130 2.75 -10.33 -6.72
N LYS A 131 3.70 -10.94 -7.42
CA LYS A 131 4.01 -12.36 -7.23
C LYS A 131 5.47 -12.54 -6.81
N TYR A 132 5.68 -13.10 -5.62
CA TYR A 132 7.04 -13.41 -5.16
C TYR A 132 7.14 -14.84 -4.63
N THR A 133 6.01 -15.53 -4.55
CA THR A 133 6.01 -16.94 -4.20
C THR A 133 5.63 -17.78 -5.41
N VAL A 134 5.94 -19.08 -5.36
CA VAL A 134 5.60 -19.97 -6.46
C VAL A 134 4.08 -20.11 -6.61
N LYS A 135 3.39 -20.21 -5.48
CA LYS A 135 1.93 -20.39 -5.47
C LYS A 135 1.19 -19.20 -6.10
N GLN A 136 1.71 -17.99 -5.90
CA GLN A 136 1.07 -16.79 -6.43
C GLN A 136 1.02 -16.75 -7.96
N LEU A 137 1.80 -17.59 -8.62
CA LEU A 137 1.77 -17.68 -10.07
C LEU A 137 0.48 -18.34 -10.54
N ALA A 138 -0.14 -19.10 -9.64
CA ALA A 138 -1.37 -19.82 -9.95
C ALA A 138 -2.62 -18.93 -9.86
N THR A 139 -2.47 -17.76 -9.27
CA THR A 139 -3.61 -16.87 -9.08
C THR A 139 -3.60 -15.71 -10.06
N THR A 140 -4.79 -15.15 -10.31
CA THR A 140 -4.93 -13.99 -11.19
C THR A 140 -5.77 -12.92 -10.50
N LYS A 141 -5.13 -11.83 -10.09
CA LYS A 141 -5.83 -10.77 -9.38
C LYS A 141 -6.85 -10.07 -10.26
N VAL A 142 -8.06 -9.92 -9.76
CA VAL A 142 -9.13 -9.28 -10.50
C VAL A 142 -8.83 -7.82 -10.80
N LYS A 143 -9.15 -7.40 -12.03
CA LYS A 143 -9.03 -6.01 -12.46
C LYS A 143 -7.60 -5.48 -12.38
N ARG A 144 -6.62 -6.38 -12.45
CA ARG A 144 -5.23 -5.99 -12.39
C ARG A 144 -4.86 -5.18 -13.64
N ASP A 145 -3.96 -4.21 -13.46
CA ASP A 145 -3.47 -3.43 -14.58
C ASP A 145 -2.06 -3.86 -14.96
N ALA A 146 -1.34 -4.40 -13.98
CA ALA A 146 0.03 -4.86 -14.22
C ALA A 146 0.39 -6.05 -13.33
N VAL A 147 1.24 -6.92 -13.85
CA VAL A 147 1.81 -8.01 -13.06
C VAL A 147 3.25 -7.67 -12.67
N VAL A 148 3.58 -7.89 -11.40
CA VAL A 148 4.95 -7.66 -10.93
C VAL A 148 5.58 -8.92 -10.37
N TYR A 149 6.43 -9.55 -11.18
CA TYR A 149 7.20 -10.72 -10.77
C TYR A 149 8.43 -10.33 -9.97
N LYS A 150 8.43 -10.65 -8.69
CA LYS A 150 9.60 -10.42 -7.86
C LYS A 150 10.28 -11.77 -7.57
N MSE A 151 11.17 -12.16 -8.46
CA MSE A 151 11.83 -13.46 -8.43
C MSE A 151 12.49 -13.77 -7.10
O MSE A 151 12.32 -14.85 -6.53
CB MSE A 151 12.89 -13.56 -9.53
CG MSE A 151 12.40 -13.26 -10.93
SE MSE A 151 13.86 -13.34 -12.21
CE MSE A 151 14.11 -15.27 -12.23
N HIS A 152 13.26 -12.81 -6.60
CA HIS A 152 14.13 -13.03 -5.46
C HIS A 152 13.42 -12.78 -4.14
N GLY A 153 12.10 -12.64 -4.19
CA GLY A 153 11.30 -12.52 -2.99
C GLY A 153 10.87 -11.11 -2.66
N ASP A 154 10.31 -10.94 -1.46
CA ASP A 154 9.79 -9.65 -1.04
C ASP A 154 10.33 -9.23 0.34
N VAL A 155 10.48 -7.94 0.53
CA VAL A 155 11.05 -7.36 1.75
C VAL A 155 10.25 -7.71 3.00
N GLU A 156 8.95 -7.89 2.86
CA GLU A 156 8.10 -8.26 4.00
C GLU A 156 8.13 -9.76 4.31
N HIS A 157 9.03 -10.47 3.65
CA HIS A 157 9.21 -11.90 3.85
C HIS A 157 10.69 -12.25 3.77
N PRO A 158 11.49 -11.74 4.73
CA PRO A 158 12.95 -11.79 4.66
C PRO A 158 13.53 -13.20 4.58
N SER A 159 12.94 -14.15 5.29
CA SER A 159 13.49 -15.50 5.35
C SER A 159 13.36 -16.24 4.03
N GLU A 160 12.39 -15.85 3.22
CA GLU A 160 12.16 -16.49 1.92
C GLU A 160 12.94 -15.80 0.80
N ALA A 161 13.59 -14.69 1.12
CA ALA A 161 14.28 -13.89 0.12
C ALA A 161 15.46 -14.64 -0.50
N VAL A 162 15.66 -14.42 -1.80
CA VAL A 162 16.79 -15.00 -2.51
C VAL A 162 17.91 -13.97 -2.67
N LEU A 163 19.04 -14.21 -2.00
CA LEU A 163 20.16 -13.29 -2.05
C LEU A 163 21.27 -13.78 -2.98
N ILE A 164 21.52 -15.08 -2.96
CA ILE A 164 22.60 -15.65 -3.78
C ILE A 164 22.07 -16.65 -4.79
N LYS A 165 22.83 -16.85 -5.86
CA LYS A 165 22.46 -17.79 -6.92
C LYS A 165 22.26 -19.22 -6.40
N ASP A 166 22.92 -19.53 -5.29
CA ASP A 166 22.86 -20.85 -4.67
C ASP A 166 21.44 -21.40 -4.52
N ASP A 167 20.48 -20.52 -4.25
CA ASP A 167 19.09 -20.94 -4.08
C ASP A 167 18.56 -21.62 -5.33
N TYR A 168 18.86 -21.04 -6.49
CA TYR A 168 18.50 -21.64 -7.78
C TYR A 168 18.98 -23.08 -7.86
N GLU A 169 20.14 -23.35 -7.25
CA GLU A 169 20.72 -24.67 -7.26
C GLU A 169 20.08 -25.59 -6.22
N LYS A 170 19.68 -25.02 -5.08
CA LYS A 170 19.14 -25.82 -3.99
C LYS A 170 17.63 -26.01 -4.12
N TYR A 171 16.94 -24.93 -4.44
CA TYR A 171 15.49 -24.94 -4.51
C TYR A 171 15.01 -24.53 -5.89
N SER A 172 15.12 -25.45 -6.83
CA SER A 172 14.68 -25.19 -8.21
C SER A 172 13.17 -25.26 -8.31
N ILE A 173 12.54 -25.99 -7.39
CA ILE A 173 11.10 -26.17 -7.38
C ILE A 173 10.36 -24.85 -7.17
N LYS A 174 11.02 -23.89 -6.50
CA LYS A 174 10.42 -22.58 -6.28
C LYS A 174 10.94 -21.52 -7.25
N MSE A 175 12.04 -21.81 -7.92
CA MSE A 175 12.66 -20.83 -8.81
C MSE A 175 12.39 -21.10 -10.29
O MSE A 175 12.27 -20.15 -11.08
CB MSE A 175 14.18 -20.78 -8.59
CG MSE A 175 14.59 -20.36 -7.19
SE MSE A 175 13.72 -18.71 -6.61
CE MSE A 175 14.34 -17.52 -8.03
N ASP A 176 12.27 -22.37 -10.66
CA ASP A 176 12.03 -22.75 -12.06
C ASP A 176 10.75 -22.18 -12.68
N PRO A 177 9.61 -22.18 -11.95
CA PRO A 177 8.42 -21.58 -12.58
C PRO A 177 8.62 -20.12 -12.99
N TYR A 178 9.33 -19.36 -12.17
CA TYR A 178 9.63 -17.97 -12.49
C TYR A 178 10.56 -17.86 -13.70
N ILE A 179 11.53 -18.77 -13.77
CA ILE A 179 12.46 -18.82 -14.90
C ILE A 179 11.73 -19.16 -16.19
N LYS A 180 10.82 -20.13 -16.11
CA LYS A 180 9.99 -20.51 -17.24
C LYS A 180 9.18 -19.32 -17.75
N ALA A 181 8.48 -18.67 -16.82
CA ALA A 181 7.65 -17.50 -17.12
C ALA A 181 8.48 -16.40 -17.78
N LEU A 182 9.66 -16.15 -17.22
CA LEU A 182 10.57 -15.13 -17.74
C LEU A 182 11.06 -15.45 -19.15
N SER A 183 11.40 -16.71 -19.39
CA SER A 183 11.85 -17.16 -20.69
C SER A 183 10.76 -16.89 -21.73
N GLY A 184 9.55 -17.34 -21.42
CA GLY A 184 8.41 -17.12 -22.28
C GLY A 184 8.20 -15.65 -22.58
N ASP A 185 8.24 -14.83 -21.53
CA ASP A 185 8.06 -13.38 -21.68
C ASP A 185 9.13 -12.74 -22.56
N LEU A 186 10.37 -13.21 -22.42
CA LEU A 186 11.47 -12.70 -23.22
C LEU A 186 11.33 -13.15 -24.67
N VAL A 187 10.60 -14.24 -24.88
CA VAL A 187 10.26 -14.65 -26.24
C VAL A 187 9.15 -13.75 -26.81
N SER A 188 8.18 -13.39 -25.97
CA SER A 188 6.97 -12.74 -26.47
C SER A 188 6.92 -11.21 -26.30
N LYS A 189 7.53 -10.70 -25.24
CA LYS A 189 7.46 -9.27 -24.94
C LYS A 189 8.80 -8.56 -25.12
N THR A 190 8.77 -7.32 -25.59
CA THR A 190 9.99 -6.52 -25.73
C THR A 190 10.35 -5.90 -24.38
N PHE A 191 11.52 -6.27 -23.87
CA PHE A 191 11.98 -5.85 -22.55
C PHE A 191 12.90 -4.63 -22.57
N LEU A 192 12.78 -3.82 -21.53
CA LEU A 192 13.80 -2.82 -21.23
C LEU A 192 14.50 -3.18 -19.93
N PHE A 193 15.78 -3.55 -20.01
CA PHE A 193 16.57 -3.81 -18.82
C PHE A 193 17.14 -2.49 -18.29
N VAL A 194 16.90 -2.22 -17.02
CA VAL A 194 17.39 -0.99 -16.42
C VAL A 194 17.68 -1.20 -14.93
N GLY A 195 18.75 -0.57 -14.44
CA GLY A 195 19.16 -0.72 -13.06
C GLY A 195 20.18 -1.83 -12.89
N PHE A 196 20.72 -2.31 -14.01
CA PHE A 196 21.76 -3.33 -13.99
C PHE A 196 23.10 -2.77 -14.47
N SER A 197 24.14 -3.02 -13.68
CA SER A 197 25.50 -2.68 -14.08
C SER A 197 26.29 -3.97 -14.24
N PHE A 198 27.55 -3.87 -14.67
CA PHE A 198 28.33 -5.08 -14.94
C PHE A 198 28.74 -5.78 -13.65
N THR A 199 28.54 -5.11 -12.51
CA THR A 199 28.86 -5.69 -11.21
C THR A 199 27.66 -6.39 -10.57
N ASP A 200 26.54 -6.45 -11.29
CA ASP A 200 25.33 -7.09 -10.77
C ASP A 200 25.60 -8.58 -10.57
N PRO A 201 25.27 -9.10 -9.37
CA PRO A 201 25.64 -10.46 -8.98
C PRO A 201 24.78 -11.57 -9.59
N ASN A 202 23.63 -11.25 -10.16
CA ASN A 202 22.71 -12.29 -10.63
C ASN A 202 22.26 -12.24 -12.08
N LEU A 203 22.38 -11.09 -12.74
CA LEU A 203 21.83 -10.93 -14.08
C LEU A 203 22.37 -11.91 -15.12
N ASP A 204 23.69 -12.09 -15.15
CA ASP A 204 24.29 -12.97 -16.16
C ASP A 204 23.85 -14.41 -15.96
N TYR A 205 23.71 -14.84 -14.70
CA TYR A 205 23.22 -16.18 -14.41
C TYR A 205 21.80 -16.36 -14.91
N ILE A 206 20.92 -15.44 -14.51
CA ILE A 206 19.51 -15.49 -14.90
C ILE A 206 19.37 -15.51 -16.43
N LEU A 207 20.08 -14.62 -17.09
CA LEU A 207 20.06 -14.55 -18.56
C LEU A 207 20.57 -15.86 -19.16
N SER A 208 21.59 -16.43 -18.52
CA SER A 208 22.13 -17.71 -18.95
C SER A 208 21.10 -18.82 -18.75
N ARG A 209 20.13 -18.56 -17.88
CA ARG A 209 19.09 -19.54 -17.60
C ARG A 209 17.86 -19.34 -18.48
N VAL A 210 17.71 -18.14 -19.06
CA VAL A 210 16.52 -17.83 -19.83
C VAL A 210 16.78 -17.46 -21.29
N ARG A 211 18.04 -17.40 -21.70
CA ARG A 211 18.32 -17.01 -23.09
C ARG A 211 19.37 -17.92 -23.72
N SER A 212 19.26 -18.08 -25.04
CA SER A 212 20.23 -18.87 -25.80
C SER A 212 21.23 -17.94 -26.48
N ALA A 213 22.50 -18.37 -26.52
CA ALA A 213 23.56 -17.55 -27.11
C ALA A 213 23.70 -17.78 -28.60
N TYR A 214 23.86 -16.68 -29.34
CA TYR A 214 24.00 -16.69 -30.80
C TYR A 214 22.76 -17.23 -31.53
N GLU A 215 21.76 -17.65 -30.76
CA GLU A 215 20.47 -18.08 -31.29
C GLU A 215 19.87 -17.02 -32.20
N ARG A 216 19.56 -17.39 -33.44
CA ARG A 216 19.17 -16.39 -34.42
C ARG A 216 17.66 -16.09 -34.38
N ASP A 217 17.31 -14.93 -34.93
CA ASP A 217 15.94 -14.43 -34.99
C ASP A 217 15.27 -14.23 -33.63
N GLN A 218 16.07 -14.06 -32.57
CA GLN A 218 15.49 -13.82 -31.26
C GLN A 218 14.87 -12.42 -31.21
N ARG A 219 13.92 -12.23 -30.30
CA ARG A 219 13.35 -10.91 -30.07
C ARG A 219 14.41 -9.97 -29.54
N ARG A 220 14.44 -8.74 -30.05
CA ARG A 220 15.41 -7.77 -29.57
C ARG A 220 14.89 -7.03 -28.35
N HIS A 221 15.73 -6.97 -27.31
CA HIS A 221 15.43 -6.24 -26.09
C HIS A 221 16.44 -5.12 -25.90
N TYR A 222 16.22 -4.28 -24.89
CA TYR A 222 17.09 -3.13 -24.70
C TYR A 222 17.54 -2.99 -23.24
N CYS A 223 18.75 -2.48 -23.06
CA CYS A 223 19.29 -2.24 -21.73
C CYS A 223 19.97 -0.89 -21.64
N LEU A 224 19.59 -0.08 -20.64
CA LEU A 224 20.19 1.24 -20.48
C LEU A 224 21.25 1.25 -19.38
N ILE A 225 22.46 1.67 -19.72
CA ILE A 225 23.50 1.80 -18.69
C ILE A 225 24.17 3.16 -18.79
N LYS A 226 25.03 3.47 -17.82
CA LYS A 226 25.79 4.72 -17.85
C LYS A 226 27.24 4.44 -18.24
N LYS A 227 27.79 5.29 -19.10
CA LYS A 227 29.17 5.16 -19.53
C LYS A 227 30.11 5.26 -18.34
N GLU A 228 31.10 4.38 -18.30
CA GLU A 228 32.11 4.44 -17.25
C GLU A 228 33.01 5.64 -17.52
N GLU A 229 33.23 6.45 -16.48
CA GLU A 229 34.05 7.65 -16.62
C GLU A 229 35.24 7.60 -15.68
N ARG A 230 36.29 8.34 -16.03
CA ARG A 230 37.52 8.33 -15.25
C ARG A 230 37.35 8.97 -13.88
N ARG A 231 37.92 8.34 -12.86
CA ARG A 231 37.92 8.90 -11.52
C ARG A 231 39.17 9.76 -11.36
N PRO A 232 39.09 10.83 -10.55
CA PRO A 232 40.23 11.73 -10.36
C PRO A 232 41.46 11.02 -9.81
N ASP A 233 41.36 10.46 -8.61
CA ASP A 233 42.49 9.75 -8.01
C ASP A 233 42.46 8.28 -8.35
N GLU A 234 42.82 7.96 -9.59
CA GLU A 234 42.99 6.56 -9.98
C GLU A 234 43.88 6.37 -11.20
N LEU A 235 44.53 5.23 -11.26
CA LEU A 235 45.45 4.94 -12.37
C LEU A 235 44.60 4.71 -13.62
N GLU A 236 45.22 4.78 -14.78
CA GLU A 236 44.46 4.76 -16.02
C GLU A 236 44.12 3.31 -16.36
N ALA A 237 44.87 2.39 -15.75
CA ALA A 237 44.68 0.97 -15.93
C ALA A 237 43.40 0.53 -15.23
N ASP A 238 43.06 1.20 -14.13
CA ASP A 238 41.83 0.92 -13.41
C ASP A 238 40.62 1.36 -14.25
N PHE A 239 40.73 2.53 -14.85
CA PHE A 239 39.67 3.03 -15.72
C PHE A 239 39.48 2.13 -16.91
N GLU A 240 40.58 1.74 -17.55
CA GLU A 240 40.47 0.85 -18.71
C GLU A 240 40.00 -0.53 -18.28
N TYR A 241 40.23 -0.88 -17.02
CA TYR A 241 39.67 -2.10 -16.45
C TYR A 241 38.16 -2.04 -16.40
N ARG A 242 37.61 -0.98 -15.82
CA ARG A 242 36.16 -0.84 -15.75
C ARG A 242 35.55 -0.75 -17.15
N VAL A 243 36.23 -0.05 -18.05
CA VAL A 243 35.78 0.07 -19.43
C VAL A 243 35.73 -1.31 -20.09
N ARG A 244 36.76 -2.11 -19.87
CA ARG A 244 36.82 -3.46 -20.42
C ARG A 244 35.70 -4.34 -19.84
N LYS A 245 35.45 -4.22 -18.54
CA LYS A 245 34.39 -4.98 -17.89
C LYS A 245 33.01 -4.62 -18.44
N GLN A 246 32.80 -3.31 -18.64
CA GLN A 246 31.55 -2.83 -19.21
C GLN A 246 31.39 -3.31 -20.65
N GLU A 247 32.51 -3.35 -21.37
CA GLU A 247 32.52 -3.82 -22.76
C GLU A 247 32.16 -5.30 -22.84
N LEU A 248 32.71 -6.10 -21.93
CA LEU A 248 32.39 -7.52 -21.85
C LEU A 248 30.93 -7.74 -21.47
N PHE A 249 30.44 -6.89 -20.57
CA PHE A 249 29.05 -6.94 -20.16
C PHE A 249 28.12 -6.67 -21.35
N ILE A 250 28.45 -5.62 -22.10
CA ILE A 250 27.70 -5.26 -23.31
C ILE A 250 27.75 -6.39 -24.34
N SER A 251 28.91 -7.00 -24.51
CA SER A 251 29.07 -8.10 -25.46
C SER A 251 28.20 -9.29 -25.07
N ASP A 252 28.25 -9.66 -23.79
CA ASP A 252 27.44 -10.75 -23.27
C ASP A 252 25.96 -10.47 -23.47
N LEU A 253 25.56 -9.22 -23.22
CA LEU A 253 24.18 -8.83 -23.43
C LEU A 253 23.81 -8.94 -24.91
N SER A 254 24.77 -8.63 -25.77
CA SER A 254 24.59 -8.68 -27.20
C SER A 254 24.39 -10.11 -27.68
N ARG A 255 25.03 -11.05 -26.99
CA ARG A 255 24.91 -12.46 -27.34
C ARG A 255 23.48 -12.97 -27.18
N PHE A 256 22.69 -12.29 -26.35
CA PHE A 256 21.30 -12.67 -26.12
C PHE A 256 20.35 -11.75 -26.86
N ASN A 257 20.88 -11.06 -27.87
CA ASN A 257 20.13 -10.08 -28.66
C ASN A 257 19.51 -8.98 -27.78
N ILE A 258 20.24 -8.59 -26.74
CA ILE A 258 19.85 -7.45 -25.93
C ILE A 258 20.77 -6.27 -26.24
N LYS A 259 20.25 -5.29 -26.96
CA LYS A 259 21.05 -4.14 -27.37
C LYS A 259 21.26 -3.21 -26.19
N THR A 260 22.51 -2.83 -25.95
CA THR A 260 22.86 -1.95 -24.85
C THR A 260 23.04 -0.52 -25.33
N ILE A 261 22.32 0.39 -24.68
CA ILE A 261 22.45 1.81 -24.93
C ILE A 261 23.21 2.47 -23.78
N VAL A 262 24.28 3.16 -24.14
CA VAL A 262 25.19 3.75 -23.18
C VAL A 262 24.99 5.25 -23.06
N LEU A 263 24.53 5.68 -21.89
CA LEU A 263 24.21 7.07 -21.63
C LEU A 263 25.36 7.77 -20.93
N ASN A 264 25.34 9.10 -20.93
CA ASN A 264 26.37 9.90 -20.29
C ASN A 264 26.16 9.96 -18.78
N ASN A 265 24.90 9.85 -18.37
CA ASN A 265 24.54 9.87 -16.97
C ASN A 265 23.17 9.22 -16.77
N TYR A 266 22.89 8.80 -15.53
CA TYR A 266 21.67 8.07 -15.23
C TYR A 266 20.41 8.94 -15.41
N ASN A 267 20.57 10.26 -15.26
CA ASN A 267 19.44 11.16 -15.41
C ASN A 267 18.82 11.08 -16.80
N GLU A 268 19.65 10.75 -17.79
CA GLU A 268 19.18 10.61 -19.16
C GLU A 268 18.08 9.55 -19.25
N ILE A 269 18.20 8.51 -18.42
CA ILE A 269 17.13 7.51 -18.32
C ILE A 269 15.80 8.20 -18.14
N THR A 270 15.72 9.03 -17.08
CA THR A 270 14.50 9.77 -16.79
C THR A 270 14.05 10.52 -18.02
N GLU A 271 14.99 11.22 -18.65
CA GLU A 271 14.68 12.05 -19.80
C GLU A 271 14.03 11.18 -20.86
N ILE A 272 14.68 10.05 -21.12
CA ILE A 272 14.19 9.10 -22.12
C ILE A 272 12.76 8.71 -21.78
N LEU A 273 12.56 8.32 -20.52
CA LEU A 273 11.25 7.87 -20.09
C LEU A 273 10.25 8.99 -20.32
N GLN A 274 10.63 10.20 -19.93
CA GLN A 274 9.75 11.35 -20.08
C GLN A 274 9.32 11.44 -21.54
N ARG A 275 10.31 11.39 -22.43
CA ARG A 275 10.04 11.51 -23.85
C ARG A 275 9.06 10.46 -24.28
N ILE A 276 9.29 9.22 -23.84
CA ILE A 276 8.42 8.13 -24.24
C ILE A 276 6.99 8.45 -23.80
N GLU A 277 6.85 8.90 -22.56
CA GLU A 277 5.52 9.22 -22.04
C GLU A 277 4.87 10.27 -22.92
N ASN A 278 5.66 11.27 -23.30
CA ASN A 278 5.17 12.33 -24.16
C ASN A 278 4.56 11.70 -25.41
N ASN A 279 5.35 10.86 -26.08
CA ASN A 279 4.94 10.22 -27.32
C ASN A 279 3.61 9.52 -27.16
N ILE A 280 3.35 9.02 -25.96
CA ILE A 280 2.10 8.34 -25.68
C ILE A 280 0.99 9.36 -25.43
N LYS A 281 1.23 10.28 -24.50
CA LYS A 281 0.15 11.13 -23.98
C LYS A 281 -0.33 12.12 -25.04
N THR A 282 0.53 12.45 -25.99
CA THR A 282 0.16 13.39 -27.03
C THR A 282 -0.65 12.73 -28.14
N LYS A 283 -0.94 11.44 -27.99
CA LYS A 283 -1.74 10.76 -29.01
C LYS A 283 -3.20 10.59 -28.58
N THR A 284 -3.51 11.00 -27.36
CA THR A 284 -4.90 11.10 -26.92
C THR A 284 -5.25 12.57 -26.73
N VAL A 285 -6.19 13.05 -27.53
CA VAL A 285 -6.52 14.48 -27.57
C VAL A 285 -7.85 14.78 -26.88
N PHE A 286 -7.87 15.87 -26.10
CA PHE A 286 -9.11 16.36 -25.51
C PHE A 286 -9.67 17.51 -26.34
N LEU A 287 -10.90 17.34 -26.82
CA LEU A 287 -11.55 18.40 -27.59
C LEU A 287 -12.48 19.22 -26.72
N SER A 288 -12.03 20.43 -26.39
CA SER A 288 -12.79 21.33 -25.55
C SER A 288 -13.55 22.34 -26.39
N GLY A 289 -14.82 22.55 -26.08
CA GLY A 289 -15.59 23.57 -26.77
C GLY A 289 -17.10 23.37 -26.83
N SER A 290 -17.82 24.49 -26.79
CA SER A 290 -19.26 24.51 -26.98
C SER A 290 -19.62 25.76 -27.79
N ALA A 291 -20.70 25.72 -28.57
CA ALA A 291 -21.05 26.87 -29.40
C ALA A 291 -22.52 26.93 -29.78
N VAL A 292 -23.10 28.13 -29.69
CA VAL A 292 -24.40 28.42 -30.28
C VAL A 292 -24.18 29.35 -31.46
N GLU A 293 -23.16 30.19 -31.29
CA GLU A 293 -22.68 31.13 -32.30
C GLU A 293 -21.27 30.75 -32.74
N TYR A 294 -20.94 31.15 -33.96
CA TYR A 294 -19.66 30.83 -34.57
C TYR A 294 -18.96 32.11 -34.97
N HIS A 296 -17.14 33.43 -37.65
CA HIS A 296 -17.96 34.09 -38.66
C HIS A 296 -18.19 33.19 -39.87
N TRP A 297 -18.53 31.93 -39.63
CA TRP A 297 -18.76 30.99 -40.72
C TRP A 297 -20.21 30.53 -40.69
N GLU A 298 -20.68 29.93 -41.78
CA GLU A 298 -22.03 29.40 -41.78
C GLU A 298 -22.03 28.19 -40.86
N THR A 299 -23.04 28.07 -40.01
CA THR A 299 -23.12 27.01 -39.02
C THR A 299 -22.86 25.62 -39.59
N GLU A 300 -23.46 25.30 -40.74
CA GLU A 300 -23.28 24.00 -41.36
C GLU A 300 -21.81 23.78 -41.76
N HIS A 301 -21.20 24.84 -42.27
CA HIS A 301 -19.80 24.80 -42.69
C HIS A 301 -18.91 24.55 -41.47
N ALA A 302 -19.20 25.25 -40.38
CA ALA A 302 -18.47 25.09 -39.12
C ALA A 302 -18.64 23.68 -38.56
N GLU A 303 -19.85 23.14 -38.71
CA GLU A 303 -20.16 21.78 -38.28
C GLU A 303 -19.29 20.83 -39.06
N GLN A 304 -19.04 21.17 -40.33
CA GLN A 304 -18.16 20.36 -41.17
C GLN A 304 -16.69 20.53 -40.79
N PHE A 305 -16.35 21.71 -40.27
CA PHE A 305 -14.99 21.95 -39.82
C PHE A 305 -14.70 21.06 -38.63
N ILE A 306 -15.59 21.10 -37.64
CA ILE A 306 -15.48 20.26 -36.47
C ILE A 306 -15.46 18.78 -36.89
N HIS A 307 -16.38 18.44 -37.79
CA HIS A 307 -16.53 17.09 -38.34
C HIS A 307 -15.21 16.53 -38.90
N GLN A 308 -14.63 17.24 -39.86
CA GLN A 308 -13.44 16.71 -40.52
C GLN A 308 -12.20 16.92 -39.68
N LEU A 309 -12.26 17.86 -38.74
CA LEU A 309 -11.19 17.97 -37.75
C LEU A 309 -11.13 16.68 -36.97
N SER A 310 -12.27 16.23 -36.47
CA SER A 310 -12.37 14.97 -35.76
C SER A 310 -11.93 13.81 -36.65
N LYS A 311 -12.39 13.81 -37.90
CA LYS A 311 -12.12 12.70 -38.80
C LYS A 311 -10.65 12.54 -39.16
N GLU A 312 -9.95 13.67 -39.26
CA GLU A 312 -8.58 13.65 -39.72
C GLU A 312 -7.70 13.74 -38.48
N LEU A 313 -8.35 13.80 -37.33
CA LEU A 313 -7.71 13.43 -36.07
C LEU A 313 -7.64 11.92 -35.99
N ILE A 314 -8.77 11.28 -36.31
CA ILE A 314 -8.85 9.82 -36.26
C ILE A 314 -8.04 9.16 -37.37
N ARG A 315 -8.01 9.79 -38.54
CA ARG A 315 -7.27 9.26 -39.68
C ARG A 315 -5.78 9.15 -39.39
N LYS A 316 -5.28 10.07 -38.57
CA LYS A 316 -3.86 10.07 -38.21
C LYS A 316 -3.61 9.41 -36.85
N ASP A 317 -4.39 8.35 -36.57
CA ASP A 317 -4.16 7.49 -35.40
C ASP A 317 -4.23 8.21 -34.06
N PHE A 318 -4.97 9.31 -33.99
CA PHE A 318 -5.16 10.00 -32.71
C PHE A 318 -6.40 9.47 -31.99
N ASN A 319 -6.45 9.71 -30.69
CA ASN A 319 -7.60 9.34 -29.90
C ASN A 319 -8.29 10.59 -29.37
N ILE A 320 -9.62 10.56 -29.31
CA ILE A 320 -10.37 11.74 -28.89
C ILE A 320 -11.15 11.48 -27.62
N VAL A 321 -11.01 12.39 -26.65
CA VAL A 321 -11.85 12.40 -25.46
C VAL A 321 -12.68 13.67 -25.47
N SER A 322 -13.99 13.54 -25.38
CA SER A 322 -14.87 14.69 -25.53
C SER A 322 -15.88 14.80 -24.39
N GLY A 323 -16.12 16.03 -23.96
CA GLY A 323 -17.10 16.33 -22.93
C GLY A 323 -18.48 16.55 -23.53
N PHE A 324 -18.58 16.36 -24.84
CA PHE A 324 -19.84 16.47 -25.57
C PHE A 324 -20.48 17.84 -25.40
N GLY A 325 -19.75 18.88 -25.79
CA GLY A 325 -20.26 20.24 -25.75
C GLY A 325 -21.42 20.34 -26.73
N LEU A 326 -22.42 21.14 -26.38
CA LEU A 326 -23.65 21.24 -27.16
C LEU A 326 -23.45 21.59 -28.63
N GLY A 327 -22.69 22.64 -28.89
CA GLY A 327 -22.42 23.07 -30.25
C GLY A 327 -21.31 22.35 -30.98
N VAL A 328 -20.63 21.45 -30.28
CA VAL A 328 -19.46 20.78 -30.85
C VAL A 328 -19.54 19.25 -30.86
N GLY A 329 -19.95 18.66 -29.74
CA GLY A 329 -19.92 17.22 -29.55
C GLY A 329 -20.50 16.33 -30.64
N SER A 330 -21.70 16.67 -31.10
CA SER A 330 -22.42 15.83 -32.07
C SER A 330 -21.66 15.68 -33.38
N PHE A 331 -20.94 16.74 -33.75
CA PHE A 331 -20.23 16.79 -35.02
C PHE A 331 -18.85 16.15 -34.89
N VAL A 332 -18.28 16.20 -33.69
CA VAL A 332 -17.10 15.41 -33.37
C VAL A 332 -17.44 13.94 -33.54
N ILE A 333 -18.57 13.54 -32.96
CA ILE A 333 -19.05 12.17 -33.08
C ILE A 333 -19.25 11.79 -34.54
N ASN A 334 -19.93 12.64 -35.30
CA ASN A 334 -20.16 12.38 -36.72
C ASN A 334 -18.85 12.17 -37.47
N GLY A 335 -17.90 13.09 -37.25
CA GLY A 335 -16.60 13.01 -37.88
C GLY A 335 -15.85 11.73 -37.56
N VAL A 336 -15.97 11.28 -36.32
CA VAL A 336 -15.33 10.04 -35.90
C VAL A 336 -15.99 8.84 -36.59
N LEU A 337 -17.32 8.83 -36.58
CA LEU A 337 -18.08 7.71 -37.12
C LEU A 337 -17.90 7.56 -38.63
N GLU A 338 -17.68 8.68 -39.31
CA GLU A 338 -17.42 8.62 -40.75
C GLU A 338 -16.25 7.70 -41.07
N GLU A 339 -15.19 7.80 -40.27
CA GLU A 339 -14.00 6.97 -40.45
C GLU A 339 -14.10 5.59 -39.80
N LEU A 340 -14.79 5.49 -38.67
CA LEU A 340 -14.84 4.20 -37.96
C LEU A 340 -15.83 3.19 -38.51
N TYR A 341 -16.94 3.66 -39.06
CA TYR A 341 -17.97 2.75 -39.55
C TYR A 341 -17.77 2.33 -41.00
N MSE A 342 -16.59 2.62 -41.54
CA MSE A 342 -16.27 2.23 -42.91
C MSE A 342 -15.85 0.77 -42.99
O MSE A 342 -16.33 -0.07 -42.22
CB MSE A 342 -15.16 3.12 -43.48
N THR A 346 -18.71 -1.40 -33.41
CA THR A 346 -17.56 -1.21 -34.28
C THR A 346 -16.69 -0.05 -33.81
N ILE A 347 -17.12 0.59 -32.73
CA ILE A 347 -16.34 1.69 -32.15
C ILE A 347 -15.32 1.11 -31.18
N ASP A 348 -14.05 1.24 -31.54
CA ASP A 348 -12.96 0.86 -30.65
C ASP A 348 -12.99 1.84 -29.49
N ASP A 349 -12.76 1.32 -28.28
CA ASP A 349 -12.94 2.12 -27.07
C ASP A 349 -11.78 3.06 -26.85
N ASP A 350 -10.66 2.79 -27.52
CA ASP A 350 -9.49 3.62 -27.37
C ASP A 350 -9.48 4.79 -28.33
N ARG A 351 -10.49 4.89 -29.20
CA ARG A 351 -10.48 5.95 -30.20
C ARG A 351 -11.35 7.16 -29.82
N LEU A 352 -12.51 6.88 -29.22
CA LEU A 352 -13.42 7.94 -28.82
C LEU A 352 -14.03 7.65 -27.45
N ILE A 353 -13.77 8.54 -26.50
CA ILE A 353 -14.36 8.42 -25.17
C ILE A 353 -15.22 9.65 -24.89
N LEU A 354 -16.51 9.41 -24.71
CA LEU A 354 -17.46 10.50 -24.49
C LEU A 354 -17.81 10.65 -23.02
N ARG A 355 -17.72 11.88 -22.53
CA ARG A 355 -18.07 12.19 -21.15
C ARG A 355 -19.03 13.37 -21.08
N PRO A 356 -20.29 13.16 -21.53
CA PRO A 356 -21.29 14.23 -21.41
C PRO A 356 -21.53 14.59 -19.95
N PHE A 357 -21.77 15.88 -19.69
CA PHE A 357 -21.93 16.33 -18.31
C PHE A 357 -23.32 16.06 -17.78
N PRO A 358 -23.40 15.55 -16.55
CA PRO A 358 -24.70 15.35 -15.90
C PRO A 358 -25.31 16.68 -15.47
N GLN A 359 -26.57 16.89 -15.85
CA GLN A 359 -27.25 18.14 -15.56
C GLN A 359 -28.01 18.05 -14.25
N GLY A 360 -28.12 19.17 -13.55
CA GLY A 360 -28.78 19.21 -12.25
C GLY A 360 -27.79 19.60 -11.18
N LYS A 361 -28.29 19.80 -9.96
CA LYS A 361 -27.46 20.23 -8.84
C LYS A 361 -26.39 19.20 -8.50
N LYS A 362 -26.81 17.94 -8.39
CA LYS A 362 -25.90 16.86 -8.02
C LYS A 362 -24.77 16.66 -9.03
N GLY A 363 -25.05 16.89 -10.30
CA GLY A 363 -24.04 16.79 -11.34
C GLY A 363 -23.02 17.91 -11.24
N GLU A 364 -23.54 19.13 -11.14
CA GLU A 364 -22.69 20.31 -11.05
C GLU A 364 -21.87 20.29 -9.77
N GLU A 365 -22.32 19.53 -8.77
CA GLU A 365 -21.53 19.42 -7.55
C GLU A 365 -20.21 18.73 -7.83
N GLN A 366 -20.18 17.85 -8.83
CA GLN A 366 -18.97 17.09 -9.11
C GLN A 366 -18.48 17.28 -10.55
N TRP A 367 -18.91 18.35 -11.20
CA TRP A 367 -18.47 18.66 -12.56
C TRP A 367 -16.96 18.87 -12.68
N ASP A 368 -16.35 19.41 -11.62
CA ASP A 368 -14.92 19.71 -11.64
C ASP A 368 -14.11 18.41 -11.65
N LYS A 369 -14.43 17.51 -10.73
CA LYS A 369 -13.79 16.21 -10.65
C LYS A 369 -14.05 15.44 -11.95
N TYR A 370 -15.25 15.62 -12.49
CA TYR A 370 -15.61 15.00 -13.77
C TYR A 370 -14.66 15.47 -14.89
N ARG A 371 -14.43 16.77 -14.95
CA ARG A 371 -13.54 17.35 -15.97
C ARG A 371 -12.10 16.89 -15.80
N ARG A 372 -11.60 16.95 -14.56
CA ARG A 372 -10.24 16.51 -14.28
C ARG A 372 -10.06 15.06 -14.68
N ASP A 373 -11.11 14.27 -14.42
CA ASP A 373 -11.12 12.85 -14.73
C ASP A 373 -11.04 12.61 -16.24
N MSE A 374 -11.81 13.37 -17.03
CA MSE A 374 -11.79 13.14 -18.47
C MSE A 374 -10.53 13.71 -19.14
O MSE A 374 -10.09 13.20 -20.16
CB MSE A 374 -13.04 13.71 -19.13
CG MSE A 374 -12.93 15.16 -19.58
SE MSE A 374 -14.61 15.84 -20.26
CE MSE A 374 -15.63 15.78 -18.60
N ILE A 375 -9.95 14.76 -18.55
CA ILE A 375 -8.78 15.41 -19.13
C ILE A 375 -7.48 14.69 -18.76
N THR A 376 -7.50 13.97 -17.64
CA THR A 376 -6.33 13.21 -17.18
C THR A 376 -5.91 12.18 -18.24
N ARG A 377 -6.90 11.69 -18.98
CA ARG A 377 -6.68 10.70 -20.03
C ARG A 377 -5.87 11.24 -21.19
N THR A 378 -5.77 12.57 -21.28
CA THR A 378 -5.18 13.22 -22.45
C THR A 378 -3.88 13.94 -22.14
N GLY A 379 -3.14 14.30 -23.19
CA GLY A 379 -1.89 15.01 -23.05
C GLY A 379 -1.85 16.28 -23.89
N VAL A 380 -2.85 16.44 -24.74
CA VAL A 380 -3.00 17.64 -25.56
C VAL A 380 -4.46 18.09 -25.59
N SER A 381 -4.69 19.37 -25.34
CA SER A 381 -6.06 19.89 -25.33
C SER A 381 -6.26 20.92 -26.43
N ILE A 382 -7.18 20.63 -27.36
CA ILE A 382 -7.53 21.57 -28.42
C ILE A 382 -8.79 22.34 -28.04
N PHE A 383 -8.78 23.66 -28.23
CA PHE A 383 -9.89 24.49 -27.79
C PHE A 383 -10.63 25.15 -28.95
N LEU A 384 -11.92 24.87 -29.05
CA LEU A 384 -12.76 25.40 -30.13
C LEU A 384 -13.90 26.26 -29.59
N TYR A 385 -14.03 27.47 -30.12
CA TYR A 385 -15.14 28.37 -29.80
C TYR A 385 -15.29 28.60 -28.29
N GLY A 386 -16.44 28.26 -27.73
CA GLY A 386 -16.66 28.40 -26.31
C GLY A 386 -17.72 29.43 -25.94
N ASN A 387 -18.90 29.33 -26.54
CA ASN A 387 -20.01 30.21 -26.23
C ASN A 387 -21.30 29.44 -25.93
N LYS A 388 -22.18 30.02 -25.13
CA LYS A 388 -23.44 29.36 -24.80
C LYS A 388 -24.56 30.36 -24.62
N ILE A 389 -25.78 29.87 -24.45
CA ILE A 389 -26.92 30.76 -24.23
C ILE A 389 -27.22 30.93 -22.74
N ASP A 390 -27.14 32.17 -22.26
CA ASP A 390 -27.47 32.48 -20.87
C ASP A 390 -28.46 33.64 -20.82
N LYS A 391 -28.15 34.66 -21.62
CA LYS A 391 -28.97 35.86 -21.71
C LYS A 391 -30.14 35.61 -22.64
N VAL A 394 -26.22 35.41 -26.11
CA VAL A 394 -24.95 34.73 -26.32
C VAL A 394 -23.92 35.15 -25.27
N VAL A 395 -23.37 34.19 -24.53
CA VAL A 395 -22.40 34.46 -23.49
C VAL A 395 -21.20 33.53 -23.61
N LYS A 396 -20.01 34.05 -23.28
CA LYS A 396 -18.80 33.23 -23.28
C LYS A 396 -18.94 32.08 -22.29
N ALA A 397 -18.46 30.89 -22.66
CA ALA A 397 -18.60 29.71 -21.83
C ALA A 397 -17.38 29.53 -20.90
N LYS A 398 -17.57 29.86 -19.63
CA LYS A 398 -16.52 29.75 -18.61
C LYS A 398 -15.96 28.33 -18.47
N GLY A 399 -16.79 27.33 -18.75
CA GLY A 399 -16.41 25.94 -18.64
C GLY A 399 -15.20 25.58 -19.48
N VAL A 400 -15.14 26.13 -20.69
CA VAL A 400 -14.03 25.87 -21.59
C VAL A 400 -12.70 26.41 -21.04
N GLN A 401 -12.74 27.60 -20.47
CA GLN A 401 -11.55 28.21 -19.85
C GLN A 401 -11.16 27.41 -18.62
N SER A 402 -12.14 26.90 -17.89
CA SER A 402 -11.86 26.03 -16.76
C SER A 402 -11.09 24.80 -17.26
N GLU A 403 -11.53 24.24 -18.38
CA GLU A 403 -10.87 23.09 -18.98
C GLU A 403 -9.45 23.48 -19.42
N PHE A 404 -9.28 24.73 -19.81
CA PHE A 404 -7.95 25.26 -20.12
C PHE A 404 -7.06 25.22 -18.90
N ASN A 405 -7.55 25.79 -17.81
CA ASN A 405 -6.83 25.81 -16.55
C ASN A 405 -6.42 24.41 -16.12
N ILE A 406 -7.40 23.50 -16.04
CA ILE A 406 -7.13 22.13 -15.64
C ILE A 406 -6.10 21.47 -16.56
N SER A 407 -6.22 21.73 -17.85
CA SER A 407 -5.25 21.23 -18.82
C SER A 407 -3.84 21.71 -18.51
N PHE A 408 -3.70 22.99 -18.15
CA PHE A 408 -2.38 23.55 -17.92
C PHE A 408 -1.77 23.15 -16.58
N GLU A 409 -2.60 22.94 -15.56
CA GLU A 409 -2.09 22.47 -14.26
C GLU A 409 -1.74 20.98 -14.32
N GLN A 410 -2.13 20.35 -15.41
CA GLN A 410 -1.92 18.92 -15.62
C GLN A 410 -0.75 18.72 -16.59
N ASN A 411 -0.03 19.80 -16.86
CA ASN A 411 1.05 19.81 -17.84
C ASN A 411 0.66 19.19 -19.19
N ASN A 412 -0.42 19.70 -19.77
CA ASN A 412 -0.81 19.31 -21.12
C ASN A 412 -0.47 20.39 -22.14
N TYR A 413 -0.18 19.98 -23.36
CA TYR A 413 0.08 20.93 -24.43
C TYR A 413 -1.24 21.61 -24.78
N VAL A 414 -1.23 22.94 -24.79
CA VAL A 414 -2.45 23.71 -25.01
C VAL A 414 -2.53 24.26 -26.43
N VAL A 415 -3.58 23.89 -27.15
CA VAL A 415 -3.75 24.31 -28.54
C VAL A 415 -5.11 24.99 -28.77
N PRO A 416 -5.18 26.31 -28.50
CA PRO A 416 -6.38 27.10 -28.74
C PRO A 416 -6.48 27.62 -30.17
N VAL A 417 -7.55 27.26 -30.88
CA VAL A 417 -7.78 27.74 -32.24
C VAL A 417 -8.46 29.11 -32.20
N GLY A 418 -7.66 30.16 -32.33
CA GLY A 418 -8.15 31.52 -32.22
C GLY A 418 -9.04 31.97 -33.35
N ALA A 419 -9.10 31.17 -34.42
CA ALA A 419 -9.94 31.47 -35.57
C ALA A 419 -11.39 31.32 -35.14
N THR A 420 -11.62 30.33 -34.28
CA THR A 420 -12.92 30.06 -33.71
C THR A 420 -13.07 30.81 -32.39
N GLY A 421 -13.12 32.13 -32.48
CA GLY A 421 -13.12 33.00 -31.30
C GLY A 421 -14.21 32.71 -30.30
N ILE A 423 -13.97 32.33 -26.66
CA ILE A 423 -13.09 32.02 -25.53
C ILE A 423 -11.79 31.38 -25.99
N ALA A 424 -11.86 30.61 -27.06
CA ALA A 424 -10.67 30.05 -27.70
C ALA A 424 -9.68 31.15 -28.05
N LYS A 425 -10.20 32.19 -28.71
CA LYS A 425 -9.40 33.36 -29.07
C LYS A 425 -8.77 34.02 -27.85
N ASP A 426 -9.57 34.20 -26.81
CA ASP A 426 -9.10 34.80 -25.56
C ASP A 426 -7.88 34.07 -24.99
N LEU A 427 -7.92 32.74 -25.00
CA LEU A 427 -6.81 31.94 -24.49
C LEU A 427 -5.63 31.94 -25.45
N TRP A 428 -5.93 32.04 -26.74
CA TRP A 428 -4.88 32.13 -27.72
C TRP A 428 -4.11 33.43 -27.52
N ASN A 429 -4.81 34.49 -27.13
CA ASN A 429 -4.14 35.75 -26.83
C ASN A 429 -3.43 35.72 -25.49
N LYS A 430 -3.98 34.96 -24.54
CA LYS A 430 -3.32 34.79 -23.26
C LYS A 430 -2.01 34.01 -23.38
N VAL A 431 -1.95 33.13 -24.39
CA VAL A 431 -0.78 32.29 -24.60
C VAL A 431 0.22 32.90 -25.58
N ASN A 432 -0.28 33.48 -26.67
CA ASN A 432 0.60 34.07 -27.68
C ASN A 432 1.42 35.19 -27.05
N GLU A 433 0.78 35.99 -26.21
CA GLU A 433 1.50 36.91 -25.34
C GLU A 433 2.00 36.07 -24.19
N GLU A 434 3.22 36.33 -23.74
CA GLU A 434 3.82 35.55 -22.66
C GLU A 434 3.90 34.09 -23.09
N PHE A 435 4.44 33.86 -24.28
CA PHE A 435 4.42 32.55 -24.93
C PHE A 435 5.45 31.54 -24.42
N GLU A 436 6.49 32.01 -23.73
CA GLU A 436 7.55 31.13 -23.26
C GLU A 436 7.11 30.26 -22.08
N THR A 437 5.98 30.62 -21.47
CA THR A 437 5.50 29.92 -20.29
C THR A 437 4.68 28.68 -20.66
N TYR A 438 4.42 28.51 -21.95
CA TYR A 438 3.59 27.41 -22.42
C TYR A 438 4.36 26.49 -23.36
N TYR A 439 5.23 27.08 -24.18
CA TYR A 439 6.05 26.33 -25.12
C TYR A 439 7.51 26.80 -25.15
N PRO A 440 8.32 26.34 -24.18
CA PRO A 440 9.73 26.69 -24.17
C PRO A 440 10.47 26.10 -25.37
N GLY A 441 10.54 26.88 -26.44
CA GLY A 441 11.17 26.47 -27.69
C GLY A 441 10.62 27.28 -28.84
N ALA A 442 11.16 27.09 -30.04
CA ALA A 442 10.73 27.88 -31.19
C ALA A 442 10.60 27.08 -32.48
N ASP A 443 10.88 25.77 -32.42
CA ASP A 443 10.80 24.94 -33.61
C ASP A 443 10.62 23.47 -33.26
N ARG A 445 9.06 26.56 -37.34
CA ARG A 445 7.74 26.14 -37.77
C ARG A 445 6.71 26.29 -36.66
N MSE A 446 7.12 25.95 -35.44
CA MSE A 446 6.21 25.89 -34.31
C MSE A 446 5.59 27.25 -33.96
O MSE A 446 4.39 27.34 -33.72
CB MSE A 446 6.92 25.33 -33.08
CG MSE A 446 6.00 24.98 -31.93
SE MSE A 446 6.95 24.13 -30.45
CE MSE A 446 7.66 22.59 -31.40
N LYS A 447 6.41 28.29 -33.95
CA LYS A 447 5.93 29.63 -33.60
C LYS A 447 5.02 30.19 -34.69
N LYS A 448 5.36 29.92 -35.94
CA LYS A 448 4.55 30.34 -37.07
C LYS A 448 3.21 29.59 -37.13
N LEU A 449 3.27 28.28 -36.88
CA LEU A 449 2.09 27.43 -36.92
C LEU A 449 1.08 27.82 -35.85
N PHE A 450 1.59 28.10 -34.65
CA PHE A 450 0.74 28.54 -33.54
C PHE A 450 0.02 29.83 -33.92
N GLY A 451 0.77 30.76 -34.50
CA GLY A 451 0.23 32.03 -34.94
C GLY A 451 -0.75 31.91 -36.09
N GLU A 452 -0.64 30.83 -36.85
CA GLU A 452 -1.50 30.63 -38.01
C GLU A 452 -2.90 30.15 -37.65
N LEU A 453 -3.15 29.90 -36.36
CA LEU A 453 -4.44 29.42 -35.90
C LEU A 453 -5.45 30.51 -35.52
N ASN A 454 -4.96 31.71 -35.23
CA ASN A 454 -5.85 32.80 -34.82
C ASN A 454 -6.13 33.79 -35.93
N ALA A 457 -8.05 32.86 -40.57
CA ALA A 457 -9.24 32.65 -41.39
C ALA A 457 -8.87 32.08 -42.76
N LEU A 458 -8.44 30.83 -42.74
CA LEU A 458 -8.17 30.04 -43.94
C LEU A 458 -9.36 29.14 -44.23
N SER A 459 -9.15 28.14 -45.07
CA SER A 459 -10.20 27.20 -45.42
C SER A 459 -10.29 26.14 -44.32
N ILE A 460 -11.16 25.16 -44.51
CA ILE A 460 -11.33 24.12 -43.50
C ILE A 460 -10.15 23.15 -43.56
N GLU A 461 -9.81 22.71 -44.77
CA GLU A 461 -8.67 21.83 -44.97
C GLU A 461 -7.39 22.47 -44.44
N GLU A 462 -7.21 23.76 -44.69
CA GLU A 462 -5.99 24.46 -44.30
C GLU A 462 -5.85 24.60 -42.78
N LEU A 463 -6.96 24.99 -42.13
CA LEU A 463 -6.96 25.15 -40.68
C LEU A 463 -6.75 23.81 -39.99
N ILE A 464 -7.45 22.79 -40.50
CA ILE A 464 -7.31 21.44 -39.97
C ILE A 464 -5.86 20.98 -40.11
N ASN A 465 -5.27 21.24 -41.27
CA ASN A 465 -3.86 20.89 -41.50
C ASN A 465 -2.94 21.61 -40.52
N THR A 466 -3.24 22.87 -40.24
CA THR A 466 -2.47 23.64 -39.26
C THR A 466 -2.50 22.99 -37.89
N ILE A 467 -3.71 22.73 -37.39
CA ILE A 467 -3.89 22.11 -36.08
C ILE A 467 -3.19 20.75 -36.01
N ILE A 468 -3.52 19.89 -36.96
CA ILE A 468 -2.98 18.52 -37.00
C ILE A 468 -1.45 18.51 -37.02
N GLU A 469 -0.86 19.37 -37.86
CA GLU A 469 0.59 19.40 -37.98
C GLU A 469 1.25 20.03 -36.75
N PHE A 470 0.55 20.92 -36.08
CA PHE A 470 1.05 21.51 -34.83
C PHE A 470 1.11 20.43 -33.76
N VAL A 471 0.01 19.68 -33.65
CA VAL A 471 -0.09 18.63 -32.65
C VAL A 471 0.92 17.52 -32.93
N GLU A 472 1.18 17.28 -34.21
CA GLU A 472 2.20 16.30 -34.61
C GLU A 472 3.60 16.78 -34.26
N ILE A 473 3.86 18.07 -34.49
CA ILE A 473 5.12 18.68 -34.12
C ILE A 473 5.36 18.58 -32.61
N LEU A 474 4.27 18.61 -31.84
CA LEU A 474 4.34 18.46 -30.39
C LEU A 474 4.94 17.13 -29.91
N SER A 475 4.62 16.06 -30.61
CA SER A 475 5.12 14.73 -30.24
C SER A 475 6.53 14.53 -30.77
N ASN A 476 7.48 15.28 -30.20
CA ASN A 476 8.88 15.27 -30.61
C ASN A 476 9.51 13.88 -30.70
N HIS B 2 -26.59 -25.97 -12.71
CA HIS B 2 -27.42 -26.88 -13.49
C HIS B 2 -26.67 -28.18 -13.80
N MSE B 3 -25.50 -28.05 -14.41
CA MSE B 3 -24.65 -29.20 -14.71
C MSE B 3 -24.02 -29.74 -13.42
O MSE B 3 -24.23 -29.17 -12.34
CB MSE B 3 -23.57 -28.82 -15.71
CG MSE B 3 -24.03 -28.81 -17.17
SE MSE B 3 -22.83 -27.83 -18.35
CE MSE B 3 -23.01 -28.93 -19.95
N ASN B 4 -23.27 -30.82 -13.54
CA ASN B 4 -22.61 -31.42 -12.37
C ASN B 4 -21.54 -30.48 -11.81
N PRO B 5 -21.34 -30.53 -10.47
CA PRO B 5 -20.47 -29.60 -9.73
C PRO B 5 -19.06 -29.39 -10.30
N ILE B 6 -18.45 -30.42 -10.88
CA ILE B 6 -17.11 -30.28 -11.43
C ILE B 6 -17.09 -29.33 -12.63
N VAL B 7 -18.02 -29.54 -13.56
CA VAL B 7 -18.15 -28.67 -14.72
C VAL B 7 -18.48 -27.25 -14.29
N GLU B 8 -19.34 -27.10 -13.29
CA GLU B 8 -19.69 -25.78 -12.80
C GLU B 8 -18.48 -25.05 -12.21
N LEU B 9 -17.68 -25.77 -11.44
CA LEU B 9 -16.46 -25.23 -10.85
C LEU B 9 -15.52 -24.76 -11.97
N PHE B 10 -15.35 -25.62 -12.97
CA PHE B 10 -14.54 -25.26 -14.13
C PHE B 10 -15.08 -24.01 -14.82
N ILE B 11 -16.40 -23.94 -14.96
CA ILE B 11 -17.05 -22.80 -15.60
C ILE B 11 -16.73 -21.54 -14.83
N LYS B 12 -16.71 -21.62 -13.50
CA LYS B 12 -16.44 -20.42 -12.69
C LYS B 12 -14.99 -19.97 -12.80
N ASP B 13 -14.07 -20.93 -12.69
CA ASP B 13 -12.64 -20.60 -12.74
C ASP B 13 -12.28 -20.04 -14.11
N PHE B 14 -12.72 -20.72 -15.15
CA PHE B 14 -12.39 -20.34 -16.52
C PHE B 14 -13.12 -19.06 -16.92
N THR B 15 -14.31 -18.83 -16.37
CA THR B 15 -15.01 -17.56 -16.58
C THR B 15 -14.17 -16.44 -16.01
N LYS B 16 -13.67 -16.63 -14.80
CA LYS B 16 -12.79 -15.63 -14.20
C LYS B 16 -11.57 -15.39 -15.08
N GLU B 17 -10.97 -16.46 -15.56
CA GLU B 17 -9.77 -16.35 -16.39
C GLU B 17 -10.04 -15.69 -17.73
N VAL B 18 -11.21 -15.96 -18.32
CA VAL B 18 -11.58 -15.33 -19.59
C VAL B 18 -11.84 -13.84 -19.41
N MSE B 19 -12.63 -13.51 -18.40
CA MSE B 19 -12.97 -12.11 -18.11
C MSE B 19 -11.73 -11.31 -17.75
O MSE B 19 -11.69 -10.08 -17.93
CB MSE B 19 -13.99 -12.02 -16.98
CG MSE B 19 -14.78 -10.73 -16.97
SE MSE B 19 -15.97 -10.61 -15.43
CE MSE B 19 -16.89 -12.32 -15.59
N GLU B 20 -10.72 -11.99 -17.23
CA GLU B 20 -9.50 -11.32 -16.83
C GLU B 20 -8.51 -11.34 -17.99
N GLU B 21 -8.97 -11.87 -19.11
CA GLU B 21 -8.21 -11.87 -20.36
C GLU B 21 -6.89 -12.60 -20.20
N ASN B 22 -6.91 -13.68 -19.42
CA ASN B 22 -5.73 -14.49 -19.16
C ASN B 22 -5.97 -15.96 -19.48
N ALA B 23 -7.01 -16.26 -20.25
CA ALA B 23 -7.30 -17.64 -20.61
C ALA B 23 -6.63 -18.01 -21.92
N ALA B 24 -6.29 -19.29 -22.06
CA ALA B 24 -5.71 -19.78 -23.30
C ALA B 24 -6.44 -21.04 -23.77
N ILE B 25 -6.43 -21.26 -25.07
CA ILE B 25 -7.03 -22.47 -25.65
C ILE B 25 -5.98 -23.29 -26.37
N PHE B 26 -5.90 -24.60 -26.14
CA PHE B 26 -5.09 -25.43 -27.03
C PHE B 26 -6.02 -26.40 -27.73
N ALA B 27 -6.05 -26.30 -29.05
CA ALA B 27 -7.03 -27.02 -29.85
C ALA B 27 -6.39 -28.21 -30.56
N GLY B 28 -6.96 -29.39 -30.35
CA GLY B 28 -6.54 -30.59 -31.05
C GLY B 28 -7.38 -30.80 -32.29
N ALA B 29 -7.12 -31.91 -32.99
CA ALA B 29 -7.78 -32.20 -34.26
C ALA B 29 -9.29 -32.40 -34.10
N GLY B 30 -9.71 -32.81 -32.91
CA GLY B 30 -11.12 -33.05 -32.63
C GLY B 30 -12.00 -31.81 -32.77
N LEU B 31 -11.44 -30.66 -32.44
CA LEU B 31 -12.19 -29.41 -32.49
C LEU B 31 -12.49 -28.99 -33.93
N SER B 32 -11.70 -29.49 -34.87
CA SER B 32 -11.89 -29.17 -36.28
C SER B 32 -12.86 -30.14 -36.95
N MSE B 33 -13.38 -31.08 -36.17
CA MSE B 33 -14.36 -32.04 -36.66
C MSE B 33 -15.74 -31.72 -36.10
O MSE B 33 -15.88 -31.41 -34.91
CB MSE B 33 -13.96 -33.47 -36.30
CG MSE B 33 -12.56 -33.86 -36.75
SE MSE B 33 -12.40 -34.04 -38.68
CE MSE B 33 -13.16 -35.84 -38.86
N SER B 34 -16.76 -31.77 -36.94
CA SER B 34 -18.13 -31.51 -36.52
C SER B 34 -18.58 -32.54 -35.50
N VAL B 35 -18.13 -33.78 -35.68
CA VAL B 35 -18.47 -34.86 -34.76
C VAL B 35 -17.61 -34.79 -33.50
N GLY B 36 -16.58 -33.96 -33.53
CA GLY B 36 -15.77 -33.70 -32.35
C GLY B 36 -14.57 -34.63 -32.18
N TYR B 37 -14.41 -35.55 -33.11
CA TYR B 37 -13.32 -36.52 -33.03
C TYR B 37 -12.86 -36.99 -34.41
N VAL B 38 -11.75 -37.73 -34.43
CA VAL B 38 -11.23 -38.28 -35.69
C VAL B 38 -11.14 -39.80 -35.63
N LEU B 84 -3.26 -35.47 -43.29
CA LEU B 84 -2.27 -34.68 -44.02
C LEU B 84 -2.95 -33.78 -45.05
N ASP B 85 -2.70 -34.06 -46.32
CA ASP B 85 -3.34 -33.33 -47.42
C ASP B 85 -4.87 -33.43 -47.34
N GLU B 86 -5.33 -34.64 -47.06
CA GLU B 86 -6.76 -34.95 -46.91
C GLU B 86 -7.45 -34.17 -45.79
N PHE B 87 -6.74 -33.98 -44.68
CA PHE B 87 -7.27 -33.28 -43.52
C PHE B 87 -7.93 -31.95 -43.87
N SER B 88 -7.21 -31.09 -44.61
CA SER B 88 -7.77 -29.82 -45.04
C SER B 88 -9.02 -30.03 -45.90
N ARG B 89 -9.02 -31.10 -46.67
CA ARG B 89 -10.14 -31.43 -47.54
C ARG B 89 -11.31 -32.05 -46.78
N LYS B 90 -11.15 -32.32 -45.49
CA LYS B 90 -12.23 -32.93 -44.74
C LYS B 90 -12.81 -32.06 -43.61
N VAL B 91 -12.23 -30.88 -43.36
CA VAL B 91 -12.70 -30.04 -42.27
C VAL B 91 -13.20 -28.64 -42.64
N ASP B 92 -14.09 -28.08 -41.80
CA ASP B 92 -14.55 -26.70 -41.92
C ASP B 92 -15.11 -26.22 -40.56
N LEU B 93 -15.57 -24.97 -40.52
CA LEU B 93 -15.89 -24.24 -39.28
C LEU B 93 -17.15 -24.68 -38.49
N THR B 94 -17.03 -24.62 -37.15
CA THR B 94 -18.09 -25.02 -36.22
C THR B 94 -18.45 -23.91 -35.21
N GLU B 95 -19.57 -24.08 -34.51
CA GLU B 95 -20.04 -23.12 -33.50
C GLU B 95 -19.06 -22.86 -32.33
N ASN B 96 -18.31 -23.89 -31.95
CA ASN B 96 -17.29 -23.74 -30.92
C ASN B 96 -16.29 -22.64 -31.28
N HIS B 97 -15.84 -22.67 -32.53
CA HIS B 97 -14.91 -21.67 -33.04
C HIS B 97 -15.48 -20.27 -32.94
N LYS B 98 -16.77 -20.15 -33.25
CA LYS B 98 -17.45 -18.86 -33.24
C LYS B 98 -17.61 -18.30 -31.83
N ILE B 99 -18.03 -19.15 -30.89
CA ILE B 99 -18.12 -18.75 -29.49
C ILE B 99 -16.75 -18.33 -28.96
N LEU B 100 -15.74 -19.14 -29.26
CA LEU B 100 -14.38 -18.84 -28.85
C LEU B 100 -13.89 -17.52 -29.43
N ALA B 101 -14.26 -17.26 -30.68
CA ALA B 101 -13.88 -16.03 -31.37
C ALA B 101 -14.58 -14.82 -30.77
N ARG B 102 -15.77 -15.04 -30.22
CA ARG B 102 -16.52 -13.97 -29.57
C ARG B 102 -16.05 -13.72 -28.14
N LEU B 103 -15.33 -14.68 -27.57
CA LEU B 103 -14.78 -14.51 -26.24
C LEU B 103 -13.51 -13.68 -26.30
N PRO B 104 -13.24 -12.89 -25.24
CA PRO B 104 -12.02 -12.07 -25.17
C PRO B 104 -10.78 -12.91 -24.88
N ILE B 105 -10.59 -13.98 -25.64
CA ILE B 105 -9.43 -14.84 -25.49
C ILE B 105 -8.32 -14.42 -26.45
N HIS B 106 -7.13 -14.20 -25.92
CA HIS B 106 -6.03 -13.66 -26.72
C HIS B 106 -4.93 -14.68 -27.01
N THR B 107 -5.08 -15.91 -26.49
CA THR B 107 -4.05 -16.91 -26.72
C THR B 107 -4.59 -18.26 -27.20
N TYR B 108 -4.18 -18.62 -28.41
CA TYR B 108 -4.51 -19.90 -29.00
C TYR B 108 -3.24 -20.66 -29.34
N TRP B 109 -3.12 -21.87 -28.83
CA TRP B 109 -2.10 -22.82 -29.23
C TRP B 109 -2.80 -23.96 -29.97
N THR B 110 -2.19 -24.49 -31.02
CA THR B 110 -2.78 -25.62 -31.72
C THR B 110 -1.75 -26.44 -32.49
N THR B 111 -2.06 -27.72 -32.69
CA THR B 111 -1.23 -28.58 -33.52
C THR B 111 -1.92 -28.88 -34.85
N ASN B 112 -3.04 -28.22 -35.08
CA ASN B 112 -3.78 -28.37 -36.32
C ASN B 112 -3.16 -27.60 -37.47
N TYR B 113 -3.36 -28.10 -38.69
CA TYR B 113 -2.90 -27.43 -39.90
C TYR B 113 -3.98 -26.53 -40.48
N ASP B 114 -5.24 -26.87 -40.22
CA ASP B 114 -6.34 -26.08 -40.73
C ASP B 114 -6.27 -24.65 -40.19
N ARG B 115 -6.99 -23.74 -40.84
CA ARG B 115 -6.95 -22.34 -40.46
C ARG B 115 -8.27 -21.90 -39.83
N LEU B 116 -8.94 -22.82 -39.16
CA LEU B 116 -10.25 -22.56 -38.59
C LEU B 116 -10.24 -21.48 -37.50
N ILE B 117 -9.24 -21.50 -36.64
CA ILE B 117 -9.14 -20.53 -35.55
C ILE B 117 -9.01 -19.10 -36.09
N GLU B 118 -8.02 -18.88 -36.94
CA GLU B 118 -7.79 -17.57 -37.53
C GLU B 118 -8.98 -17.13 -38.40
N LYS B 119 -9.60 -18.10 -39.06
CA LYS B 119 -10.78 -17.83 -39.89
C LYS B 119 -11.93 -17.31 -39.03
N ALA B 120 -12.20 -18.02 -37.94
CA ALA B 120 -13.26 -17.65 -37.01
C ALA B 120 -12.98 -16.28 -36.40
N LEU B 121 -11.72 -16.04 -36.04
CA LEU B 121 -11.31 -14.75 -35.50
C LEU B 121 -11.54 -13.62 -36.49
N GLU B 122 -11.22 -13.85 -37.76
CA GLU B 122 -11.38 -12.81 -38.76
C GLU B 122 -12.86 -12.56 -39.08
N GLU B 123 -13.65 -13.62 -39.02
CA GLU B 123 -15.09 -13.51 -39.25
C GLU B 123 -15.75 -12.70 -38.13
N GLU B 124 -15.07 -12.60 -36.99
CA GLU B 124 -15.53 -11.76 -35.89
C GLU B 124 -14.84 -10.40 -35.95
N ASN B 125 -14.23 -10.11 -37.11
CA ASN B 125 -13.52 -8.86 -37.36
C ASN B 125 -12.39 -8.58 -36.38
N LYS B 126 -11.74 -9.63 -35.90
CA LYS B 126 -10.57 -9.47 -35.05
C LYS B 126 -9.28 -9.89 -35.77
N ILE B 127 -8.17 -9.27 -35.38
CA ILE B 127 -6.88 -9.53 -36.00
C ILE B 127 -6.08 -10.62 -35.31
N ALA B 128 -5.71 -11.64 -36.07
CA ALA B 128 -4.98 -12.79 -35.54
C ALA B 128 -3.51 -12.73 -35.89
N ASP B 129 -2.66 -12.78 -34.86
CA ASP B 129 -1.22 -12.88 -35.06
C ASP B 129 -0.83 -14.35 -35.14
N VAL B 130 -0.65 -14.84 -36.37
CA VAL B 130 -0.41 -16.27 -36.61
C VAL B 130 1.08 -16.60 -36.63
N LYS B 131 1.48 -17.53 -35.77
CA LYS B 131 2.88 -17.91 -35.63
C LYS B 131 3.11 -19.37 -36.02
N TYR B 132 3.91 -19.60 -37.06
CA TYR B 132 4.32 -20.96 -37.40
C TYR B 132 5.81 -21.08 -37.67
N THR B 133 6.50 -19.94 -37.74
CA THR B 133 7.96 -19.94 -37.83
C THR B 133 8.58 -19.33 -36.57
N VAL B 134 9.87 -19.59 -36.36
CA VAL B 134 10.60 -19.06 -35.22
C VAL B 134 10.74 -17.53 -35.31
N LYS B 135 11.04 -17.03 -36.50
CA LYS B 135 11.26 -15.60 -36.71
C LYS B 135 10.01 -14.77 -36.40
N GLN B 136 8.85 -15.32 -36.72
CA GLN B 136 7.59 -14.62 -36.51
C GLN B 136 7.29 -14.35 -35.03
N LEU B 137 7.99 -15.06 -34.15
CA LEU B 137 7.84 -14.84 -32.71
C LEU B 137 8.50 -13.53 -32.29
N ALA B 138 9.44 -13.05 -33.09
CA ALA B 138 10.16 -11.83 -32.76
C ALA B 138 9.35 -10.59 -33.11
N THR B 139 8.31 -10.77 -33.91
CA THR B 139 7.48 -9.66 -34.33
C THR B 139 6.15 -9.71 -33.58
N THR B 140 5.50 -8.56 -33.45
CA THR B 140 4.20 -8.46 -32.82
C THR B 140 3.24 -7.70 -33.72
N LYS B 141 2.24 -8.40 -34.26
CA LYS B 141 1.32 -7.81 -35.20
C LYS B 141 0.50 -6.69 -34.54
N VAL B 142 0.46 -5.54 -35.21
CA VAL B 142 -0.19 -4.35 -34.70
C VAL B 142 -1.69 -4.58 -34.51
N LYS B 143 -2.23 -4.10 -33.39
CA LYS B 143 -3.66 -4.12 -33.12
C LYS B 143 -4.25 -5.53 -33.10
N ARG B 144 -3.41 -6.52 -32.81
CA ARG B 144 -3.85 -7.91 -32.77
C ARG B 144 -4.82 -8.14 -31.61
N ASP B 145 -5.75 -9.05 -31.80
CA ASP B 145 -6.68 -9.42 -30.73
C ASP B 145 -6.32 -10.78 -30.14
N ALA B 146 -5.68 -11.63 -30.94
CA ALA B 146 -5.27 -12.95 -30.47
C ALA B 146 -3.99 -13.42 -31.15
N VAL B 147 -3.20 -14.21 -30.43
CA VAL B 147 -2.04 -14.86 -31.02
C VAL B 147 -2.37 -16.33 -31.28
N VAL B 148 -2.03 -16.82 -32.47
CA VAL B 148 -2.28 -18.22 -32.78
C VAL B 148 -0.98 -18.94 -33.10
N TYR B 149 -0.49 -19.71 -32.14
CA TYR B 149 0.69 -20.54 -32.32
C TYR B 149 0.31 -21.86 -32.98
N LYS B 150 0.71 -22.03 -34.23
CA LYS B 150 0.48 -23.30 -34.90
C LYS B 150 1.81 -24.05 -35.03
N MSE B 151 2.08 -24.88 -34.03
CA MSE B 151 3.39 -25.52 -33.85
C MSE B 151 3.80 -26.43 -34.99
O MSE B 151 4.86 -26.27 -35.58
CB MSE B 151 3.41 -26.30 -32.54
CG MSE B 151 2.92 -25.52 -31.34
SE MSE B 151 2.94 -26.59 -29.71
CE MSE B 151 4.87 -26.74 -29.46
N HIS B 152 2.94 -27.41 -35.31
CA HIS B 152 3.29 -28.41 -36.30
C HIS B 152 3.23 -27.87 -37.73
N GLY B 153 3.02 -26.57 -37.86
CA GLY B 153 2.98 -25.92 -39.16
C GLY B 153 1.55 -25.64 -39.58
N ASP B 154 1.38 -25.19 -40.81
CA ASP B 154 0.08 -24.78 -41.32
C ASP B 154 -0.20 -25.43 -42.67
N VAL B 155 -1.49 -25.64 -43.00
CA VAL B 155 -1.85 -26.31 -44.25
C VAL B 155 -1.29 -25.52 -45.42
N GLU B 156 -1.26 -24.19 -45.26
CA GLU B 156 -0.53 -23.34 -46.19
C GLU B 156 0.87 -23.37 -45.63
N HIS B 157 1.87 -23.49 -46.51
CA HIS B 157 3.28 -23.62 -46.15
C HIS B 157 3.50 -25.06 -45.66
N PRO B 158 3.29 -26.05 -46.55
CA PRO B 158 3.22 -27.47 -46.18
C PRO B 158 4.51 -28.03 -45.59
N SER B 159 5.65 -27.58 -46.08
CA SER B 159 6.94 -28.15 -45.68
C SER B 159 7.29 -27.82 -44.23
N GLU B 160 6.71 -26.76 -43.69
CA GLU B 160 6.98 -26.35 -42.32
C GLU B 160 6.02 -27.03 -41.35
N ILE B 173 13.58 -30.31 -32.45
CA ILE B 173 14.49 -29.67 -33.41
C ILE B 173 14.80 -28.24 -32.98
N LYS B 174 14.63 -27.30 -33.91
CA LYS B 174 14.86 -25.90 -33.62
C LYS B 174 13.53 -25.19 -33.31
N MSE B 175 12.65 -25.91 -32.62
CA MSE B 175 11.36 -25.38 -32.22
C MSE B 175 11.39 -24.96 -30.75
O MSE B 175 10.38 -24.98 -30.06
CB MSE B 175 10.26 -26.42 -32.45
CG MSE B 175 10.01 -26.77 -33.90
SE MSE B 175 9.14 -25.32 -34.87
CE MSE B 175 7.47 -25.27 -33.88
N ASP B 176 12.58 -24.57 -30.30
CA ASP B 176 12.83 -24.32 -28.89
C ASP B 176 12.09 -23.10 -28.33
N PRO B 177 12.05 -22.00 -29.11
CA PRO B 177 11.35 -20.78 -28.70
C PRO B 177 9.86 -21.00 -28.42
N TYR B 178 9.23 -21.85 -29.23
CA TYR B 178 7.83 -22.20 -29.03
C TYR B 178 7.65 -22.96 -27.72
N ILE B 179 8.61 -23.82 -27.40
CA ILE B 179 8.58 -24.57 -26.15
C ILE B 179 8.68 -23.62 -24.96
N LYS B 180 9.57 -22.63 -25.07
CA LYS B 180 9.71 -21.59 -24.05
C LYS B 180 8.38 -20.86 -23.84
N ALA B 181 7.81 -20.40 -24.96
CA ALA B 181 6.56 -19.67 -24.93
C ALA B 181 5.44 -20.48 -24.27
N LEU B 182 5.31 -21.74 -24.66
CA LEU B 182 4.27 -22.61 -24.12
C LEU B 182 4.47 -22.87 -22.62
N SER B 183 5.72 -23.10 -22.21
CA SER B 183 6.01 -23.32 -20.80
C SER B 183 5.59 -22.11 -19.97
N GLY B 184 6.03 -20.93 -20.42
CA GLY B 184 5.67 -19.69 -19.76
C GLY B 184 4.16 -19.51 -19.67
N ASP B 185 3.48 -19.75 -20.78
CA ASP B 185 2.03 -19.62 -20.84
C ASP B 185 1.33 -20.57 -19.87
N LEU B 186 1.87 -21.79 -19.77
CA LEU B 186 1.31 -22.78 -18.85
C LEU B 186 1.57 -22.41 -17.40
N VAL B 187 2.60 -21.61 -17.17
CA VAL B 187 2.81 -21.08 -15.82
C VAL B 187 1.82 -19.95 -15.50
N SER B 188 1.59 -19.08 -16.48
CA SER B 188 0.85 -17.84 -16.21
C SER B 188 -0.62 -17.84 -16.65
N LYS B 189 -0.94 -18.58 -17.71
CA LYS B 189 -2.30 -18.56 -18.26
C LYS B 189 -3.02 -19.89 -18.02
N THR B 190 -4.32 -19.81 -17.76
CA THR B 190 -5.14 -21.01 -17.58
C THR B 190 -5.59 -21.58 -18.91
N PHE B 191 -5.19 -22.82 -19.19
CA PHE B 191 -5.47 -23.45 -20.47
C PHE B 191 -6.73 -24.32 -20.47
N LEU B 192 -7.44 -24.31 -21.60
CA LEU B 192 -8.46 -25.32 -21.87
C LEU B 192 -8.01 -26.18 -23.03
N PHE B 193 -7.71 -27.44 -22.75
CA PHE B 193 -7.37 -28.38 -23.80
C PHE B 193 -8.65 -29.00 -24.35
N VAL B 194 -8.81 -28.93 -25.67
CA VAL B 194 -10.01 -29.47 -26.30
C VAL B 194 -9.69 -29.97 -27.71
N GLY B 195 -10.31 -31.08 -28.09
CA GLY B 195 -10.06 -31.69 -29.38
C GLY B 195 -8.99 -32.76 -29.30
N PHE B 196 -8.64 -33.16 -28.09
CA PHE B 196 -7.66 -34.22 -27.89
C PHE B 196 -8.27 -35.50 -27.30
N SER B 197 -7.96 -36.62 -27.93
CA SER B 197 -8.36 -37.93 -27.44
C SER B 197 -7.12 -38.72 -27.04
N PHE B 198 -7.31 -39.91 -26.49
CA PHE B 198 -6.19 -40.70 -25.99
C PHE B 198 -5.34 -41.28 -27.11
N THR B 199 -5.82 -41.19 -28.34
CA THR B 199 -5.09 -41.68 -29.50
C THR B 199 -4.22 -40.60 -30.12
N ASP B 200 -4.23 -39.40 -29.53
CA ASP B 200 -3.43 -38.30 -30.04
C ASP B 200 -1.94 -38.60 -29.88
N PRO B 201 -1.19 -38.48 -30.98
CA PRO B 201 0.23 -38.86 -31.04
C PRO B 201 1.21 -37.83 -30.46
N ASN B 202 0.76 -36.61 -30.19
CA ASN B 202 1.72 -35.55 -29.86
C ASN B 202 1.53 -34.83 -28.52
N LEU B 203 0.33 -34.89 -27.97
CA LEU B 203 0.02 -34.12 -26.77
C LEU B 203 0.92 -34.47 -25.58
N ASP B 204 1.12 -35.77 -25.36
CA ASP B 204 1.91 -36.25 -24.24
C ASP B 204 3.38 -35.85 -24.34
N TYR B 205 3.91 -35.89 -25.56
CA TYR B 205 5.28 -35.45 -25.82
C TYR B 205 5.50 -33.97 -25.51
N ILE B 206 4.65 -33.15 -26.12
CA ILE B 206 4.70 -31.70 -25.95
C ILE B 206 4.59 -31.36 -24.47
N LEU B 207 3.61 -31.96 -23.79
CA LEU B 207 3.41 -31.73 -22.37
C LEU B 207 4.62 -32.17 -21.55
N SER B 208 5.23 -33.28 -21.94
CA SER B 208 6.42 -33.77 -21.25
C SER B 208 7.59 -32.80 -21.43
N ARG B 209 7.53 -32.00 -22.49
CA ARG B 209 8.58 -31.02 -22.74
C ARG B 209 8.27 -29.63 -22.17
N VAL B 210 7.01 -29.35 -21.84
CA VAL B 210 6.64 -28.02 -21.38
C VAL B 210 6.07 -27.97 -19.95
N ARG B 211 5.94 -29.12 -19.30
CA ARG B 211 5.42 -29.14 -17.93
C ARG B 211 6.26 -30.01 -17.01
N SER B 212 6.35 -29.61 -15.74
CA SER B 212 7.06 -30.39 -14.73
C SER B 212 6.04 -31.14 -13.88
N ALA B 213 6.37 -32.39 -13.55
CA ALA B 213 5.48 -33.23 -12.75
C ALA B 213 5.82 -33.16 -11.26
N TYR B 214 6.77 -32.30 -10.92
CA TYR B 214 7.21 -32.20 -9.54
C TYR B 214 6.66 -30.97 -8.81
N GLU B 215 5.96 -30.11 -9.53
CA GLU B 215 5.28 -28.98 -8.88
C GLU B 215 3.77 -29.20 -8.72
N ARG B 216 3.31 -29.23 -7.47
CA ARG B 216 1.92 -29.51 -7.20
C ARG B 216 1.10 -28.22 -7.10
N ASP B 217 1.77 -27.13 -6.72
CA ASP B 217 1.10 -25.86 -6.51
C ASP B 217 1.03 -25.01 -7.76
N GLN B 218 1.25 -25.62 -8.91
CA GLN B 218 1.18 -24.91 -10.19
C GLN B 218 -0.27 -24.62 -10.57
N ARG B 219 -0.42 -23.70 -11.52
CA ARG B 219 -1.71 -23.33 -12.07
C ARG B 219 -2.45 -24.54 -12.65
N ARG B 220 -3.76 -24.61 -12.38
CA ARG B 220 -4.59 -25.71 -12.87
C ARG B 220 -5.06 -25.48 -14.30
N HIS B 221 -4.95 -26.51 -15.13
CA HIS B 221 -5.46 -26.43 -16.49
C HIS B 221 -6.55 -27.47 -16.69
N TYR B 222 -7.26 -27.38 -17.80
CA TYR B 222 -8.39 -28.28 -18.05
C TYR B 222 -8.38 -28.90 -19.44
N CYS B 223 -8.91 -30.12 -19.52
CA CYS B 223 -9.08 -30.82 -20.78
C CYS B 223 -10.45 -31.47 -20.82
N LEU B 224 -11.22 -31.19 -21.86
CA LEU B 224 -12.57 -31.76 -21.98
C LEU B 224 -12.58 -32.93 -22.96
N ILE B 225 -13.03 -34.09 -22.50
CA ILE B 225 -13.16 -35.23 -23.42
C ILE B 225 -14.54 -35.88 -23.28
N LYS B 226 -14.86 -36.81 -24.16
CA LYS B 226 -16.11 -37.55 -24.09
C LYS B 226 -15.88 -38.97 -23.58
N LYS B 227 -16.76 -39.44 -22.70
CA LYS B 227 -16.68 -40.79 -22.18
C LYS B 227 -16.80 -41.80 -23.33
N GLU B 228 -15.99 -42.85 -23.26
CA GLU B 228 -16.05 -43.91 -24.25
C GLU B 228 -17.35 -44.67 -24.09
N GLU B 229 -18.05 -44.89 -25.21
CA GLU B 229 -19.33 -45.59 -25.17
C GLU B 229 -19.25 -46.89 -25.98
N ARG B 230 -20.08 -47.85 -25.61
CA ARG B 230 -20.05 -49.15 -26.27
C ARG B 230 -20.58 -48.99 -27.69
N ARG B 231 -19.95 -49.65 -28.64
CA ARG B 231 -20.41 -49.62 -30.02
C ARG B 231 -21.45 -50.72 -30.21
N PRO B 232 -22.43 -50.48 -31.09
CA PRO B 232 -23.44 -51.52 -31.32
C PRO B 232 -22.77 -52.79 -31.85
N ASP B 233 -23.01 -53.90 -31.17
CA ASP B 233 -22.43 -55.19 -31.55
C ASP B 233 -20.91 -55.15 -31.54
N GLU B 234 -20.33 -55.20 -30.34
CA GLU B 234 -18.89 -55.36 -30.18
C GLU B 234 -18.64 -55.97 -28.80
N LEU B 235 -17.54 -56.70 -28.66
CA LEU B 235 -17.27 -57.44 -27.43
C LEU B 235 -16.98 -56.47 -26.29
N GLU B 236 -17.13 -56.95 -25.06
CA GLU B 236 -17.00 -56.07 -23.90
C GLU B 236 -15.54 -55.88 -23.50
N ALA B 237 -14.71 -56.83 -23.93
CA ALA B 237 -13.29 -56.77 -23.62
C ALA B 237 -12.60 -55.69 -24.45
N ASP B 238 -13.05 -55.51 -25.69
CA ASP B 238 -12.50 -54.48 -26.56
C ASP B 238 -12.89 -53.11 -26.04
N PHE B 239 -14.14 -52.99 -25.62
CA PHE B 239 -14.61 -51.74 -25.06
C PHE B 239 -13.84 -51.40 -23.79
N GLU B 240 -13.66 -52.39 -22.93
CA GLU B 240 -12.97 -52.17 -21.67
C GLU B 240 -11.51 -51.85 -21.92
N TYR B 241 -11.00 -52.32 -23.05
CA TYR B 241 -9.66 -51.99 -23.49
C TYR B 241 -9.59 -50.48 -23.78
N ARG B 242 -10.52 -50.01 -24.59
CA ARG B 242 -10.58 -48.58 -24.94
C ARG B 242 -10.79 -47.69 -23.71
N VAL B 243 -11.64 -48.14 -22.78
CA VAL B 243 -11.87 -47.42 -21.53
C VAL B 243 -10.60 -47.33 -20.70
N ARG B 244 -9.90 -48.45 -20.60
CA ARG B 244 -8.67 -48.49 -19.84
C ARG B 244 -7.66 -47.52 -20.41
N LYS B 245 -7.56 -47.48 -21.74
CA LYS B 245 -6.63 -46.55 -22.37
C LYS B 245 -7.03 -45.08 -22.14
N GLN B 246 -8.33 -44.79 -22.17
CA GLN B 246 -8.78 -43.42 -21.88
C GLN B 246 -8.45 -43.05 -20.43
N GLU B 247 -8.58 -44.02 -19.53
CA GLU B 247 -8.27 -43.82 -18.12
C GLU B 247 -6.79 -43.52 -17.92
N LEU B 248 -5.94 -44.25 -18.64
CA LEU B 248 -4.51 -44.01 -18.60
C LEU B 248 -4.17 -42.62 -19.15
N PHE B 249 -4.91 -42.21 -20.18
CA PHE B 249 -4.77 -40.87 -20.76
C PHE B 249 -5.08 -39.80 -19.71
N ILE B 250 -6.19 -39.98 -19.00
CA ILE B 250 -6.58 -39.08 -17.93
C ILE B 250 -5.50 -39.02 -16.85
N SER B 251 -4.93 -40.18 -16.51
CA SER B 251 -3.87 -40.25 -15.51
C SER B 251 -2.64 -39.46 -15.94
N ASP B 252 -2.25 -39.66 -17.19
CA ASP B 252 -1.10 -38.99 -17.78
C ASP B 252 -1.30 -37.48 -17.74
N LEU B 253 -2.50 -37.04 -18.07
CA LEU B 253 -2.81 -35.61 -18.03
C LEU B 253 -2.78 -35.09 -16.59
N SER B 254 -3.22 -35.94 -15.66
CA SER B 254 -3.27 -35.58 -14.25
C SER B 254 -1.87 -35.39 -13.66
N ARG B 255 -0.90 -36.14 -14.16
CA ARG B 255 0.47 -36.04 -13.67
C ARG B 255 1.06 -34.65 -13.94
N PHE B 256 0.51 -33.94 -14.93
CA PHE B 256 0.97 -32.60 -15.28
C PHE B 256 0.01 -31.53 -14.77
N ASN B 257 -0.79 -31.90 -13.78
CA ASN B 257 -1.80 -31.01 -13.18
C ASN B 257 -2.78 -30.48 -14.22
N ILE B 258 -3.12 -31.31 -15.19
CA ILE B 258 -4.19 -30.99 -16.13
C ILE B 258 -5.42 -31.81 -15.82
N LYS B 259 -6.44 -31.16 -15.26
CA LYS B 259 -7.65 -31.86 -14.87
C LYS B 259 -8.51 -32.20 -16.08
N THR B 260 -8.90 -33.47 -16.18
CA THR B 260 -9.73 -33.91 -17.28
C THR B 260 -11.19 -34.01 -16.84
N ILE B 261 -12.06 -33.34 -17.58
CA ILE B 261 -13.49 -33.44 -17.35
C ILE B 261 -14.12 -34.28 -18.45
N VAL B 262 -14.85 -35.30 -18.03
CA VAL B 262 -15.43 -36.27 -18.93
C VAL B 262 -16.92 -35.98 -19.12
N LEU B 263 -17.27 -35.61 -20.35
CA LEU B 263 -18.62 -35.22 -20.70
C LEU B 263 -19.34 -36.42 -21.31
N ASN B 264 -20.67 -36.33 -21.37
CA ASN B 264 -21.48 -37.41 -21.94
C ASN B 264 -21.45 -37.37 -23.46
N ASN B 265 -21.25 -36.17 -24.01
CA ASN B 265 -21.18 -35.99 -25.44
C ASN B 265 -20.43 -34.71 -25.79
N TYR B 266 -19.95 -34.63 -27.03
CA TYR B 266 -19.14 -33.50 -27.47
C TYR B 266 -19.92 -32.19 -27.48
N ASN B 267 -21.23 -32.29 -27.68
CA ASN B 267 -22.08 -31.11 -27.73
C ASN B 267 -22.03 -30.33 -26.42
N GLU B 268 -21.79 -31.05 -25.32
CA GLU B 268 -21.67 -30.41 -24.01
C GLU B 268 -20.56 -29.37 -24.00
N ILE B 269 -19.47 -29.63 -24.75
CA ILE B 269 -18.41 -28.64 -24.92
C ILE B 269 -19.04 -27.32 -25.28
N THR B 270 -19.80 -27.32 -26.38
CA THR B 270 -20.47 -26.13 -26.86
C THR B 270 -21.26 -25.47 -25.73
N GLU B 271 -22.03 -26.28 -25.01
CA GLU B 271 -22.90 -25.75 -23.97
C GLU B 271 -22.05 -25.02 -22.94
N ILE B 272 -20.97 -25.67 -22.53
CA ILE B 272 -20.08 -25.07 -21.54
C ILE B 272 -19.61 -23.72 -22.06
N LEU B 273 -19.16 -23.70 -23.31
CA LEU B 273 -18.66 -22.46 -23.90
C LEU B 273 -19.75 -21.42 -23.86
N GLN B 274 -20.96 -21.83 -24.26
CA GLN B 274 -22.10 -20.94 -24.27
C GLN B 274 -22.28 -20.31 -22.90
N ARG B 275 -22.25 -21.17 -21.88
CA ARG B 275 -22.47 -20.71 -20.52
C ARG B 275 -21.42 -19.66 -20.19
N ILE B 276 -20.17 -19.96 -20.56
CA ILE B 276 -19.08 -19.04 -20.26
C ILE B 276 -19.40 -17.69 -20.89
N GLU B 277 -19.81 -17.72 -22.16
CA GLU B 277 -20.11 -16.49 -22.87
C GLU B 277 -21.19 -15.73 -22.13
N ASN B 278 -22.21 -16.47 -21.69
CA ASN B 278 -23.31 -15.87 -20.95
C ASN B 278 -22.74 -15.11 -19.77
N ASN B 279 -21.93 -15.81 -18.97
CA ASN B 279 -21.36 -15.24 -17.76
C ASN B 279 -20.66 -13.91 -18.01
N ILE B 280 -20.10 -13.76 -19.21
CA ILE B 280 -19.42 -12.52 -19.53
C ILE B 280 -20.45 -11.47 -19.95
N LYS B 281 -21.28 -11.83 -20.93
CA LYS B 281 -22.10 -10.85 -21.62
C LYS B 281 -23.18 -10.28 -20.70
N THR B 282 -23.56 -11.06 -19.70
CA THR B 282 -24.59 -10.63 -18.76
C THR B 282 -24.09 -9.72 -17.65
N LYS B 283 -22.80 -9.38 -17.65
CA LYS B 283 -22.29 -8.51 -16.59
C LYS B 283 -22.12 -7.07 -17.04
N THR B 284 -22.36 -6.81 -18.33
CA THR B 284 -22.42 -5.45 -18.84
C THR B 284 -23.85 -5.13 -19.24
N VAL B 285 -24.44 -4.14 -18.56
CA VAL B 285 -25.84 -3.82 -18.74
C VAL B 285 -26.06 -2.55 -19.57
N PHE B 286 -27.02 -2.60 -20.47
CA PHE B 286 -27.43 -1.41 -21.22
C PHE B 286 -28.67 -0.79 -20.59
N LEU B 287 -28.55 0.47 -20.18
CA LEU B 287 -29.66 1.17 -19.56
C LEU B 287 -30.38 2.05 -20.59
N SER B 288 -31.56 1.59 -21.02
CA SER B 288 -32.35 2.29 -22.02
C SER B 288 -33.45 3.12 -21.36
N GLY B 289 -33.62 4.37 -21.81
CA GLY B 289 -34.71 5.18 -21.32
C GLY B 289 -34.52 6.69 -21.36
N SER B 290 -35.62 7.39 -21.59
CA SER B 290 -35.67 8.84 -21.50
C SER B 290 -37.01 9.24 -20.88
N ALA B 291 -37.06 10.36 -20.17
CA ALA B 291 -38.30 10.76 -19.52
C ALA B 291 -38.40 12.26 -19.25
N VAL B 292 -39.59 12.81 -19.49
CA VAL B 292 -39.92 14.16 -19.06
C VAL B 292 -40.91 14.05 -17.90
N GLU B 293 -41.79 13.07 -17.99
CA GLU B 293 -42.72 12.76 -16.91
C GLU B 293 -42.34 11.37 -16.42
N TYR B 294 -42.64 11.07 -15.17
CA TYR B 294 -42.20 9.78 -14.64
C TYR B 294 -43.32 8.94 -14.03
N ASN B 295 -44.22 8.48 -14.88
CA ASN B 295 -45.32 7.62 -14.44
C ASN B 295 -46.12 8.12 -13.23
N HIS B 296 -45.91 7.46 -12.10
CA HIS B 296 -46.66 7.78 -10.88
C HIS B 296 -45.77 8.25 -9.73
N TRP B 297 -44.58 8.73 -10.06
CA TRP B 297 -43.66 9.24 -9.05
C TRP B 297 -43.36 10.71 -9.28
N GLU B 298 -42.86 11.36 -8.25
CA GLU B 298 -42.41 12.74 -8.30
C GLU B 298 -41.08 12.79 -9.05
N THR B 299 -40.91 13.83 -9.87
CA THR B 299 -39.74 13.96 -10.73
C THR B 299 -38.45 13.68 -9.94
N GLU B 300 -38.36 14.30 -8.77
CA GLU B 300 -37.18 14.14 -7.94
C GLU B 300 -37.10 12.69 -7.48
N HIS B 301 -38.23 12.10 -7.13
CA HIS B 301 -38.30 10.74 -6.63
C HIS B 301 -37.82 9.74 -7.69
N ALA B 302 -38.26 9.95 -8.93
CA ALA B 302 -37.83 9.10 -10.02
C ALA B 302 -36.33 9.28 -10.15
N GLU B 303 -35.86 10.52 -9.94
CA GLU B 303 -34.43 10.77 -10.03
C GLU B 303 -33.65 9.99 -8.97
N GLN B 304 -34.21 9.83 -7.78
CA GLN B 304 -33.52 9.05 -6.76
C GLN B 304 -33.58 7.58 -7.15
N PHE B 305 -34.66 7.18 -7.82
CA PHE B 305 -34.78 5.77 -8.24
C PHE B 305 -33.71 5.41 -9.28
N ILE B 306 -33.62 6.18 -10.35
CA ILE B 306 -32.61 5.96 -11.38
C ILE B 306 -31.20 6.04 -10.79
N HIS B 307 -30.96 7.09 -9.99
CA HIS B 307 -29.67 7.27 -9.35
C HIS B 307 -29.19 6.03 -8.60
N GLN B 308 -29.98 5.55 -7.64
CA GLN B 308 -29.47 4.46 -6.81
C GLN B 308 -29.59 3.08 -7.47
N LEU B 309 -30.48 2.96 -8.46
CA LEU B 309 -30.49 1.76 -9.29
C LEU B 309 -29.15 1.63 -9.96
N SER B 310 -28.69 2.72 -10.56
CA SER B 310 -27.36 2.75 -11.17
C SER B 310 -26.29 2.45 -10.14
N LYS B 311 -26.42 3.05 -8.97
CA LYS B 311 -25.38 2.96 -7.94
C LYS B 311 -25.22 1.51 -7.43
N GLU B 312 -26.29 0.73 -7.36
CA GLU B 312 -26.07 -0.66 -6.90
C GLU B 312 -26.07 -1.61 -8.12
N LEU B 313 -26.17 -1.05 -9.31
CA LEU B 313 -25.73 -1.81 -10.48
C LEU B 313 -24.22 -1.84 -10.39
N ILE B 314 -23.62 -0.70 -10.08
CA ILE B 314 -22.18 -0.63 -9.95
C ILE B 314 -21.71 -1.39 -8.69
N ARG B 315 -22.52 -1.35 -7.63
CA ARG B 315 -22.15 -2.03 -6.38
C ARG B 315 -22.01 -3.55 -6.51
N LYS B 316 -22.81 -4.19 -7.37
CA LYS B 316 -22.69 -5.63 -7.57
C LYS B 316 -21.84 -5.92 -8.81
N ASP B 317 -20.81 -5.11 -8.99
CA ASP B 317 -19.78 -5.37 -10.01
C ASP B 317 -20.34 -5.44 -11.44
N PHE B 318 -21.45 -4.76 -11.71
CA PHE B 318 -21.97 -4.70 -13.07
C PHE B 318 -21.36 -3.53 -13.84
N ASN B 319 -21.46 -3.62 -15.16
CA ASN B 319 -20.98 -2.55 -16.03
C ASN B 319 -22.16 -1.91 -16.75
N ILE B 320 -22.11 -0.60 -16.94
CA ILE B 320 -23.21 0.13 -17.55
C ILE B 320 -22.84 0.79 -18.87
N VAL B 321 -23.68 0.56 -19.89
CA VAL B 321 -23.58 1.28 -21.15
C VAL B 321 -24.83 2.14 -21.31
N SER B 322 -24.64 3.44 -21.54
CA SER B 322 -25.77 4.37 -21.58
C SER B 322 -25.78 5.25 -22.82
N GLY B 323 -26.97 5.47 -23.37
CA GLY B 323 -27.12 6.36 -24.50
C GLY B 323 -27.39 7.79 -24.06
N PHE B 324 -27.38 8.00 -22.75
CA PHE B 324 -27.54 9.33 -22.15
C PHE B 324 -28.84 9.99 -22.61
N GLY B 325 -29.96 9.27 -22.45
CA GLY B 325 -31.25 9.82 -22.79
C GLY B 325 -31.67 10.92 -21.84
N LEU B 326 -32.32 11.95 -22.38
CA LEU B 326 -32.75 13.10 -21.58
C LEU B 326 -33.74 12.67 -20.49
N GLY B 327 -33.38 12.97 -19.24
CA GLY B 327 -34.24 12.63 -18.12
C GLY B 327 -33.78 11.39 -17.38
N VAL B 328 -32.79 10.70 -17.95
CA VAL B 328 -32.28 9.48 -17.34
C VAL B 328 -30.75 9.50 -17.20
N GLY B 329 -30.07 9.88 -18.28
CA GLY B 329 -28.62 9.82 -18.36
C GLY B 329 -27.84 10.46 -17.22
N SER B 330 -28.19 11.71 -16.89
CA SER B 330 -27.46 12.48 -15.88
C SER B 330 -27.51 11.81 -14.51
N PHE B 331 -28.62 11.12 -14.24
CA PHE B 331 -28.84 10.51 -12.94
C PHE B 331 -28.20 9.13 -12.88
N VAL B 332 -28.13 8.46 -14.03
CA VAL B 332 -27.34 7.25 -14.16
C VAL B 332 -25.89 7.59 -13.85
N ILE B 333 -25.40 8.66 -14.48
CA ILE B 333 -24.05 9.15 -14.28
C ILE B 333 -23.81 9.50 -12.81
N ASN B 334 -24.71 10.26 -12.21
CA ASN B 334 -24.59 10.62 -10.79
C ASN B 334 -24.51 9.41 -9.89
N GLY B 335 -25.43 8.46 -10.10
CA GLY B 335 -25.46 7.23 -9.33
C GLY B 335 -24.17 6.44 -9.46
N VAL B 336 -23.61 6.43 -10.67
CA VAL B 336 -22.35 5.74 -10.90
C VAL B 336 -21.20 6.44 -10.19
N LEU B 337 -21.14 7.76 -10.32
CA LEU B 337 -20.04 8.53 -9.75
C LEU B 337 -20.03 8.51 -8.23
N GLU B 338 -21.21 8.41 -7.63
CA GLU B 338 -21.30 8.29 -6.17
C GLU B 338 -20.53 7.09 -5.65
N GLU B 339 -20.64 5.96 -6.36
CA GLU B 339 -19.95 4.74 -5.96
C GLU B 339 -18.52 4.68 -6.48
N LEU B 340 -18.27 5.31 -7.62
CA LEU B 340 -16.97 5.22 -8.27
C LEU B 340 -15.97 6.26 -7.74
N TYR B 341 -16.48 7.42 -7.32
CA TYR B 341 -15.60 8.48 -6.81
C TYR B 341 -15.38 8.31 -5.31
N MSE B 342 -15.88 7.21 -4.75
CA MSE B 342 -15.69 6.91 -3.34
C MSE B 342 -14.23 6.55 -3.08
O MSE B 342 -13.62 5.82 -3.86
CB MSE B 342 -16.61 5.76 -2.91
CG MSE B 342 -16.90 5.72 -1.42
SE MSE B 342 -18.11 7.15 -0.85
CE MSE B 342 -18.53 6.49 0.93
N ASN B 343 -13.69 7.08 -1.99
CA ASN B 343 -12.29 6.85 -1.60
C ASN B 343 -11.32 7.25 -2.71
N THR B 346 -11.22 7.99 -10.16
CA THR B 346 -11.34 8.11 -11.61
C THR B 346 -12.34 7.10 -12.17
N ILE B 347 -12.84 7.37 -13.38
CA ILE B 347 -13.78 6.48 -14.03
C ILE B 347 -13.08 5.41 -14.85
N ASP B 348 -13.18 4.16 -14.41
CA ASP B 348 -12.73 3.05 -15.23
C ASP B 348 -13.74 2.92 -16.37
N ASP B 349 -13.26 2.77 -17.60
CA ASP B 349 -14.17 2.77 -18.74
C ASP B 349 -14.80 1.41 -18.95
N ASP B 350 -14.38 0.41 -18.19
CA ASP B 350 -15.03 -0.89 -18.31
C ASP B 350 -16.21 -0.90 -17.36
N ARG B 351 -16.39 0.20 -16.63
CA ARG B 351 -17.48 0.35 -15.68
C ARG B 351 -18.65 1.17 -16.25
N LEU B 352 -18.30 2.23 -16.98
CA LEU B 352 -19.31 3.12 -17.55
C LEU B 352 -18.91 3.57 -18.96
N ILE B 353 -19.74 3.24 -19.94
CA ILE B 353 -19.51 3.70 -21.30
C ILE B 353 -20.70 4.54 -21.76
N LEU B 354 -20.44 5.82 -22.03
CA LEU B 354 -21.49 6.74 -22.45
C LEU B 354 -21.47 6.95 -23.95
N ARG B 355 -22.62 6.80 -24.58
CA ARG B 355 -22.75 7.00 -26.02
C ARG B 355 -23.90 7.95 -26.35
N PRO B 356 -23.73 9.25 -26.04
CA PRO B 356 -24.77 10.23 -26.38
C PRO B 356 -24.97 10.32 -27.89
N PHE B 357 -26.21 10.52 -28.32
CA PHE B 357 -26.53 10.56 -29.74
C PHE B 357 -26.21 11.92 -30.35
N PRO B 358 -25.57 11.91 -31.53
CA PRO B 358 -25.31 13.15 -32.27
C PRO B 358 -26.59 13.72 -32.88
N GLN B 359 -26.84 15.00 -32.64
CA GLN B 359 -28.06 15.64 -33.13
C GLN B 359 -27.83 16.29 -34.50
N GLY B 360 -28.88 16.29 -35.32
CA GLY B 360 -28.80 16.82 -36.66
C GLY B 360 -29.06 15.72 -37.68
N LYS B 361 -29.19 16.10 -38.95
CA LYS B 361 -29.50 15.15 -40.00
C LYS B 361 -28.39 14.11 -40.15
N LYS B 362 -27.15 14.58 -40.17
CA LYS B 362 -26.00 13.71 -40.34
C LYS B 362 -25.83 12.66 -39.22
N GLY B 363 -26.20 13.03 -38.01
CA GLY B 363 -26.17 12.12 -36.87
C GLY B 363 -27.28 11.08 -36.91
N GLU B 364 -28.49 11.56 -37.18
CA GLU B 364 -29.66 10.70 -37.23
C GLU B 364 -29.50 9.73 -38.39
N GLU B 365 -28.62 10.08 -39.33
CA GLU B 365 -28.31 9.19 -40.45
C GLU B 365 -27.66 7.88 -39.98
N GLN B 366 -26.97 7.92 -38.85
CA GLN B 366 -26.29 6.74 -38.33
C GLN B 366 -26.67 6.43 -36.89
N TRP B 367 -27.82 6.94 -36.48
CA TRP B 367 -28.33 6.64 -35.14
C TRP B 367 -28.56 5.15 -34.93
N ASP B 368 -28.97 4.45 -35.99
CA ASP B 368 -29.28 3.03 -35.93
C ASP B 368 -28.03 2.18 -35.68
N LYS B 369 -27.00 2.39 -36.50
CA LYS B 369 -25.74 1.69 -36.34
C LYS B 369 -25.12 2.04 -35.01
N TYR B 370 -25.31 3.29 -34.60
CA TYR B 370 -24.85 3.77 -33.30
C TYR B 370 -25.48 2.96 -32.16
N ARG B 371 -26.80 2.78 -32.25
CA ARG B 371 -27.54 2.04 -31.23
C ARG B 371 -27.14 0.57 -31.18
N ARG B 372 -27.10 -0.09 -32.34
CA ARG B 372 -26.65 -1.48 -32.37
C ARG B 372 -25.23 -1.63 -31.85
N ASP B 373 -24.39 -0.65 -32.13
CA ASP B 373 -23.02 -0.66 -31.67
C ASP B 373 -22.95 -0.61 -30.15
N MSE B 374 -23.70 0.31 -29.53
CA MSE B 374 -23.64 0.42 -28.07
C MSE B 374 -24.31 -0.77 -27.39
O MSE B 374 -23.91 -1.15 -26.28
CB MSE B 374 -24.27 1.73 -27.60
CG MSE B 374 -25.78 1.71 -27.49
SE MSE B 374 -26.48 3.46 -27.01
CE MSE B 374 -25.83 4.44 -28.55
N ILE B 375 -25.32 -1.36 -28.03
CA ILE B 375 -26.02 -2.49 -27.43
C ILE B 375 -25.23 -3.79 -27.59
N THR B 376 -24.39 -3.85 -28.61
CA THR B 376 -23.56 -5.03 -28.87
C THR B 376 -22.65 -5.31 -27.68
N ARG B 377 -22.25 -4.25 -26.99
CA ARG B 377 -21.39 -4.34 -25.82
C ARG B 377 -22.04 -5.07 -24.65
N THR B 378 -23.36 -5.16 -24.68
CA THR B 378 -24.12 -5.67 -23.54
C THR B 378 -24.83 -6.99 -23.84
N GLY B 379 -25.28 -7.65 -22.79
CA GLY B 379 -25.99 -8.91 -22.92
C GLY B 379 -27.32 -8.84 -22.20
N VAL B 380 -27.54 -7.77 -21.45
CA VAL B 380 -28.80 -7.52 -20.77
C VAL B 380 -29.18 -6.05 -20.85
N SER B 381 -30.43 -5.78 -21.23
CA SER B 381 -30.92 -4.42 -21.37
C SER B 381 -32.07 -4.13 -20.41
N ILE B 382 -31.87 -3.14 -19.54
CA ILE B 382 -32.93 -2.71 -18.64
C ILE B 382 -33.63 -1.48 -19.22
N PHE B 383 -34.95 -1.49 -19.21
CA PHE B 383 -35.72 -0.42 -19.85
C PHE B 383 -36.52 0.41 -18.84
N LEU B 384 -36.27 1.71 -18.85
CA LEU B 384 -36.93 2.62 -17.93
C LEU B 384 -37.73 3.69 -18.66
N TYR B 385 -39.00 3.83 -18.29
CA TYR B 385 -39.87 4.88 -18.80
C TYR B 385 -39.95 4.91 -20.32
N GLY B 386 -39.56 6.04 -20.91
CA GLY B 386 -39.57 6.18 -22.35
C GLY B 386 -40.55 7.22 -22.89
N ASN B 387 -40.44 8.45 -22.39
CA ASN B 387 -41.30 9.53 -22.84
C ASN B 387 -40.46 10.74 -23.26
N LYS B 388 -41.04 11.61 -24.07
CA LYS B 388 -40.31 12.69 -24.70
C LYS B 388 -41.12 13.98 -24.67
N ILE B 389 -40.96 14.77 -25.72
CA ILE B 389 -41.67 16.02 -25.91
C ILE B 389 -41.62 16.15 -27.42
N ASP B 390 -42.77 16.36 -28.04
CA ASP B 390 -42.87 16.45 -29.50
C ASP B 390 -43.40 17.80 -29.96
N LYS B 391 -44.35 18.34 -29.21
CA LYS B 391 -44.90 19.64 -29.60
C LYS B 391 -45.58 20.38 -28.44
N GLY B 392 -45.13 20.11 -27.22
CA GLY B 392 -45.67 20.73 -26.03
C GLY B 392 -46.18 19.66 -25.08
N GLN B 393 -46.45 18.49 -25.66
CA GLN B 393 -47.01 17.37 -24.92
C GLN B 393 -46.05 16.21 -24.74
N VAL B 394 -46.35 15.40 -23.74
CA VAL B 394 -45.59 14.21 -23.43
C VAL B 394 -45.96 13.11 -24.42
N VAL B 395 -44.96 12.55 -25.09
CA VAL B 395 -45.19 11.51 -26.07
C VAL B 395 -44.22 10.34 -25.83
N LYS B 396 -44.67 9.12 -26.12
CA LYS B 396 -43.85 7.93 -26.00
C LYS B 396 -42.60 8.03 -26.87
N ALA B 397 -41.47 7.56 -26.33
CA ALA B 397 -40.18 7.66 -27.01
C ALA B 397 -39.89 6.44 -27.87
N LYS B 398 -40.00 6.61 -29.19
CA LYS B 398 -39.75 5.55 -30.16
C LYS B 398 -38.36 4.93 -30.02
N GLY B 399 -37.40 5.74 -29.56
CA GLY B 399 -36.03 5.28 -29.38
C GLY B 399 -35.89 4.09 -28.46
N VAL B 400 -36.66 4.10 -27.37
CA VAL B 400 -36.63 3.01 -26.40
C VAL B 400 -37.16 1.72 -27.02
N GLN B 401 -38.19 1.85 -27.85
CA GLN B 401 -38.76 0.71 -28.57
C GLN B 401 -37.77 0.15 -29.59
N SER B 402 -37.07 1.04 -30.27
CA SER B 402 -36.02 0.63 -31.21
C SER B 402 -34.92 -0.12 -30.49
N GLU B 403 -34.50 0.41 -29.35
CA GLU B 403 -33.46 -0.22 -28.55
C GLU B 403 -33.90 -1.57 -28.00
N PHE B 404 -35.19 -1.70 -27.71
CA PHE B 404 -35.73 -3.00 -27.29
C PHE B 404 -35.65 -4.01 -28.43
N ASN B 405 -36.16 -3.61 -29.60
CA ASN B 405 -36.09 -4.48 -30.77
C ASN B 405 -34.66 -4.94 -31.05
N ILE B 406 -33.74 -3.99 -31.11
CA ILE B 406 -32.33 -4.29 -31.33
C ILE B 406 -31.78 -5.21 -30.26
N SER B 407 -32.18 -4.98 -29.01
CA SER B 407 -31.78 -5.84 -27.91
C SER B 407 -32.21 -7.29 -28.16
N PHE B 408 -33.43 -7.48 -28.65
CA PHE B 408 -33.94 -8.84 -28.83
C PHE B 408 -33.38 -9.52 -30.09
N GLU B 409 -33.07 -8.74 -31.11
CA GLU B 409 -32.47 -9.30 -32.33
C GLU B 409 -31.03 -9.67 -32.09
N GLN B 410 -30.48 -9.23 -30.96
CA GLN B 410 -29.09 -9.50 -30.61
C GLN B 410 -29.02 -10.62 -29.57
N ASN B 411 -30.16 -11.25 -29.35
CA ASN B 411 -30.34 -12.28 -28.32
C ASN B 411 -29.77 -11.77 -26.98
N ASN B 412 -30.26 -10.60 -26.57
CA ASN B 412 -29.97 -10.07 -25.24
C ASN B 412 -31.17 -10.24 -24.33
N TYR B 413 -30.93 -10.40 -23.05
CA TYR B 413 -32.02 -10.52 -22.08
C TYR B 413 -32.72 -9.17 -21.95
N VAL B 414 -34.04 -9.16 -22.10
CA VAL B 414 -34.80 -7.92 -22.08
C VAL B 414 -35.54 -7.76 -20.75
N VAL B 415 -35.25 -6.68 -20.05
CA VAL B 415 -35.83 -6.44 -18.73
C VAL B 415 -36.53 -5.08 -18.67
N PRO B 416 -37.80 -5.03 -19.08
CA PRO B 416 -38.62 -3.81 -19.03
C PRO B 416 -39.29 -3.62 -17.65
N VAL B 417 -38.98 -2.50 -17.01
CA VAL B 417 -39.53 -2.16 -15.70
C VAL B 417 -40.89 -1.47 -15.76
N GLY B 418 -41.95 -2.25 -15.62
CA GLY B 418 -43.31 -1.73 -15.70
C GLY B 418 -43.66 -0.89 -14.50
N ILE B 423 -43.48 3.51 -22.09
CA ILE B 423 -42.96 2.57 -23.07
C ILE B 423 -42.41 1.32 -22.40
N ALA B 424 -41.84 1.51 -21.21
CA ALA B 424 -41.39 0.39 -20.37
C ALA B 424 -42.51 -0.61 -20.12
N LYS B 425 -43.66 -0.10 -19.70
CA LYS B 425 -44.83 -0.91 -19.44
C LYS B 425 -45.26 -1.70 -20.69
N ASP B 426 -45.28 -1.01 -21.83
CA ASP B 426 -45.63 -1.62 -23.11
C ASP B 426 -44.78 -2.85 -23.42
N LEU B 427 -43.47 -2.72 -23.16
CA LEU B 427 -42.53 -3.81 -23.41
C LEU B 427 -42.71 -4.89 -22.37
N TRP B 428 -43.09 -4.49 -21.16
CA TRP B 428 -43.37 -5.48 -20.13
C TRP B 428 -44.58 -6.32 -20.51
N ASN B 429 -45.56 -5.74 -21.18
CA ASN B 429 -46.70 -6.53 -21.63
C ASN B 429 -46.32 -7.39 -22.84
N LYS B 430 -45.43 -6.85 -23.66
CA LYS B 430 -44.92 -7.60 -24.81
C LYS B 430 -44.12 -8.81 -24.35
N VAL B 431 -43.55 -8.73 -23.16
CA VAL B 431 -42.75 -9.82 -22.63
C VAL B 431 -43.61 -10.78 -21.81
N ASN B 432 -44.51 -10.22 -21.00
CA ASN B 432 -45.40 -11.02 -20.15
C ASN B 432 -46.39 -11.90 -20.91
N GLU B 433 -46.91 -11.42 -22.03
CA GLU B 433 -47.76 -12.30 -22.83
C GLU B 433 -46.98 -13.41 -23.55
N GLU B 434 -45.91 -13.05 -24.23
CA GLU B 434 -45.12 -14.03 -24.96
C GLU B 434 -43.88 -14.40 -24.14
N PHE B 435 -44.11 -14.79 -22.89
CA PHE B 435 -43.02 -14.95 -21.92
C PHE B 435 -42.19 -16.21 -22.14
N GLU B 436 -42.73 -17.17 -22.89
CA GLU B 436 -41.99 -18.39 -23.17
C GLU B 436 -40.93 -18.09 -24.22
N THR B 437 -41.12 -16.98 -24.93
CA THR B 437 -40.23 -16.59 -26.01
C THR B 437 -39.04 -15.75 -25.53
N TYR B 438 -39.06 -15.35 -24.26
CA TYR B 438 -38.00 -14.49 -23.73
C TYR B 438 -37.24 -15.13 -22.59
N TYR B 439 -37.95 -15.84 -21.72
CA TYR B 439 -37.31 -16.51 -20.59
C TYR B 439 -37.83 -17.92 -20.39
N PRO B 440 -37.33 -18.88 -21.19
CA PRO B 440 -37.73 -20.29 -21.02
C PRO B 440 -37.26 -20.87 -19.70
N GLY B 441 -38.08 -20.74 -18.66
CA GLY B 441 -37.74 -21.23 -17.34
C GLY B 441 -38.50 -20.47 -16.27
N ALA B 442 -38.34 -20.89 -15.02
CA ALA B 442 -39.05 -20.26 -13.92
C ALA B 442 -38.14 -20.10 -12.70
N MSE B 446 -38.02 -16.47 -10.66
CA MSE B 446 -37.93 -15.64 -11.84
C MSE B 446 -39.27 -15.05 -12.23
O MSE B 446 -39.41 -13.83 -12.37
CB MSE B 446 -37.36 -16.43 -13.02
CG MSE B 446 -35.93 -16.09 -13.37
SE MSE B 446 -35.28 -16.98 -14.97
CE MSE B 446 -35.10 -18.78 -14.26
N LYS B 447 -40.27 -15.91 -12.41
CA LYS B 447 -41.59 -15.49 -12.88
C LYS B 447 -42.25 -14.51 -11.92
N LYS B 448 -42.04 -14.70 -10.62
CA LYS B 448 -42.59 -13.80 -9.62
C LYS B 448 -41.94 -12.42 -9.68
N LEU B 449 -40.62 -12.40 -9.84
CA LEU B 449 -39.87 -11.14 -9.90
C LEU B 449 -40.21 -10.32 -11.14
N PHE B 450 -40.32 -11.01 -12.27
CA PHE B 450 -40.66 -10.38 -13.53
C PHE B 450 -42.03 -9.70 -13.44
N GLY B 451 -42.98 -10.38 -12.84
CA GLY B 451 -44.29 -9.80 -12.60
C GLY B 451 -44.21 -8.69 -11.57
N GLU B 452 -43.22 -8.79 -10.67
CA GLU B 452 -43.06 -7.80 -9.61
C GLU B 452 -42.38 -6.54 -10.13
N LEU B 453 -41.90 -6.61 -11.37
CA LEU B 453 -41.28 -5.47 -12.03
C LEU B 453 -42.34 -4.53 -12.60
N ASN B 454 -43.56 -5.02 -12.76
CA ASN B 454 -44.65 -4.23 -13.32
C ASN B 454 -45.64 -3.72 -12.30
N LEU B 458 -44.48 -1.20 -6.38
CA LEU B 458 -43.71 -1.30 -5.15
C LEU B 458 -42.92 -0.03 -4.87
N SER B 459 -42.06 -0.12 -3.86
CA SER B 459 -41.25 1.01 -3.42
C SER B 459 -39.98 1.10 -4.26
N ILE B 460 -39.12 2.05 -3.93
CA ILE B 460 -37.87 2.25 -4.68
C ILE B 460 -36.84 1.16 -4.34
N GLU B 461 -36.61 0.95 -3.05
CA GLU B 461 -35.70 -0.11 -2.60
C GLU B 461 -36.17 -1.46 -3.13
N GLU B 462 -37.48 -1.68 -3.07
CA GLU B 462 -38.06 -2.95 -3.49
C GLU B 462 -37.93 -3.17 -4.99
N LEU B 463 -38.19 -2.13 -5.76
CA LEU B 463 -38.08 -2.22 -7.22
C LEU B 463 -36.63 -2.44 -7.64
N ILE B 464 -35.71 -1.68 -7.03
CA ILE B 464 -34.30 -1.81 -7.33
C ILE B 464 -33.79 -3.22 -7.00
N ASN B 465 -34.16 -3.72 -5.82
CA ASN B 465 -33.81 -5.09 -5.43
C ASN B 465 -34.40 -6.13 -6.36
N THR B 466 -35.62 -5.90 -6.80
CA THR B 466 -36.29 -6.77 -7.76
C THR B 466 -35.49 -6.88 -9.05
N ILE B 467 -35.20 -5.72 -9.64
CA ILE B 467 -34.47 -5.63 -10.89
C ILE B 467 -33.11 -6.31 -10.78
N ILE B 468 -32.34 -5.86 -9.80
CA ILE B 468 -30.98 -6.35 -9.58
C ILE B 468 -30.94 -7.86 -9.30
N GLU B 469 -31.84 -8.38 -8.47
CA GLU B 469 -31.80 -9.80 -8.17
C GLU B 469 -32.26 -10.62 -9.38
N PHE B 470 -33.14 -10.03 -10.20
CA PHE B 470 -33.56 -10.70 -11.43
C PHE B 470 -32.38 -10.83 -12.39
N VAL B 471 -31.66 -9.73 -12.57
CA VAL B 471 -30.51 -9.69 -13.46
C VAL B 471 -29.42 -10.60 -12.91
N GLU B 472 -29.38 -10.72 -11.58
CA GLU B 472 -28.44 -11.59 -10.90
C GLU B 472 -28.75 -13.05 -11.20
N ILE B 473 -30.03 -13.39 -11.19
CA ILE B 473 -30.47 -14.73 -11.54
C ILE B 473 -30.10 -15.02 -12.99
N LEU B 474 -30.20 -14.01 -13.86
CA LEU B 474 -29.77 -14.19 -15.23
C LEU B 474 -28.26 -14.46 -15.28
N SER B 475 -27.51 -13.70 -14.50
CA SER B 475 -26.06 -13.86 -14.41
C SER B 475 -25.70 -14.86 -13.32
N ASN B 476 -26.06 -16.13 -13.51
CA ASN B 476 -25.83 -17.18 -12.51
C ASN B 476 -24.40 -17.24 -12.00
N HIS C 2 -24.47 12.31 25.61
CA HIS C 2 -25.13 12.19 24.32
C HIS C 2 -25.83 10.85 24.17
N MSE C 3 -25.11 9.78 24.48
CA MSE C 3 -25.63 8.43 24.33
C MSE C 3 -25.95 7.83 25.70
O MSE C 3 -25.77 8.49 26.73
CB MSE C 3 -24.63 7.55 23.58
CG MSE C 3 -24.13 8.18 22.28
SE MSE C 3 -22.63 7.26 21.45
CE MSE C 3 -23.62 5.94 20.39
N ASN C 4 -26.44 6.59 25.72
CA ASN C 4 -26.84 5.94 26.97
C ASN C 4 -25.63 5.68 27.87
N PRO C 5 -25.84 5.71 29.21
CA PRO C 5 -24.78 5.59 30.21
C PRO C 5 -23.82 4.43 30.01
N ILE C 6 -24.31 3.30 29.51
CA ILE C 6 -23.45 2.14 29.27
C ILE C 6 -22.41 2.45 28.19
N VAL C 7 -22.90 2.98 27.06
CA VAL C 7 -22.05 3.34 25.94
C VAL C 7 -21.06 4.43 26.35
N GLU C 8 -21.53 5.41 27.12
CA GLU C 8 -20.68 6.49 27.60
C GLU C 8 -19.56 5.97 28.50
N LEU C 9 -19.94 5.04 29.38
CA LEU C 9 -18.99 4.40 30.29
C LEU C 9 -17.92 3.67 29.50
N PHE C 10 -18.34 2.93 28.50
CA PHE C 10 -17.41 2.25 27.60
C PHE C 10 -16.48 3.25 26.95
N ILE C 11 -17.04 4.37 26.51
CA ILE C 11 -16.26 5.41 25.85
C ILE C 11 -15.16 5.90 26.78
N LYS C 12 -15.48 6.06 28.06
CA LYS C 12 -14.49 6.56 29.02
C LYS C 12 -13.41 5.53 29.30
N ASP C 13 -13.84 4.29 29.56
CA ASP C 13 -12.90 3.23 29.92
C ASP C 13 -11.93 2.94 28.78
N PHE C 14 -12.48 2.78 27.57
CA PHE C 14 -11.65 2.46 26.42
C PHE C 14 -10.82 3.66 25.99
N THR C 15 -11.34 4.87 26.20
CA THR C 15 -10.55 6.07 25.95
C THR C 15 -9.31 6.04 26.84
N LYS C 16 -9.52 5.72 28.11
CA LYS C 16 -8.42 5.61 29.06
C LYS C 16 -7.41 4.55 28.61
N GLU C 17 -7.90 3.38 28.21
CA GLU C 17 -7.02 2.30 27.78
C GLU C 17 -6.28 2.62 26.48
N VAL C 18 -6.96 3.30 25.55
CA VAL C 18 -6.34 3.68 24.29
C VAL C 18 -5.28 4.75 24.51
N MSE C 19 -5.55 5.68 25.42
CA MSE C 19 -4.67 6.83 25.64
C MSE C 19 -3.30 6.44 26.19
O MSE C 19 -2.30 7.07 25.87
CB MSE C 19 -5.35 7.84 26.57
CG MSE C 19 -4.77 9.24 26.47
SE MSE C 19 -6.07 10.63 26.87
CE MSE C 19 -6.64 10.02 28.63
N GLU C 20 -3.26 5.39 27.03
CA GLU C 20 -1.97 4.81 27.46
C GLU C 20 -1.31 3.97 26.38
N GLU C 21 -1.91 3.96 25.19
CA GLU C 21 -1.31 3.35 24.02
C GLU C 21 -1.03 1.84 24.17
N ASN C 22 -1.87 1.14 24.91
CA ASN C 22 -1.70 -0.30 25.06
C ASN C 22 -2.98 -1.07 24.76
N ALA C 23 -3.90 -0.43 24.05
CA ALA C 23 -5.16 -1.05 23.68
C ALA C 23 -5.01 -1.79 22.35
N ALA C 24 -5.82 -2.82 22.15
CA ALA C 24 -5.78 -3.59 20.91
C ALA C 24 -7.17 -3.73 20.29
N ILE C 25 -7.20 -3.91 18.98
CA ILE C 25 -8.46 -4.09 18.25
C ILE C 25 -8.51 -5.48 17.63
N PHE C 26 -9.62 -6.20 17.78
CA PHE C 26 -9.80 -7.42 17.00
C PHE C 26 -10.98 -7.24 16.06
N ALA C 27 -10.69 -7.31 14.77
CA ALA C 27 -11.67 -6.96 13.74
C ALA C 27 -12.20 -8.18 13.01
N GLY C 28 -13.53 -8.30 12.98
CA GLY C 28 -14.18 -9.35 12.22
C GLY C 28 -14.54 -8.87 10.83
N ALA C 29 -15.18 -9.74 10.05
CA ALA C 29 -15.51 -9.44 8.66
C ALA C 29 -16.50 -8.28 8.53
N GLY C 30 -17.29 -8.07 9.58
CA GLY C 30 -18.27 -7.01 9.60
C GLY C 30 -17.68 -5.61 9.44
N LEU C 31 -16.47 -5.43 9.97
CA LEU C 31 -15.80 -4.14 9.91
C LEU C 31 -15.38 -3.78 8.48
N SER C 32 -15.24 -4.79 7.64
CA SER C 32 -14.84 -4.56 6.25
C SER C 32 -16.06 -4.32 5.36
N MSE C 33 -17.22 -4.24 5.98
CA MSE C 33 -18.47 -3.99 5.26
C MSE C 33 -19.04 -2.61 5.59
O MSE C 33 -18.93 -2.14 6.73
CB MSE C 33 -19.50 -5.08 5.60
CG MSE C 33 -19.04 -6.49 5.30
SE MSE C 33 -18.64 -6.77 3.41
CE MSE C 33 -18.55 -8.71 3.37
N SER C 34 -19.65 -1.97 4.59
CA SER C 34 -20.26 -0.67 4.80
C SER C 34 -21.50 -0.77 5.68
N VAL C 35 -22.23 -1.87 5.53
CA VAL C 35 -23.43 -2.11 6.31
C VAL C 35 -23.09 -2.62 7.71
N GLY C 36 -21.83 -3.00 7.91
CA GLY C 36 -21.34 -3.36 9.24
C GLY C 36 -21.44 -4.82 9.61
N TYR C 37 -21.94 -5.66 8.70
CA TYR C 37 -22.09 -7.08 9.01
C TYR C 37 -21.96 -7.96 7.77
N VAL C 38 -21.82 -9.26 8.00
CA VAL C 38 -21.73 -10.24 6.91
C VAL C 38 -22.78 -11.35 7.01
N SER C 39 -23.56 -11.54 5.94
CA SER C 39 -24.51 -12.64 5.89
C SER C 39 -23.77 -13.88 5.37
N TRP C 40 -23.29 -14.70 6.31
CA TRP C 40 -22.39 -15.81 6.02
C TRP C 40 -22.95 -16.85 5.03
N ALA C 41 -24.26 -17.06 5.06
CA ALA C 41 -24.91 -17.98 4.12
C ALA C 41 -24.67 -17.53 2.68
N LYS C 42 -24.94 -16.26 2.40
CA LYS C 42 -24.74 -15.69 1.08
C LYS C 42 -23.28 -15.80 0.67
N LEU C 43 -22.40 -15.79 1.67
CA LEU C 43 -20.97 -15.97 1.44
C LEU C 43 -20.71 -17.41 1.00
N LEU C 44 -21.44 -18.35 1.59
CA LEU C 44 -21.31 -19.75 1.25
C LEU C 44 -21.91 -20.08 -0.13
N GLU C 45 -22.82 -19.22 -0.60
CA GLU C 45 -23.53 -19.47 -1.86
C GLU C 45 -22.67 -19.66 -3.12
N PRO C 46 -21.60 -18.85 -3.31
CA PRO C 46 -20.78 -19.07 -4.52
C PRO C 46 -20.16 -20.46 -4.64
N ILE C 47 -20.19 -21.22 -3.55
CA ILE C 47 -19.75 -22.61 -3.57
C ILE C 47 -20.99 -23.51 -3.60
N ALA C 48 -22.09 -22.98 -3.09
CA ALA C 48 -23.39 -23.65 -3.06
C ALA C 48 -24.21 -23.44 -4.34
N GLN C 49 -23.72 -22.59 -5.23
CA GLN C 49 -24.46 -22.25 -6.45
C GLN C 49 -24.59 -23.37 -7.49
N GLU C 50 -23.66 -24.32 -7.50
CA GLU C 50 -23.80 -25.45 -8.43
C GLU C 50 -24.85 -26.41 -7.92
N ILE C 51 -24.52 -27.18 -6.88
CA ILE C 51 -25.47 -28.06 -6.22
C ILE C 51 -25.50 -27.73 -4.74
N GLY C 52 -26.64 -27.25 -4.26
CA GLY C 52 -26.80 -26.90 -2.86
C GLY C 52 -27.68 -27.87 -2.10
N ASN C 59 -25.44 -33.05 4.76
CA ASN C 59 -25.71 -34.17 3.86
C ASN C 59 -24.89 -34.08 2.59
N ASP C 60 -25.13 -33.03 1.81
CA ASP C 60 -24.36 -32.78 0.58
C ASP C 60 -23.08 -32.03 0.91
N LEU C 61 -23.02 -31.50 2.13
CA LEU C 61 -21.90 -30.67 2.58
C LEU C 61 -20.61 -31.47 2.81
N VAL C 62 -20.75 -32.77 3.07
CA VAL C 62 -19.59 -33.61 3.32
C VAL C 62 -18.81 -33.85 2.03
N SER C 63 -19.50 -33.83 0.90
CA SER C 63 -18.85 -33.97 -0.40
C SER C 63 -17.96 -32.77 -0.65
N LEU C 64 -18.46 -31.59 -0.27
CA LEU C 64 -17.70 -30.35 -0.38
C LEU C 64 -16.52 -30.34 0.58
N ALA C 65 -16.78 -30.80 1.80
CA ALA C 65 -15.74 -30.86 2.83
C ALA C 65 -14.60 -31.78 2.42
N GLN C 66 -14.94 -32.90 1.78
CA GLN C 66 -13.94 -33.86 1.35
C GLN C 66 -13.28 -33.43 0.04
N TYR C 67 -13.95 -32.59 -0.73
CA TYR C 67 -13.32 -31.99 -1.91
C TYR C 67 -12.26 -31.00 -1.46
N TYR C 68 -12.64 -30.13 -0.53
CA TYR C 68 -11.74 -29.10 0.00
C TYR C 68 -10.56 -29.70 0.73
N CYS C 69 -10.80 -30.77 1.47
CA CYS C 69 -9.75 -31.42 2.26
C CYS C 69 -9.10 -32.58 1.52
N ASN C 70 -9.19 -32.56 0.19
CA ASN C 70 -8.56 -33.58 -0.64
C ASN C 70 -7.05 -33.38 -0.73
N GLU C 71 -6.33 -34.47 -0.95
CA GLU C 71 -4.87 -34.44 -1.08
C GLU C 71 -4.42 -33.43 -2.13
N ASN C 72 -5.17 -33.34 -3.22
CA ASN C 72 -4.90 -32.34 -4.25
C ASN C 72 -5.21 -30.94 -3.75
N GLN C 73 -4.16 -30.13 -3.58
CA GLN C 73 -4.30 -28.81 -2.97
C GLN C 73 -4.90 -27.81 -3.95
N GLY C 74 -4.98 -28.20 -5.22
CA GLY C 74 -5.64 -27.39 -6.23
C GLY C 74 -7.09 -27.11 -5.85
N ASN C 75 -7.73 -28.11 -5.26
CA ASN C 75 -9.09 -27.97 -4.73
C ASN C 75 -9.18 -26.81 -3.73
N ARG C 76 -8.37 -26.91 -2.68
CA ARG C 76 -8.24 -25.85 -1.67
C ARG C 76 -8.01 -24.48 -2.29
N GLY C 77 -7.05 -24.41 -3.22
CA GLY C 77 -6.73 -23.16 -3.88
C GLY C 77 -7.92 -22.58 -4.63
N ARG C 78 -8.66 -23.45 -5.32
CA ARG C 78 -9.81 -23.02 -6.10
C ARG C 78 -10.94 -22.49 -5.22
N ILE C 79 -11.29 -23.24 -4.18
CA ILE C 79 -12.38 -22.86 -3.29
C ILE C 79 -12.03 -21.55 -2.56
N ASN C 80 -10.79 -21.49 -2.07
CA ASN C 80 -10.26 -20.29 -1.43
C ASN C 80 -10.35 -19.10 -2.37
N GLN C 81 -9.96 -19.33 -3.62
CA GLN C 81 -9.94 -18.27 -4.62
C GLN C 81 -11.35 -17.72 -4.83
N ILE C 82 -12.31 -18.62 -5.02
CA ILE C 82 -13.69 -18.21 -5.23
C ILE C 82 -14.24 -17.39 -4.05
N ILE C 83 -14.12 -17.93 -2.84
CA ILE C 83 -14.67 -17.25 -1.66
C ILE C 83 -14.00 -15.90 -1.38
N LEU C 84 -12.66 -15.89 -1.41
CA LEU C 84 -11.91 -14.65 -1.23
C LEU C 84 -12.28 -13.61 -2.28
N ASP C 85 -12.37 -14.04 -3.54
CA ASP C 85 -12.81 -13.14 -4.60
C ASP C 85 -14.17 -12.52 -4.28
N GLU C 86 -15.10 -13.32 -3.76
CA GLU C 86 -16.40 -12.78 -3.37
C GLU C 86 -16.20 -11.69 -2.29
N PHE C 87 -15.37 -11.99 -1.29
CA PHE C 87 -15.03 -11.00 -0.27
C PHE C 87 -14.50 -9.69 -0.87
N SER C 88 -13.49 -9.80 -1.72
CA SER C 88 -12.86 -8.66 -2.35
C SER C 88 -13.86 -7.84 -3.16
N ARG C 89 -14.80 -8.50 -3.80
CA ARG C 89 -15.83 -7.79 -4.56
C ARG C 89 -16.90 -7.24 -3.63
N LYS C 90 -16.83 -7.58 -2.34
CA LYS C 90 -17.85 -7.11 -1.40
C LYS C 90 -17.37 -6.18 -0.28
N VAL C 91 -16.09 -5.81 -0.27
CA VAL C 91 -15.56 -5.00 0.83
C VAL C 91 -15.16 -3.59 0.43
N ASP C 92 -15.14 -2.68 1.41
CA ASP C 92 -14.70 -1.30 1.19
C ASP C 92 -14.15 -0.66 2.46
N LEU C 93 -13.43 0.44 2.28
CA LEU C 93 -12.82 1.15 3.38
C LEU C 93 -13.88 2.03 4.03
N THR C 94 -13.87 2.14 5.36
CA THR C 94 -14.87 2.92 6.06
C THR C 94 -14.24 3.96 6.98
N GLU C 95 -15.06 4.90 7.44
CA GLU C 95 -14.61 5.93 8.36
C GLU C 95 -14.06 5.31 9.64
N ASN C 96 -14.60 4.14 10.00
CA ASN C 96 -14.11 3.38 11.14
C ASN C 96 -12.62 3.09 11.03
N HIS C 97 -12.20 2.61 9.86
CA HIS C 97 -10.80 2.31 9.60
C HIS C 97 -9.91 3.54 9.74
N LYS C 98 -10.40 4.68 9.24
CA LYS C 98 -9.64 5.91 9.27
C LYS C 98 -9.49 6.45 10.69
N ILE C 99 -10.59 6.45 11.44
CA ILE C 99 -10.57 6.87 12.85
C ILE C 99 -9.64 5.97 13.65
N LEU C 100 -9.76 4.66 13.47
CA LEU C 100 -8.90 3.70 14.16
C LEU C 100 -7.44 3.93 13.80
N ALA C 101 -7.18 4.24 12.53
CA ALA C 101 -5.84 4.48 12.05
C ALA C 101 -5.24 5.77 12.63
N ARG C 102 -6.08 6.75 12.93
CA ARG C 102 -5.59 7.99 13.54
C ARG C 102 -5.37 7.84 15.05
N LEU C 103 -5.96 6.81 15.64
CA LEU C 103 -5.81 6.57 17.07
C LEU C 103 -4.45 5.92 17.38
N PRO C 104 -3.91 6.22 18.58
CA PRO C 104 -2.62 5.63 18.97
C PRO C 104 -2.73 4.16 19.35
N ILE C 105 -3.40 3.37 18.52
CA ILE C 105 -3.51 1.94 18.72
C ILE C 105 -2.43 1.24 17.91
N HIS C 106 -1.63 0.42 18.59
CA HIS C 106 -0.47 -0.21 17.95
C HIS C 106 -0.66 -1.71 17.73
N THR C 107 -1.81 -2.24 18.14
CA THR C 107 -2.05 -3.67 17.98
C THR C 107 -3.40 -3.98 17.35
N TYR C 108 -3.33 -4.61 16.17
CA TYR C 108 -4.51 -5.05 15.45
C TYR C 108 -4.45 -6.56 15.22
N TRP C 109 -5.50 -7.25 15.65
CA TRP C 109 -5.74 -8.65 15.31
C TRP C 109 -6.91 -8.71 14.36
N THR C 110 -6.85 -9.63 13.40
CA THR C 110 -7.96 -9.80 12.48
C THR C 110 -7.99 -11.19 11.87
N THR C 111 -9.17 -11.64 11.48
CA THR C 111 -9.31 -12.89 10.76
C THR C 111 -9.71 -12.58 9.32
N ASN C 112 -9.69 -11.30 8.97
CA ASN C 112 -10.01 -10.86 7.62
C ASN C 112 -8.83 -11.08 6.68
N TYR C 113 -9.14 -11.27 5.41
CA TYR C 113 -8.10 -11.48 4.40
C TYR C 113 -7.73 -10.16 3.76
N ASP C 114 -8.69 -9.24 3.74
CA ASP C 114 -8.52 -7.93 3.13
C ASP C 114 -7.42 -7.12 3.80
N ARG C 115 -6.94 -6.09 3.10
CA ARG C 115 -5.87 -5.25 3.60
C ARG C 115 -6.33 -3.84 3.98
N LEU C 116 -7.57 -3.75 4.44
CA LEU C 116 -8.18 -2.46 4.78
C LEU C 116 -7.48 -1.76 5.96
N ILE C 117 -7.16 -2.53 6.99
CA ILE C 117 -6.50 -1.97 8.18
C ILE C 117 -5.14 -1.37 7.83
N GLU C 118 -4.32 -2.18 7.15
CA GLU C 118 -2.97 -1.76 6.76
C GLU C 118 -3.04 -0.56 5.80
N LYS C 119 -4.05 -0.58 4.93
CA LYS C 119 -4.28 0.50 3.98
C LYS C 119 -4.59 1.81 4.71
N ALA C 120 -5.51 1.73 5.66
CA ALA C 120 -5.90 2.89 6.47
C ALA C 120 -4.71 3.42 7.26
N LEU C 121 -3.92 2.51 7.83
CA LEU C 121 -2.72 2.89 8.57
C LEU C 121 -1.73 3.64 7.68
N GLU C 122 -1.55 3.15 6.47
CA GLU C 122 -0.58 3.74 5.56
C GLU C 122 -1.06 5.07 4.97
N GLU C 123 -2.37 5.22 4.81
CA GLU C 123 -2.96 6.47 4.36
C GLU C 123 -2.77 7.54 5.44
N GLU C 124 -2.58 7.10 6.68
CA GLU C 124 -2.31 7.99 7.79
C GLU C 124 -0.81 8.12 8.03
N ASN C 125 -0.02 7.67 7.06
CA ASN C 125 1.44 7.71 7.13
C ASN C 125 2.01 6.96 8.34
N LYS C 126 1.38 5.85 8.70
CA LYS C 126 1.92 4.98 9.75
C LYS C 126 2.48 3.73 9.09
N ILE C 127 3.52 3.16 9.71
CA ILE C 127 4.15 1.97 9.17
C ILE C 127 3.58 0.73 9.84
N ALA C 128 3.02 -0.18 9.03
CA ALA C 128 2.37 -1.38 9.55
C ALA C 128 3.23 -2.63 9.39
N ASP C 129 3.47 -3.31 10.49
CA ASP C 129 4.14 -4.61 10.46
C ASP C 129 3.07 -5.68 10.31
N VAL C 130 2.85 -6.12 9.08
CA VAL C 130 1.77 -7.06 8.79
C VAL C 130 2.26 -8.50 8.81
N LYS C 131 1.66 -9.30 9.68
CA LYS C 131 2.06 -10.70 9.85
C LYS C 131 0.90 -11.65 9.55
N TYR C 132 1.06 -12.49 8.54
CA TYR C 132 0.06 -13.52 8.25
C TYR C 132 0.70 -14.90 8.06
N THR C 133 2.03 -14.94 8.07
CA THR C 133 2.74 -16.21 8.07
C THR C 133 3.42 -16.41 9.42
N VAL C 134 3.79 -17.65 9.72
CA VAL C 134 4.47 -17.96 10.98
C VAL C 134 5.85 -17.30 11.05
N LYS C 135 6.57 -17.34 9.94
CA LYS C 135 7.93 -16.80 9.87
C LYS C 135 7.95 -15.30 10.14
N GLN C 136 6.91 -14.60 9.70
CA GLN C 136 6.84 -13.14 9.90
C GLN C 136 6.76 -12.74 11.37
N LEU C 137 6.44 -13.68 12.23
CA LEU C 137 6.39 -13.42 13.66
C LEU C 137 7.80 -13.24 14.22
N ALA C 138 8.78 -13.78 13.51
CA ALA C 138 10.17 -13.71 13.93
C ALA C 138 10.80 -12.36 13.61
N THR C 139 10.13 -11.56 12.79
CA THR C 139 10.68 -10.28 12.37
C THR C 139 10.05 -9.08 13.07
N THR C 140 10.80 -7.99 13.11
CA THR C 140 10.33 -6.73 13.67
C THR C 140 10.59 -5.61 12.66
N LYS C 141 9.53 -5.10 12.04
CA LYS C 141 9.66 -4.07 11.02
C LYS C 141 10.18 -2.76 11.60
N VAL C 142 11.19 -2.20 10.94
CA VAL C 142 11.83 -0.97 11.39
C VAL C 142 10.83 0.19 11.36
N LYS C 143 10.85 1.01 12.41
CA LYS C 143 10.03 2.23 12.49
C LYS C 143 8.54 1.95 12.43
N ARG C 144 8.13 0.74 12.80
CA ARG C 144 6.72 0.38 12.77
C ARG C 144 5.92 1.16 13.80
N ASP C 145 4.68 1.48 13.47
CA ASP C 145 3.78 2.16 14.39
C ASP C 145 2.74 1.20 14.94
N ALA C 146 2.42 0.16 14.16
CA ALA C 146 1.44 -0.83 14.58
C ALA C 146 1.74 -2.21 14.00
N VAL C 147 1.37 -3.24 14.75
CA VAL C 147 1.44 -4.61 14.27
C VAL C 147 0.04 -5.09 13.88
N VAL C 148 -0.06 -5.72 12.71
CA VAL C 148 -1.33 -6.27 12.27
C VAL C 148 -1.21 -7.77 12.04
N TYR C 149 -1.72 -8.54 13.01
CA TYR C 149 -1.78 -10.00 12.92
C TYR C 149 -2.99 -10.43 12.12
N LYS C 150 -2.75 -11.01 10.94
CA LYS C 150 -3.84 -11.55 10.15
C LYS C 150 -3.83 -13.07 10.26
N MSE C 151 -4.46 -13.55 11.33
CA MSE C 151 -4.39 -14.95 11.73
C MSE C 151 -4.81 -15.93 10.65
O MSE C 151 -4.30 -17.04 10.59
CB MSE C 151 -5.25 -15.15 12.97
CG MSE C 151 -4.60 -14.72 14.26
SE MSE C 151 -5.92 -14.70 15.69
CE MSE C 151 -7.22 -15.88 14.85
N HIS C 152 -5.75 -15.52 9.80
CA HIS C 152 -6.32 -16.43 8.80
C HIS C 152 -5.74 -16.22 7.41
N GLY C 153 -4.65 -15.46 7.33
CA GLY C 153 -3.94 -15.28 6.08
C GLY C 153 -4.19 -13.95 5.40
N ASP C 154 -3.71 -13.84 4.15
CA ASP C 154 -3.79 -12.60 3.40
C ASP C 154 -4.42 -12.83 2.02
N VAL C 155 -5.14 -11.84 1.53
CA VAL C 155 -5.89 -11.93 0.28
C VAL C 155 -4.98 -12.17 -0.94
N GLU C 156 -3.74 -11.69 -0.89
CA GLU C 156 -2.80 -11.93 -2.00
C GLU C 156 -2.13 -13.29 -1.91
N HIS C 157 -2.50 -14.06 -0.89
CA HIS C 157 -1.99 -15.42 -0.72
C HIS C 157 -3.16 -16.37 -0.47
N PRO C 158 -4.05 -16.52 -1.45
CA PRO C 158 -5.33 -17.21 -1.27
C PRO C 158 -5.19 -18.68 -0.86
N SER C 159 -4.19 -19.38 -1.38
CA SER C 159 -4.04 -20.81 -1.12
C SER C 159 -3.62 -21.09 0.32
N GLU C 160 -2.99 -20.12 0.96
CA GLU C 160 -2.55 -20.28 2.35
C GLU C 160 -3.61 -19.83 3.33
N ALA C 161 -4.71 -19.29 2.81
CA ALA C 161 -5.77 -18.73 3.63
C ALA C 161 -6.47 -19.80 4.48
N VAL C 162 -6.84 -19.42 5.70
CA VAL C 162 -7.58 -20.30 6.60
C VAL C 162 -9.06 -20.00 6.52
N LEU C 163 -9.84 -20.96 6.01
CA LEU C 163 -11.26 -20.77 5.83
C LEU C 163 -12.08 -21.42 6.95
N ILE C 164 -11.68 -22.62 7.33
CA ILE C 164 -12.40 -23.39 8.34
C ILE C 164 -11.53 -23.72 9.55
N LYS C 165 -12.18 -24.00 10.68
CA LYS C 165 -11.50 -24.36 11.92
C LYS C 165 -10.61 -25.60 11.75
N ASP C 166 -10.95 -26.44 10.77
CA ASP C 166 -10.23 -27.68 10.50
C ASP C 166 -8.71 -27.49 10.42
N ASP C 167 -8.27 -26.36 9.89
CA ASP C 167 -6.84 -26.07 9.77
C ASP C 167 -6.15 -26.09 11.12
N TYR C 168 -6.79 -25.48 12.11
CA TYR C 168 -6.30 -25.51 13.48
C TYR C 168 -6.03 -26.93 13.95
N GLU C 169 -6.87 -27.86 13.47
CA GLU C 169 -6.76 -29.25 13.83
C GLU C 169 -5.66 -29.94 13.02
N LYS C 170 -5.48 -29.51 11.78
CA LYS C 170 -4.50 -30.14 10.89
C LYS C 170 -3.11 -29.52 11.02
N TYR C 171 -3.06 -28.20 11.08
CA TYR C 171 -1.78 -27.49 11.09
C TYR C 171 -1.64 -26.62 12.32
N SER C 172 -1.32 -27.23 13.46
CA SER C 172 -1.14 -26.45 14.68
C SER C 172 0.19 -25.73 14.61
N ILE C 173 1.11 -26.28 13.83
CA ILE C 173 2.45 -25.72 13.67
C ILE C 173 2.39 -24.33 13.01
N LYS C 174 1.31 -24.08 12.27
CA LYS C 174 1.12 -22.78 11.61
C LYS C 174 0.18 -21.85 12.37
N MSE C 175 -0.63 -22.42 13.26
CA MSE C 175 -1.67 -21.64 13.93
C MSE C 175 -1.35 -21.34 15.40
O MSE C 175 -1.64 -20.26 15.90
CB MSE C 175 -3.02 -22.37 13.85
CG MSE C 175 -3.54 -22.51 12.42
SE MSE C 175 -3.77 -20.80 11.51
CE MSE C 175 -2.45 -21.03 10.10
N ASP C 176 -0.75 -22.31 16.09
CA ASP C 176 -0.43 -22.18 17.51
C ASP C 176 0.36 -20.92 17.90
N PRO C 177 1.40 -20.56 17.12
CA PRO C 177 2.10 -19.32 17.49
C PRO C 177 1.19 -18.09 17.52
N TYR C 178 0.27 -18.00 16.57
CA TYR C 178 -0.70 -16.92 16.55
C TYR C 178 -1.65 -17.02 17.75
N ILE C 179 -2.03 -18.24 18.09
CA ILE C 179 -2.88 -18.50 19.25
C ILE C 179 -2.17 -18.06 20.53
N LYS C 180 -0.89 -18.42 20.62
CA LYS C 180 -0.05 -18.03 21.76
C LYS C 180 0.02 -16.50 21.89
N ALA C 181 0.37 -15.84 20.79
CA ALA C 181 0.47 -14.40 20.74
C ALA C 181 -0.84 -13.73 21.17
N LEU C 182 -1.95 -14.25 20.65
CA LEU C 182 -3.26 -13.71 20.96
C LEU C 182 -3.60 -13.89 22.45
N SER C 183 -3.25 -15.05 22.99
CA SER C 183 -3.48 -15.32 24.41
C SER C 183 -2.74 -14.31 25.27
N GLY C 184 -1.45 -14.15 24.98
CA GLY C 184 -0.62 -13.19 25.69
C GLY C 184 -1.20 -11.78 25.62
N ASP C 185 -1.57 -11.36 24.41
CA ASP C 185 -2.14 -10.03 24.21
C ASP C 185 -3.44 -9.84 24.98
N LEU C 186 -4.28 -10.88 25.02
CA LEU C 186 -5.53 -10.79 25.74
C LEU C 186 -5.30 -10.75 27.23
N VAL C 187 -4.16 -11.26 27.67
CA VAL C 187 -3.77 -11.09 29.08
C VAL C 187 -3.29 -9.67 29.33
N SER C 188 -2.53 -9.11 28.38
CA SER C 188 -1.81 -7.86 28.62
C SER C 188 -2.48 -6.60 28.06
N LYS C 189 -3.18 -6.73 26.93
CA LYS C 189 -3.79 -5.56 26.29
C LYS C 189 -5.31 -5.57 26.39
N THR C 190 -5.90 -4.40 26.54
CA THR C 190 -7.36 -4.29 26.57
C THR C 190 -7.90 -4.27 25.13
N PHE C 191 -8.70 -5.28 24.80
CA PHE C 191 -9.21 -5.47 23.45
C PHE C 191 -10.60 -4.89 23.21
N LEU C 192 -10.81 -4.39 22.00
CA LEU C 192 -12.15 -4.09 21.51
C LEU C 192 -12.51 -5.03 20.36
N PHE C 193 -13.47 -5.91 20.59
CA PHE C 193 -13.98 -6.78 19.53
C PHE C 193 -15.06 -6.07 18.73
N VAL C 194 -14.88 -6.04 17.41
CA VAL C 194 -15.85 -5.41 16.52
C VAL C 194 -15.86 -6.10 15.16
N GLY C 195 -17.05 -6.24 14.58
CA GLY C 195 -17.21 -6.92 13.31
C GLY C 195 -17.53 -8.40 13.48
N PHE C 196 -17.86 -8.79 14.71
CA PHE C 196 -18.24 -10.16 15.00
C PHE C 196 -19.72 -10.25 15.40
N SER C 197 -20.44 -11.16 14.74
CA SER C 197 -21.83 -11.45 15.11
C SER C 197 -21.95 -12.88 15.61
N PHE C 198 -23.14 -13.27 16.05
CA PHE C 198 -23.31 -14.60 16.63
C PHE C 198 -23.25 -15.70 15.57
N THR C 199 -23.27 -15.29 14.29
CA THR C 199 -23.17 -16.24 13.19
C THR C 199 -21.74 -16.43 12.71
N ASP C 200 -20.79 -15.79 13.38
CA ASP C 200 -19.38 -15.88 13.00
C ASP C 200 -18.90 -17.32 13.17
N PRO C 201 -18.27 -17.87 12.12
CA PRO C 201 -17.91 -19.30 12.08
C PRO C 201 -16.67 -19.68 12.90
N ASN C 202 -15.85 -18.72 13.31
CA ASN C 202 -14.59 -19.07 13.96
C ASN C 202 -14.33 -18.42 15.32
N LEU C 203 -15.03 -17.34 15.64
CA LEU C 203 -14.74 -16.58 16.86
C LEU C 203 -14.85 -17.38 18.16
N ASP C 204 -15.91 -18.16 18.29
CA ASP C 204 -16.13 -18.93 19.52
C ASP C 204 -15.05 -19.98 19.73
N TYR C 205 -14.60 -20.61 18.64
CA TYR C 205 -13.51 -21.58 18.72
C TYR C 205 -12.22 -20.92 19.21
N ILE C 206 -11.85 -19.84 18.52
CA ILE C 206 -10.65 -19.08 18.82
C ILE C 206 -10.65 -18.64 20.28
N LEU C 207 -11.77 -18.09 20.72
CA LEU C 207 -11.93 -17.67 22.11
C LEU C 207 -11.80 -18.87 23.05
N SER C 208 -12.32 -20.01 22.62
CA SER C 208 -12.24 -21.22 23.43
C SER C 208 -10.78 -21.66 23.57
N ARG C 209 -9.94 -21.26 22.61
CA ARG C 209 -8.52 -21.60 22.70
C ARG C 209 -7.63 -20.51 23.31
N VAL C 210 -8.12 -19.27 23.40
CA VAL C 210 -7.26 -18.18 23.88
C VAL C 210 -7.74 -17.56 25.18
N ARG C 211 -8.91 -18.00 25.66
CA ARG C 211 -9.44 -17.56 26.94
C ARG C 211 -10.01 -18.71 27.76
N SER C 212 -9.90 -18.57 29.08
CA SER C 212 -10.44 -19.57 29.98
C SER C 212 -11.78 -19.10 30.56
N ALA C 213 -12.71 -20.03 30.68
CA ALA C 213 -14.04 -19.73 31.19
C ALA C 213 -14.16 -19.89 32.70
N TYR C 214 -14.99 -19.04 33.31
CA TYR C 214 -15.27 -19.03 34.74
C TYR C 214 -14.07 -18.71 35.65
N GLU C 215 -12.90 -18.53 35.06
CA GLU C 215 -11.72 -18.11 35.81
C GLU C 215 -11.69 -16.60 35.98
N ARG C 216 -11.60 -16.20 37.25
CA ARG C 216 -11.75 -14.80 37.68
C ARG C 216 -10.46 -13.99 37.66
N ASP C 217 -10.64 -12.68 37.71
CA ASP C 217 -9.56 -11.68 37.68
C ASP C 217 -8.97 -11.52 36.30
N GLN C 218 -9.71 -11.96 35.28
CA GLN C 218 -9.25 -11.77 33.92
C GLN C 218 -9.38 -10.31 33.54
N ARG C 219 -8.57 -9.88 32.56
CA ARG C 219 -8.69 -8.54 32.01
C ARG C 219 -10.04 -8.37 31.31
N ARG C 220 -10.66 -7.21 31.50
CA ARG C 220 -11.93 -6.95 30.83
C ARG C 220 -11.69 -6.46 29.41
N HIS C 221 -12.40 -7.08 28.46
CA HIS C 221 -12.37 -6.65 27.07
C HIS C 221 -13.78 -6.24 26.67
N TYR C 222 -13.91 -5.67 25.47
CA TYR C 222 -15.21 -5.17 25.05
C TYR C 222 -15.56 -5.65 23.65
N CYS C 223 -16.85 -5.85 23.41
CA CYS C 223 -17.35 -6.24 22.10
C CYS C 223 -18.57 -5.43 21.76
N LEU C 224 -18.55 -4.78 20.60
CA LEU C 224 -19.68 -3.96 20.18
C LEU C 224 -20.52 -4.69 19.14
N ILE C 225 -21.81 -4.86 19.42
CA ILE C 225 -22.69 -5.47 18.42
C ILE C 225 -23.96 -4.65 18.24
N LYS C 226 -24.75 -5.01 17.23
CA LYS C 226 -26.05 -4.38 17.00
C LYS C 226 -27.16 -5.34 17.41
N LYS C 227 -28.16 -4.84 18.13
CA LYS C 227 -29.28 -5.67 18.53
C LYS C 227 -30.06 -6.19 17.32
N GLU C 228 -30.48 -7.44 17.39
CA GLU C 228 -31.29 -8.02 16.32
C GLU C 228 -32.66 -7.35 16.29
N GLU C 229 -33.09 -6.96 15.09
CA GLU C 229 -34.35 -6.26 14.91
C GLU C 229 -35.29 -7.07 14.01
N ARG C 230 -36.59 -6.85 14.16
CA ARG C 230 -37.57 -7.62 13.39
C ARG C 230 -37.56 -7.21 11.92
N ARG C 231 -37.68 -8.20 11.05
CA ARG C 231 -37.75 -7.96 9.61
C ARG C 231 -39.20 -7.72 9.17
N PRO C 232 -39.39 -6.88 8.14
CA PRO C 232 -40.72 -6.56 7.60
C PRO C 232 -41.46 -7.79 7.08
N ASP C 233 -42.59 -8.09 7.71
CA ASP C 233 -43.45 -9.22 7.34
C ASP C 233 -42.75 -10.59 7.41
N GLU C 234 -42.56 -11.08 8.63
CA GLU C 234 -42.08 -12.43 8.90
C GLU C 234 -42.49 -12.81 10.32
N LEU C 235 -42.58 -14.11 10.60
CA LEU C 235 -43.12 -14.58 11.87
C LEU C 235 -42.22 -14.19 13.04
N GLU C 236 -42.80 -14.21 14.22
CA GLU C 236 -42.19 -13.65 15.42
C GLU C 236 -41.23 -14.65 16.08
N ALA C 237 -41.42 -15.92 15.74
CA ALA C 237 -40.59 -17.01 16.29
C ALA C 237 -39.18 -16.93 15.74
N ASP C 238 -39.05 -16.51 14.48
CA ASP C 238 -37.74 -16.35 13.87
C ASP C 238 -36.98 -15.21 14.54
N PHE C 239 -37.69 -14.12 14.81
CA PHE C 239 -37.09 -12.98 15.49
C PHE C 239 -36.64 -13.33 16.89
N GLU C 240 -37.50 -13.99 17.66
CA GLU C 240 -37.14 -14.33 19.03
C GLU C 240 -36.05 -15.41 19.01
N TYR C 241 -35.98 -16.16 17.92
CA TYR C 241 -34.88 -17.09 17.69
C TYR C 241 -33.56 -16.34 17.58
N ARG C 242 -33.52 -15.33 16.71
CA ARG C 242 -32.31 -14.53 16.54
C ARG C 242 -31.94 -13.80 17.83
N VAL C 243 -32.96 -13.34 18.56
CA VAL C 243 -32.75 -12.70 19.85
C VAL C 243 -32.11 -13.65 20.84
N ARG C 244 -32.62 -14.89 20.87
CA ARG C 244 -32.08 -15.92 21.75
C ARG C 244 -30.63 -16.23 21.38
N LYS C 245 -30.35 -16.31 20.09
CA LYS C 245 -28.98 -16.54 19.61
C LYS C 245 -28.03 -15.43 20.02
N GLN C 246 -28.49 -14.19 19.89
CA GLN C 246 -27.67 -13.05 20.28
C GLN C 246 -27.43 -13.07 21.79
N GLU C 247 -28.44 -13.46 22.54
CA GLU C 247 -28.33 -13.55 23.99
C GLU C 247 -27.32 -14.62 24.42
N LEU C 248 -27.36 -15.76 23.76
CA LEU C 248 -26.41 -16.83 24.03
C LEU C 248 -24.99 -16.42 23.64
N PHE C 249 -24.87 -15.69 22.53
CA PHE C 249 -23.58 -15.16 22.09
C PHE C 249 -22.98 -14.19 23.13
N ILE C 250 -23.83 -13.27 23.59
CA ILE C 250 -23.44 -12.32 24.62
C ILE C 250 -23.03 -13.04 25.89
N SER C 251 -23.76 -14.10 26.23
CA SER C 251 -23.46 -14.90 27.40
C SER C 251 -22.09 -15.56 27.27
N ASP C 252 -21.83 -16.15 26.11
CA ASP C 252 -20.55 -16.81 25.85
C ASP C 252 -19.37 -15.83 25.94
N LEU C 253 -19.53 -14.64 25.36
CA LEU C 253 -18.47 -13.64 25.47
C LEU C 253 -18.31 -13.17 26.91
N SER C 254 -19.42 -13.09 27.64
CA SER C 254 -19.40 -12.66 29.03
C SER C 254 -18.64 -13.68 29.87
N ARG C 255 -18.70 -14.94 29.44
CA ARG C 255 -18.03 -16.05 30.09
C ARG C 255 -16.50 -15.88 30.10
N PHE C 256 -15.99 -15.12 29.13
CA PHE C 256 -14.56 -14.87 29.01
C PHE C 256 -14.18 -13.47 29.48
N ASN C 257 -15.05 -12.88 30.30
CA ASN C 257 -14.88 -11.51 30.80
C ASN C 257 -14.79 -10.51 29.65
N ILE C 258 -15.56 -10.78 28.60
CA ILE C 258 -15.72 -9.85 27.49
C ILE C 258 -17.10 -9.21 27.56
N LYS C 259 -17.14 -7.93 27.95
CA LYS C 259 -18.40 -7.24 28.10
C LYS C 259 -18.95 -6.85 26.73
N THR C 260 -20.21 -7.23 26.50
CA THR C 260 -20.86 -6.93 25.22
C THR C 260 -21.77 -5.72 25.34
N ILE C 261 -21.55 -4.75 24.46
CA ILE C 261 -22.40 -3.57 24.38
C ILE C 261 -23.28 -3.64 23.15
N VAL C 262 -24.58 -3.50 23.37
CA VAL C 262 -25.58 -3.68 22.33
C VAL C 262 -26.12 -2.34 21.85
N LEU C 263 -25.81 -2.01 20.60
CA LEU C 263 -26.19 -0.74 19.99
C LEU C 263 -27.45 -0.85 19.14
N ASN C 264 -28.03 0.30 18.81
CA ASN C 264 -29.24 0.34 17.99
C ASN C 264 -28.95 0.16 16.50
N ASN C 265 -27.78 0.58 16.07
CA ASN C 265 -27.36 0.45 14.67
C ASN C 265 -25.84 0.52 14.54
N TYR C 266 -25.32 0.03 13.42
CA TYR C 266 -23.87 -0.04 13.21
C TYR C 266 -23.20 1.33 13.10
N ASN C 267 -23.94 2.34 12.65
CA ASN C 267 -23.36 3.68 12.53
C ASN C 267 -22.89 4.21 13.88
N GLU C 268 -23.56 3.76 14.94
CA GLU C 268 -23.19 4.13 16.30
C GLU C 268 -21.76 3.74 16.60
N ILE C 269 -21.30 2.63 16.02
CA ILE C 269 -19.90 2.23 16.13
C ILE C 269 -19.04 3.42 15.77
N THR C 270 -19.25 3.94 14.57
CA THR C 270 -18.50 5.09 14.07
C THR C 270 -18.61 6.22 15.08
N GLU C 271 -19.83 6.47 15.53
CA GLU C 271 -20.09 7.58 16.43
C GLU C 271 -19.22 7.40 17.66
N ILE C 272 -19.25 6.19 18.22
CA ILE C 272 -18.46 5.88 19.40
C ILE C 272 -17.00 6.17 19.12
N LEU C 273 -16.51 5.66 17.99
CA LEU C 273 -15.11 5.83 17.64
C LEU C 273 -14.81 7.31 17.56
N GLN C 274 -15.71 8.06 16.92
CA GLN C 274 -15.51 9.49 16.77
C GLN C 274 -15.29 10.11 18.14
N ARG C 275 -16.16 9.76 19.08
CA ARG C 275 -16.07 10.33 20.42
C ARG C 275 -14.70 10.07 21.00
N ILE C 276 -14.23 8.82 20.88
CA ILE C 276 -12.95 8.45 21.44
C ILE C 276 -11.87 9.33 20.85
N GLU C 277 -11.89 9.47 19.52
CA GLU C 277 -10.86 10.27 18.86
C GLU C 277 -10.89 11.68 19.42
N ASN C 278 -12.11 12.20 19.57
CA ASN C 278 -12.28 13.55 20.10
C ASN C 278 -11.57 13.63 21.43
N ASN C 279 -11.92 12.71 22.33
CA ASN C 279 -11.37 12.69 23.68
C ASN C 279 -9.85 12.72 23.67
N ILE C 280 -9.27 12.12 22.65
CA ILE C 280 -7.82 12.09 22.53
C ILE C 280 -7.31 13.40 21.92
N LYS C 281 -7.89 13.79 20.79
CA LYS C 281 -7.32 14.85 19.99
C LYS C 281 -7.38 16.19 20.71
N THR C 282 -8.34 16.31 21.61
CA THR C 282 -8.52 17.54 22.39
C THR C 282 -7.60 17.63 23.60
N LYS C 283 -6.73 16.64 23.80
CA LYS C 283 -5.85 16.66 24.96
C LYS C 283 -4.44 17.12 24.62
N THR C 284 -4.19 17.34 23.33
CA THR C 284 -2.94 17.97 22.90
C THR C 284 -3.28 19.33 22.32
N VAL C 285 -2.80 20.38 22.98
CA VAL C 285 -3.18 21.74 22.63
C VAL C 285 -2.08 22.50 21.89
N PHE C 286 -2.48 23.25 20.87
CA PHE C 286 -1.58 24.16 20.17
C PHE C 286 -1.76 25.57 20.69
N LEU C 287 -0.68 26.15 21.22
CA LEU C 287 -0.72 27.51 21.74
C LEU C 287 -0.21 28.50 20.71
N SER C 288 -1.13 29.23 20.09
CA SER C 288 -0.77 30.22 19.09
C SER C 288 -0.71 31.62 19.70
N GLY C 289 0.35 32.36 19.38
CA GLY C 289 0.45 33.73 19.83
C GLY C 289 1.86 34.28 19.95
N SER C 290 1.98 35.56 19.64
CA SER C 290 3.21 36.32 19.83
C SER C 290 2.82 37.71 20.32
N ALA C 291 3.71 38.37 21.04
CA ALA C 291 3.35 39.68 21.57
C ALA C 291 4.54 40.59 21.83
N VAL C 292 4.37 41.86 21.46
CA VAL C 292 5.29 42.91 21.86
C VAL C 292 4.55 43.75 22.89
N GLU C 293 3.25 43.89 22.66
CA GLU C 293 2.36 44.54 23.61
C GLU C 293 1.35 43.50 24.08
N TYR C 294 0.81 43.69 25.28
CA TYR C 294 -0.12 42.74 25.88
C TYR C 294 -1.41 43.46 26.24
N ASN C 295 -2.16 43.87 25.23
CA ASN C 295 -3.38 44.64 25.40
C ASN C 295 -3.13 45.81 26.34
N HIS C 296 -3.75 45.79 27.52
CA HIS C 296 -3.57 46.86 28.48
C HIS C 296 -3.09 46.40 29.86
N TRP C 297 -2.23 45.38 29.93
CA TRP C 297 -1.77 44.92 31.23
C TRP C 297 -0.27 45.17 31.36
N GLU C 298 0.25 45.14 32.58
CA GLU C 298 1.69 45.27 32.75
C GLU C 298 2.34 43.98 32.28
N THR C 299 3.45 44.11 31.58
CA THR C 299 4.14 42.99 30.94
C THR C 299 4.31 41.76 31.85
N GLU C 300 4.76 41.99 33.09
CA GLU C 300 4.99 40.89 34.02
C GLU C 300 3.70 40.15 34.34
N HIS C 301 2.61 40.90 34.47
CA HIS C 301 1.31 40.33 34.79
C HIS C 301 0.80 39.42 33.66
N ALA C 302 0.87 39.92 32.43
CA ALA C 302 0.43 39.14 31.27
C ALA C 302 1.30 37.92 31.04
N GLU C 303 2.60 38.08 31.24
CA GLU C 303 3.54 36.98 31.08
C GLU C 303 3.25 35.92 32.12
N GLN C 304 2.84 36.36 33.31
CA GLN C 304 2.50 35.40 34.35
C GLN C 304 1.16 34.73 34.03
N PHE C 305 0.29 35.42 33.28
CA PHE C 305 -0.98 34.83 32.83
C PHE C 305 -0.67 33.68 31.88
N ILE C 306 0.17 33.95 30.89
CA ILE C 306 0.58 32.90 29.96
C ILE C 306 1.23 31.75 30.71
N HIS C 307 2.14 32.11 31.61
CA HIS C 307 2.85 31.16 32.45
C HIS C 307 1.90 30.19 33.14
N GLN C 308 0.92 30.71 33.88
CA GLN C 308 0.08 29.81 34.65
C GLN C 308 -1.00 29.16 33.77
N LEU C 309 -1.28 29.75 32.62
CA LEU C 309 -2.13 29.08 31.64
C LEU C 309 -1.47 27.77 31.21
N SER C 310 -0.20 27.86 30.82
CA SER C 310 0.56 26.67 30.46
C SER C 310 0.67 25.70 31.63
N LYS C 311 0.95 26.23 32.81
CA LYS C 311 1.22 25.41 33.99
C LYS C 311 -0.02 24.63 34.44
N GLU C 312 -1.20 25.23 34.25
CA GLU C 312 -2.41 24.55 34.70
C GLU C 312 -3.13 23.94 33.49
N LEU C 313 -2.54 24.07 32.31
CA LEU C 313 -2.87 23.20 31.19
C LEU C 313 -2.21 21.85 31.44
N ILE C 314 -0.93 21.90 31.80
CA ILE C 314 -0.18 20.69 32.06
C ILE C 314 -0.64 20.02 33.35
N ARG C 315 -1.04 20.83 34.33
CA ARG C 315 -1.52 20.28 35.59
C ARG C 315 -2.75 19.40 35.37
N LYS C 316 -3.54 19.74 34.35
CA LYS C 316 -4.73 18.95 34.02
C LYS C 316 -4.44 18.01 32.85
N ASP C 317 -3.21 17.47 32.83
CA ASP C 317 -2.81 16.40 31.92
C ASP C 317 -2.94 16.76 30.43
N PHE C 318 -2.85 18.05 30.10
CA PHE C 318 -2.86 18.44 28.69
C PHE C 318 -1.46 18.46 28.10
N ASN C 319 -1.39 18.42 26.77
CA ASN C 319 -0.11 18.51 26.07
C ASN C 319 -0.03 19.79 25.27
N ILE C 320 1.16 20.39 25.23
CA ILE C 320 1.35 21.67 24.56
C ILE C 320 2.31 21.59 23.39
N VAL C 321 1.89 22.12 22.24
CA VAL C 321 2.78 22.29 21.10
C VAL C 321 2.90 23.79 20.82
N SER C 322 4.13 24.31 20.78
CA SER C 322 4.32 25.76 20.65
C SER C 322 5.30 26.13 19.54
N GLY C 323 4.98 27.20 18.82
CA GLY C 323 5.84 27.72 17.77
C GLY C 323 6.83 28.73 18.33
N PHE C 324 6.79 28.90 19.64
CA PHE C 324 7.73 29.77 20.36
C PHE C 324 7.71 31.19 19.81
N GLY C 325 6.52 31.79 19.74
CA GLY C 325 6.38 33.16 19.30
C GLY C 325 6.95 34.12 20.32
N LEU C 326 7.60 35.19 19.84
CA LEU C 326 8.22 36.17 20.72
C LEU C 326 7.19 36.84 21.63
N GLY C 327 7.44 36.78 22.93
CA GLY C 327 6.56 37.40 23.90
C GLY C 327 5.60 36.40 24.53
N VAL C 328 5.56 35.19 23.99
CA VAL C 328 4.67 34.16 24.50
C VAL C 328 5.41 32.86 24.80
N GLY C 329 6.23 32.41 23.84
CA GLY C 329 6.90 31.13 23.91
C GLY C 329 7.70 30.85 25.17
N SER C 330 8.55 31.80 25.56
CA SER C 330 9.46 31.62 26.68
C SER C 330 8.72 31.39 27.98
N PHE C 331 7.54 32.01 28.07
CA PHE C 331 6.74 31.99 29.28
C PHE C 331 5.85 30.76 29.31
N VAL C 332 5.47 30.27 28.13
CA VAL C 332 4.85 28.96 28.00
C VAL C 332 5.83 27.92 28.52
N ILE C 333 7.07 28.02 28.06
CA ILE C 333 8.14 27.13 28.51
C ILE C 333 8.30 27.19 30.02
N ASN C 334 8.37 28.41 30.56
CA ASN C 334 8.49 28.59 32.00
C ASN C 334 7.36 27.93 32.78
N GLY C 335 6.13 28.18 32.33
CA GLY C 335 4.95 27.60 32.95
C GLY C 335 4.98 26.08 32.93
N VAL C 336 5.47 25.52 31.83
CA VAL C 336 5.61 24.08 31.71
C VAL C 336 6.67 23.53 32.69
N LEU C 337 7.82 24.21 32.72
CA LEU C 337 8.95 23.74 33.51
C LEU C 337 8.68 23.80 35.01
N GLU C 338 7.88 24.78 35.44
CA GLU C 338 7.49 24.86 36.85
C GLU C 338 6.79 23.59 37.31
N GLU C 339 5.92 23.06 36.47
CA GLU C 339 5.15 21.86 36.80
C GLU C 339 5.92 20.56 36.54
N LEU C 340 6.80 20.56 35.53
CA LEU C 340 7.50 19.32 35.18
C LEU C 340 8.78 19.06 35.97
N TYR C 341 9.47 20.13 36.39
CA TYR C 341 10.73 19.97 37.10
C TYR C 341 10.51 19.82 38.61
N MSE C 342 9.51 19.05 38.99
CA MSE C 342 9.20 18.82 40.40
C MSE C 342 9.72 17.47 40.86
O MSE C 342 10.29 16.70 40.09
CB MSE C 342 7.70 18.92 40.65
N THR C 346 14.04 15.77 32.36
CA THR C 346 12.85 15.20 32.98
C THR C 346 11.59 15.63 32.23
N ILE C 347 11.77 16.20 31.04
CA ILE C 347 10.65 16.60 30.22
C ILE C 347 10.20 15.43 29.36
N ASP C 348 8.97 14.98 29.59
CA ASP C 348 8.36 13.97 28.74
C ASP C 348 8.12 14.64 27.40
N ASP C 349 8.41 13.90 26.32
CA ASP C 349 8.40 14.42 24.96
C ASP C 349 7.02 14.86 24.51
N ASP C 350 5.99 14.08 24.84
CA ASP C 350 4.64 14.43 24.41
C ASP C 350 3.92 15.43 25.30
N ARG C 351 4.62 16.04 26.25
CA ARG C 351 3.97 17.05 27.09
C ARG C 351 4.22 18.43 26.50
N LEU C 352 5.43 18.63 25.99
CA LEU C 352 5.79 19.90 25.36
C LEU C 352 6.62 19.67 24.10
N ILE C 353 6.10 20.12 22.97
CA ILE C 353 6.83 20.03 21.73
C ILE C 353 7.03 21.45 21.19
N LEU C 354 8.28 21.87 21.12
CA LEU C 354 8.61 23.21 20.65
C LEU C 354 9.07 23.19 19.20
N ARG C 355 8.47 24.06 18.40
CA ARG C 355 8.84 24.18 16.99
C ARG C 355 9.14 25.62 16.62
N PRO C 356 10.26 26.17 17.11
CA PRO C 356 10.64 27.54 16.75
C PRO C 356 10.88 27.67 15.25
N PHE C 357 10.52 28.83 14.69
CA PHE C 357 10.63 29.06 13.27
C PHE C 357 12.04 29.43 12.84
N PRO C 358 12.52 28.81 11.75
CA PRO C 358 13.82 29.17 11.17
C PRO C 358 13.74 30.54 10.48
N GLN C 359 14.67 31.43 10.80
CA GLN C 359 14.64 32.77 10.23
C GLN C 359 15.47 32.85 8.96
N GLY C 360 15.04 33.68 8.02
CA GLY C 360 15.73 33.84 6.75
C GLY C 360 14.84 33.41 5.59
N LYS C 361 15.31 33.66 4.37
CA LYS C 361 14.54 33.35 3.18
C LYS C 361 14.32 31.84 3.06
N LYS C 362 15.40 31.08 3.23
CA LYS C 362 15.35 29.63 3.15
C LYS C 362 14.44 29.08 4.25
N GLY C 363 14.43 29.75 5.39
CA GLY C 363 13.56 29.38 6.49
C GLY C 363 12.10 29.64 6.18
N GLU C 364 11.80 30.86 5.72
CA GLU C 364 10.43 31.24 5.40
C GLU C 364 9.86 30.48 4.19
N GLU C 365 10.74 29.86 3.40
CA GLU C 365 10.31 29.09 2.25
C GLU C 365 9.39 27.91 2.58
N GLN C 366 9.48 27.39 3.81
CA GLN C 366 8.68 26.25 4.24
C GLN C 366 7.87 26.49 5.52
N TRP C 367 7.60 27.76 5.83
CA TRP C 367 6.86 28.10 7.03
C TRP C 367 5.44 27.51 7.07
N ASP C 368 4.81 27.39 5.90
CA ASP C 368 3.46 26.87 5.81
C ASP C 368 3.41 25.41 6.19
N LYS C 369 4.27 24.62 5.55
CA LYS C 369 4.38 23.19 5.85
C LYS C 369 4.81 22.98 7.29
N TYR C 370 5.69 23.84 7.77
CA TYR C 370 6.14 23.78 9.16
C TYR C 370 4.98 23.94 10.14
N ARG C 371 4.14 24.94 9.89
CA ARG C 371 2.99 25.21 10.75
C ARG C 371 1.95 24.09 10.68
N ARG C 372 1.66 23.63 9.47
CA ARG C 372 0.72 22.54 9.28
C ARG C 372 1.22 21.31 10.04
N ASP C 373 2.54 21.13 10.02
CA ASP C 373 3.20 20.03 10.70
C ASP C 373 2.99 20.18 12.21
N MSE C 374 3.08 21.41 12.70
CA MSE C 374 2.82 21.69 14.10
C MSE C 374 1.39 21.33 14.51
O MSE C 374 1.16 20.52 15.41
CB MSE C 374 3.05 23.17 14.43
CG MSE C 374 4.43 23.70 14.09
SE MSE C 374 4.64 25.41 14.96
CE MSE C 374 4.21 24.78 16.74
N ILE C 375 0.44 21.94 13.81
CA ILE C 375 -0.97 21.89 14.16
C ILE C 375 -1.54 20.48 13.98
N THR C 376 -0.95 19.70 13.08
CA THR C 376 -1.41 18.33 12.85
C THR C 376 -1.28 17.48 14.13
N ARG C 377 -0.26 17.77 14.93
CA ARG C 377 -0.03 17.06 16.18
C ARG C 377 -1.13 17.36 17.20
N THR C 378 -1.87 18.44 16.98
CA THR C 378 -2.84 18.93 17.95
C THR C 378 -4.28 18.82 17.43
N GLY C 379 -5.23 18.95 18.35
CA GLY C 379 -6.64 18.88 18.00
C GLY C 379 -7.44 20.08 18.47
N VAL C 380 -6.82 20.93 19.28
CA VAL C 380 -7.44 22.17 19.72
C VAL C 380 -6.39 23.29 19.77
N SER C 381 -6.70 24.45 19.20
CA SER C 381 -5.77 25.57 19.16
C SER C 381 -6.28 26.77 19.94
N ILE C 382 -5.52 27.18 20.95
CA ILE C 382 -5.85 28.37 21.73
C ILE C 382 -5.08 29.58 21.23
N PHE C 383 -5.77 30.71 21.07
CA PHE C 383 -5.15 31.89 20.48
C PHE C 383 -5.01 33.06 21.45
N LEU C 384 -3.77 33.51 21.64
CA LEU C 384 -3.44 34.60 22.55
C LEU C 384 -2.78 35.76 21.82
N TYR C 385 -3.31 36.97 22.02
CA TYR C 385 -2.71 38.20 21.50
C TYR C 385 -2.46 38.13 19.99
N GLY C 386 -1.21 38.32 19.60
CA GLY C 386 -0.82 38.24 18.20
C GLY C 386 -0.37 39.55 17.57
N ASN C 387 0.60 40.22 18.20
CA ASN C 387 1.14 41.46 17.65
C ASN C 387 2.67 41.50 17.62
N LYS C 388 3.22 42.23 16.64
CA LYS C 388 4.68 42.35 16.53
C LYS C 388 5.00 43.71 15.93
N ILE C 389 6.28 44.02 15.79
CA ILE C 389 6.74 45.25 15.15
C ILE C 389 6.90 44.96 13.65
N ASP C 390 6.34 45.82 12.81
CA ASP C 390 6.37 45.55 11.38
C ASP C 390 7.27 46.54 10.65
N LYS C 391 7.13 47.84 10.94
CA LYS C 391 8.02 48.80 10.33
C LYS C 391 8.33 49.91 11.32
N GLY C 392 8.30 49.54 12.60
CA GLY C 392 8.62 50.48 13.66
C GLY C 392 7.50 50.63 14.67
N GLN C 393 6.29 50.35 14.22
CA GLN C 393 5.08 50.48 15.05
C GLN C 393 4.46 49.11 15.30
N VAL C 394 3.61 49.01 16.33
CA VAL C 394 2.95 47.75 16.63
C VAL C 394 1.84 47.45 15.62
N VAL C 395 1.96 46.29 15.00
CA VAL C 395 1.04 45.83 13.97
C VAL C 395 0.62 44.38 14.25
N LYS C 396 -0.63 44.05 13.90
CA LYS C 396 -1.17 42.71 14.08
C LYS C 396 -0.37 41.64 13.33
N ALA C 397 -0.21 40.48 13.97
CA ALA C 397 0.58 39.38 13.40
C ALA C 397 -0.27 38.42 12.58
N LYS C 398 -0.14 38.51 11.25
CA LYS C 398 -0.88 37.68 10.31
C LYS C 398 -0.64 36.17 10.54
N GLY C 399 0.52 35.84 11.09
CA GLY C 399 0.88 34.46 11.35
C GLY C 399 -0.14 33.73 12.21
N VAL C 400 -0.65 34.43 13.21
CA VAL C 400 -1.65 33.87 14.11
C VAL C 400 -2.94 33.57 13.34
N GLN C 401 -3.29 34.45 12.41
CA GLN C 401 -4.46 34.28 11.56
C GLN C 401 -4.30 33.07 10.63
N SER C 402 -3.10 32.91 10.09
CA SER C 402 -2.78 31.76 9.26
C SER C 402 -2.89 30.46 10.06
N GLU C 403 -2.35 30.50 11.29
CA GLU C 403 -2.41 29.34 12.17
C GLU C 403 -3.85 29.00 12.53
N PHE C 404 -4.69 30.03 12.60
CA PHE C 404 -6.13 29.83 12.80
C PHE C 404 -6.76 29.12 11.61
N ASN C 405 -6.50 29.63 10.41
CA ASN C 405 -7.02 29.03 9.19
C ASN C 405 -6.65 27.56 9.08
N ILE C 406 -5.35 27.29 9.23
CA ILE C 406 -4.84 25.93 9.19
C ILE C 406 -5.48 25.08 10.28
N SER C 407 -5.65 25.67 11.46
CA SER C 407 -6.29 24.98 12.58
C SER C 407 -7.69 24.49 12.25
N PHE C 408 -8.50 25.35 11.62
CA PHE C 408 -9.88 24.96 11.33
C PHE C 408 -9.98 24.06 10.11
N GLU C 409 -9.05 24.22 9.17
CA GLU C 409 -9.08 23.39 7.97
C GLU C 409 -8.69 21.95 8.33
N GLN C 410 -8.15 21.77 9.53
CA GLN C 410 -7.74 20.44 9.97
C GLN C 410 -8.76 19.91 10.97
N ASN C 411 -9.89 20.60 11.03
CA ASN C 411 -10.96 20.37 11.99
C ASN C 411 -10.37 20.29 13.41
N ASN C 412 -9.67 21.35 13.81
CA ASN C 412 -9.26 21.46 15.22
C ASN C 412 -10.18 22.51 15.88
N TYR C 413 -10.49 22.32 17.16
CA TYR C 413 -11.37 23.29 17.85
C TYR C 413 -10.60 24.58 18.08
N VAL C 414 -11.21 25.69 17.65
CA VAL C 414 -10.51 26.97 17.73
C VAL C 414 -11.02 27.79 18.92
N VAL C 415 -10.10 28.11 19.81
CA VAL C 415 -10.43 28.82 21.04
C VAL C 415 -9.62 30.11 21.15
N PRO C 416 -10.14 31.20 20.55
CA PRO C 416 -9.48 32.52 20.62
C PRO C 416 -9.85 33.29 21.88
N VAL C 417 -8.85 33.61 22.69
CA VAL C 417 -9.05 34.39 23.90
C VAL C 417 -9.01 35.88 23.58
N GLY C 418 -10.18 36.46 23.34
CA GLY C 418 -10.26 37.86 22.93
C GLY C 418 -9.96 38.90 23.99
N ALA C 419 -9.98 38.50 25.27
CA ALA C 419 -9.70 39.46 26.33
C ALA C 419 -8.21 39.81 26.35
N THR C 420 -7.39 38.78 26.20
CA THR C 420 -5.95 38.95 26.10
C THR C 420 -5.56 38.88 24.62
N GLY C 421 -6.01 39.84 23.83
CA GLY C 421 -5.80 39.71 22.41
C GLY C 421 -6.02 40.86 21.46
N TYR C 422 -5.32 40.76 20.34
CA TYR C 422 -5.40 41.67 19.20
C TYR C 422 -5.99 40.89 18.03
N ILE C 423 -5.16 40.05 17.43
CA ILE C 423 -5.61 39.15 16.38
C ILE C 423 -6.52 38.10 17.03
N ALA C 424 -6.19 37.75 18.27
CA ALA C 424 -7.03 36.88 19.08
C ALA C 424 -8.46 37.42 19.19
N LYS C 425 -8.58 38.70 19.51
CA LYS C 425 -9.87 39.36 19.58
C LYS C 425 -10.59 39.25 18.24
N ASP C 426 -9.85 39.51 17.17
CA ASP C 426 -10.36 39.42 15.80
C ASP C 426 -10.97 38.05 15.52
N LEU C 427 -10.30 37.01 16.02
CA LEU C 427 -10.76 35.63 15.85
C LEU C 427 -11.94 35.35 16.77
N TRP C 428 -11.98 36.03 17.92
CA TRP C 428 -13.12 35.92 18.82
C TRP C 428 -14.38 36.44 18.14
N ASN C 429 -14.22 37.50 17.35
CA ASN C 429 -15.32 38.02 16.56
C ASN C 429 -15.59 37.14 15.34
N LYS C 430 -14.54 36.51 14.82
CA LYS C 430 -14.70 35.58 13.70
C LYS C 430 -15.49 34.34 14.14
N VAL C 431 -15.42 34.02 15.42
CA VAL C 431 -16.11 32.85 15.97
C VAL C 431 -17.49 33.18 16.51
N ASN C 432 -17.61 34.28 17.23
CA ASN C 432 -18.89 34.71 17.79
C ASN C 432 -19.88 34.97 16.65
N GLU C 433 -19.36 35.59 15.59
CA GLU C 433 -20.09 35.71 14.34
C GLU C 433 -20.03 34.36 13.63
N GLU C 434 -21.14 33.93 13.05
CA GLU C 434 -21.23 32.63 12.39
C GLU C 434 -20.81 31.52 13.37
N PHE C 435 -21.42 31.53 14.55
CA PHE C 435 -21.01 30.67 15.64
C PHE C 435 -21.48 29.23 15.43
N GLU C 436 -22.45 29.06 14.54
CA GLU C 436 -22.98 27.73 14.23
C GLU C 436 -22.00 26.95 13.35
N THR C 437 -21.05 27.67 12.76
CA THR C 437 -20.09 27.07 11.84
C THR C 437 -18.90 26.50 12.60
N TYR C 438 -18.81 26.80 13.90
CA TYR C 438 -17.66 26.38 14.68
C TYR C 438 -18.03 25.48 15.86
N TYR C 439 -19.16 25.78 16.51
CA TYR C 439 -19.59 25.00 17.67
C TYR C 439 -21.08 24.69 17.66
N PRO C 440 -21.49 23.66 16.88
CA PRO C 440 -22.89 23.23 16.85
C PRO C 440 -23.35 22.63 18.18
N GLY C 441 -23.91 23.46 19.06
CA GLY C 441 -24.34 22.98 20.36
C GLY C 441 -24.41 24.05 21.43
N ALA C 442 -24.87 23.66 22.61
CA ALA C 442 -25.04 24.59 23.72
C ALA C 442 -24.54 23.99 25.04
N MSE C 446 -22.41 26.51 28.03
CA MSE C 446 -21.16 26.45 27.28
C MSE C 446 -20.99 27.71 26.42
O MSE C 446 -19.87 28.17 26.19
CB MSE C 446 -21.12 25.17 26.42
CG MSE C 446 -20.44 25.32 25.08
SE MSE C 446 -20.19 23.59 24.21
CE MSE C 446 -19.94 24.19 22.38
N LYS C 447 -22.11 28.26 25.97
CA LYS C 447 -22.11 29.54 25.26
C LYS C 447 -21.60 30.65 26.17
N LYS C 448 -21.93 30.54 27.45
CA LYS C 448 -21.48 31.51 28.45
C LYS C 448 -19.96 31.44 28.64
N LEU C 449 -19.42 30.23 28.63
CA LEU C 449 -17.99 30.03 28.82
C LEU C 449 -17.23 30.68 27.67
N PHE C 450 -17.76 30.51 26.46
CA PHE C 450 -17.18 31.14 25.27
C PHE C 450 -17.21 32.66 25.41
N GLY C 451 -18.35 33.17 25.87
CA GLY C 451 -18.53 34.60 26.04
C GLY C 451 -17.62 35.20 27.12
N GLU C 452 -17.20 34.36 28.05
CA GLU C 452 -16.34 34.81 29.14
C GLU C 452 -14.89 34.98 28.68
N LEU C 453 -14.61 34.66 27.43
CA LEU C 453 -13.26 34.76 26.89
C LEU C 453 -12.97 36.14 26.31
N ASN C 454 -14.01 36.91 26.01
CA ASN C 454 -13.84 38.23 25.43
C ASN C 454 -14.04 39.34 26.46
N SER C 459 -10.09 38.62 35.17
CA SER C 459 -9.05 38.16 36.07
C SER C 459 -8.09 37.19 35.39
N ILE C 460 -7.03 36.79 36.09
CA ILE C 460 -6.11 35.81 35.53
C ILE C 460 -6.55 34.36 35.81
N GLU C 461 -6.78 34.08 37.09
CA GLU C 461 -7.25 32.77 37.53
C GLU C 461 -8.57 32.41 36.88
N GLU C 462 -9.46 33.41 36.83
CA GLU C 462 -10.80 33.21 36.30
C GLU C 462 -10.75 32.98 34.79
N LEU C 463 -9.91 33.74 34.09
CA LEU C 463 -9.78 33.60 32.65
C LEU C 463 -9.19 32.23 32.30
N ILE C 464 -8.17 31.82 33.03
CA ILE C 464 -7.55 30.51 32.83
C ILE C 464 -8.58 29.41 33.07
N ASN C 465 -9.34 29.54 34.16
CA ASN C 465 -10.39 28.57 34.47
C ASN C 465 -11.43 28.50 33.35
N THR C 466 -11.76 29.66 32.79
CA THR C 466 -12.67 29.76 31.66
C THR C 466 -12.16 28.94 30.47
N ILE C 467 -10.92 29.23 30.06
CA ILE C 467 -10.32 28.56 28.93
C ILE C 467 -10.30 27.04 29.13
N ILE C 468 -9.70 26.62 30.24
CA ILE C 468 -9.53 25.21 30.55
C ILE C 468 -10.87 24.46 30.65
N GLU C 469 -11.87 25.04 31.31
CA GLU C 469 -13.13 24.34 31.44
C GLU C 469 -13.86 24.33 30.09
N PHE C 470 -13.61 25.32 29.25
CA PHE C 470 -14.18 25.33 27.91
C PHE C 470 -13.63 24.19 27.06
N VAL C 471 -12.30 24.06 27.04
CA VAL C 471 -11.67 23.00 26.26
C VAL C 471 -12.00 21.63 26.86
N GLU C 472 -12.20 21.58 28.17
CA GLU C 472 -12.58 20.34 28.83
C GLU C 472 -13.99 19.93 28.42
N ILE C 473 -14.88 20.92 28.34
CA ILE C 473 -16.24 20.71 27.86
C ILE C 473 -16.23 20.21 26.42
N LEU C 474 -15.24 20.69 25.64
CA LEU C 474 -15.09 20.22 24.27
C LEU C 474 -14.83 18.71 24.21
N SER C 475 -14.07 18.20 25.16
CA SER C 475 -13.77 16.77 25.21
C SER C 475 -14.88 16.00 25.91
N HIS D 2 35.07 -6.57 16.18
CA HIS D 2 35.87 -6.36 17.37
C HIS D 2 35.86 -7.65 18.18
N MSE D 3 34.75 -7.87 18.87
CA MSE D 3 34.50 -9.14 19.54
C MSE D 3 34.20 -10.19 18.48
O MSE D 3 34.07 -9.88 17.30
CB MSE D 3 33.34 -9.02 20.54
CG MSE D 3 33.53 -7.95 21.63
SE MSE D 3 32.11 -7.90 22.98
CE MSE D 3 32.68 -9.40 24.11
N ASN D 4 34.08 -11.45 18.91
CA ASN D 4 33.89 -12.54 17.96
C ASN D 4 32.57 -12.37 17.20
N PRO D 5 32.54 -12.80 15.93
CA PRO D 5 31.42 -12.60 15.01
C PRO D 5 30.04 -12.98 15.55
N ILE D 6 29.97 -14.03 16.37
CA ILE D 6 28.71 -14.46 16.94
C ILE D 6 28.16 -13.39 17.90
N VAL D 7 29.04 -12.93 18.79
CA VAL D 7 28.70 -11.90 19.75
C VAL D 7 28.32 -10.60 19.04
N GLU D 8 29.06 -10.26 17.98
CA GLU D 8 28.77 -9.05 17.20
C GLU D 8 27.39 -9.13 16.54
N LEU D 9 27.08 -10.29 15.97
CA LEU D 9 25.79 -10.53 15.34
C LEU D 9 24.68 -10.34 16.37
N PHE D 10 24.88 -10.95 17.54
CA PHE D 10 23.93 -10.77 18.64
C PHE D 10 23.76 -9.31 19.01
N ILE D 11 24.87 -8.58 19.06
CA ILE D 11 24.86 -7.17 19.42
C ILE D 11 24.02 -6.38 18.42
N LYS D 12 24.16 -6.68 17.13
CA LYS D 12 23.41 -5.93 16.13
C LYS D 12 21.92 -6.25 16.18
N ASP D 13 21.61 -7.55 16.28
CA ASP D 13 20.21 -7.99 16.30
C ASP D 13 19.49 -7.44 17.53
N PHE D 14 20.11 -7.59 18.69
CA PHE D 14 19.50 -7.17 19.94
C PHE D 14 19.45 -5.65 20.03
N THR D 15 20.44 -4.99 19.43
CA THR D 15 20.42 -3.54 19.32
C THR D 15 19.19 -3.10 18.56
N LYS D 16 18.93 -3.76 17.42
CA LYS D 16 17.74 -3.47 16.65
C LYS D 16 16.47 -3.68 17.48
N GLU D 17 16.43 -4.79 18.21
CA GLU D 17 15.25 -5.12 19.01
C GLU D 17 15.03 -4.12 20.15
N VAL D 18 16.11 -3.63 20.73
CA VAL D 18 16.06 -2.64 21.81
C VAL D 18 15.57 -1.31 21.26
N MSE D 19 16.12 -0.94 20.12
CA MSE D 19 15.83 0.34 19.49
C MSE D 19 14.38 0.38 19.03
O MSE D 19 13.77 1.45 18.96
CB MSE D 19 16.75 0.59 18.31
CG MSE D 19 17.02 2.03 18.00
SE MSE D 19 18.81 2.16 17.22
CE MSE D 19 18.66 0.83 15.79
N GLU D 20 13.85 -0.79 18.72
CA GLU D 20 12.48 -0.88 18.23
C GLU D 20 11.54 -1.16 19.41
N GLU D 21 12.14 -1.16 20.60
CA GLU D 21 11.43 -1.25 21.87
C GLU D 21 10.65 -2.57 21.95
N ASN D 22 11.27 -3.63 21.43
CA ASN D 22 10.69 -4.95 21.41
C ASN D 22 11.61 -6.01 22.04
N ALA D 23 12.58 -5.56 22.81
CA ALA D 23 13.48 -6.49 23.49
C ALA D 23 12.97 -6.82 24.88
N ALA D 24 13.28 -8.02 25.35
CA ALA D 24 12.91 -8.42 26.71
C ALA D 24 14.11 -9.03 27.44
N ILE D 25 14.11 -8.93 28.76
CA ILE D 25 15.17 -9.53 29.56
C ILE D 25 14.57 -10.60 30.46
N PHE D 26 15.19 -11.79 30.53
CA PHE D 26 14.79 -12.76 31.54
C PHE D 26 16.00 -12.95 32.47
N ALA D 27 15.81 -12.63 33.74
CA ALA D 27 16.92 -12.58 34.67
C ALA D 27 16.94 -13.74 35.64
N GLY D 28 18.06 -14.45 35.69
CA GLY D 28 18.26 -15.51 36.66
C GLY D 28 19.00 -15.01 37.88
N ALA D 29 19.29 -15.89 38.82
CA ALA D 29 19.91 -15.53 40.08
C ALA D 29 21.34 -15.00 39.88
N GLY D 30 21.98 -15.42 38.79
CA GLY D 30 23.33 -15.03 38.49
C GLY D 30 23.49 -13.53 38.30
N LEU D 31 22.47 -12.89 37.76
CA LEU D 31 22.50 -11.46 37.49
C LEU D 31 22.47 -10.66 38.79
N SER D 32 21.98 -11.28 39.86
CA SER D 32 21.89 -10.62 41.15
C SER D 32 23.17 -10.81 41.97
N MSE D 33 24.17 -11.43 41.36
CA MSE D 33 25.44 -11.66 42.03
C MSE D 33 26.58 -10.95 41.31
O MSE D 33 26.68 -11.01 40.08
CB MSE D 33 25.73 -13.16 42.12
CG MSE D 33 24.61 -13.97 42.79
SE MSE D 33 24.41 -13.56 44.68
CE MSE D 33 22.88 -14.70 45.07
N SER D 34 27.43 -10.28 42.08
CA SER D 34 28.59 -9.58 41.53
C SER D 34 29.53 -10.56 40.84
N VAL D 35 29.62 -11.77 41.39
CA VAL D 35 30.48 -12.81 40.82
C VAL D 35 29.82 -13.45 39.60
N GLY D 36 28.55 -13.13 39.39
CA GLY D 36 27.83 -13.52 38.19
C GLY D 36 27.09 -14.85 38.25
N TYR D 37 27.19 -15.54 39.38
CA TYR D 37 26.51 -16.82 39.54
C TYR D 37 26.19 -17.06 41.01
N VAL D 38 25.41 -18.11 41.28
CA VAL D 38 25.07 -18.47 42.65
C VAL D 38 25.54 -19.89 42.95
N SER D 39 26.33 -20.03 44.01
CA SER D 39 26.79 -21.34 44.46
C SER D 39 25.77 -22.00 45.39
N ILE D 82 13.50 -20.29 53.88
CA ILE D 82 14.68 -20.23 54.75
C ILE D 82 15.92 -19.76 53.97
N ILE D 83 16.20 -20.45 52.87
CA ILE D 83 17.35 -20.15 52.02
C ILE D 83 17.25 -18.75 51.40
N LEU D 84 16.05 -18.43 50.95
CA LEU D 84 15.77 -17.15 50.29
C LEU D 84 16.12 -15.94 51.15
N ASP D 85 15.95 -16.04 52.47
CA ASP D 85 16.33 -14.95 53.35
C ASP D 85 17.83 -14.64 53.23
N GLU D 86 18.64 -15.68 53.26
CA GLU D 86 20.09 -15.55 53.09
C GLU D 86 20.41 -15.02 51.70
N PHE D 87 19.72 -15.56 50.70
CA PHE D 87 19.85 -15.12 49.32
C PHE D 87 19.67 -13.60 49.21
N SER D 88 18.55 -13.12 49.75
CA SER D 88 18.22 -11.70 49.77
C SER D 88 19.28 -10.91 50.51
N ARG D 89 19.83 -11.51 51.56
CA ARG D 89 20.89 -10.88 52.35
C ARG D 89 22.23 -10.95 51.63
N LYS D 90 22.27 -11.62 50.48
CA LYS D 90 23.51 -11.83 49.75
C LYS D 90 23.58 -11.14 48.38
N VAL D 91 22.58 -10.33 48.05
CA VAL D 91 22.53 -9.71 46.72
C VAL D 91 22.78 -8.20 46.76
N ASP D 92 23.22 -7.65 45.63
CA ASP D 92 23.44 -6.22 45.50
C ASP D 92 23.35 -5.75 44.04
N LEU D 93 23.28 -4.44 43.84
CA LEU D 93 23.07 -3.85 42.52
C LEU D 93 24.36 -3.88 41.71
N THR D 94 24.25 -4.13 40.41
CA THR D 94 25.43 -4.22 39.55
C THR D 94 25.30 -3.27 38.37
N GLU D 95 26.41 -3.03 37.67
CA GLU D 95 26.42 -2.16 36.50
C GLU D 95 25.47 -2.67 35.43
N ASN D 96 25.29 -3.98 35.36
CA ASN D 96 24.34 -4.59 34.43
C ASN D 96 22.93 -4.03 34.61
N HIS D 97 22.50 -3.95 35.86
CA HIS D 97 21.20 -3.40 36.20
C HIS D 97 21.05 -1.96 35.75
N LYS D 98 22.11 -1.17 35.90
CA LYS D 98 22.07 0.23 35.46
C LYS D 98 22.05 0.36 33.94
N ILE D 99 22.89 -0.41 33.26
CA ILE D 99 22.90 -0.40 31.81
C ILE D 99 21.50 -0.76 31.29
N LEU D 100 20.93 -1.82 31.83
CA LEU D 100 19.59 -2.27 31.44
C LEU D 100 18.49 -1.25 31.75
N ALA D 101 18.62 -0.59 32.90
CA ALA D 101 17.65 0.42 33.31
C ALA D 101 17.73 1.65 32.41
N ARG D 102 18.90 1.91 31.86
CA ARG D 102 19.10 3.04 30.95
C ARG D 102 18.64 2.74 29.53
N LEU D 103 18.53 1.45 29.22
CA LEU D 103 18.08 1.03 27.90
C LEU D 103 16.57 1.11 27.82
N PRO D 104 16.04 1.39 26.62
CA PRO D 104 14.59 1.47 26.40
C PRO D 104 13.95 0.09 26.37
N ILE D 105 14.24 -0.72 27.38
CA ILE D 105 13.64 -2.05 27.52
C ILE D 105 12.40 -1.97 28.39
N HIS D 106 11.28 -2.48 27.88
CA HIS D 106 10.01 -2.35 28.56
C HIS D 106 9.50 -3.67 29.15
N THR D 107 10.24 -4.75 28.94
CA THR D 107 9.80 -6.05 29.44
C THR D 107 10.88 -6.82 30.21
N TYR D 108 10.60 -7.06 31.48
CA TYR D 108 11.47 -7.86 32.33
C TYR D 108 10.70 -9.06 32.90
N TRP D 109 11.23 -10.25 32.67
CA TRP D 109 10.77 -11.46 33.34
C TRP D 109 11.86 -11.89 34.30
N THR D 110 11.50 -12.39 35.47
CA THR D 110 12.53 -12.86 36.40
C THR D 110 11.99 -13.92 37.36
N THR D 111 12.89 -14.78 37.82
CA THR D 111 12.56 -15.76 38.85
C THR D 111 13.25 -15.41 40.16
N ASN D 112 13.86 -14.23 40.20
CA ASN D 112 14.53 -13.75 41.40
C ASN D 112 13.54 -13.24 42.43
N TYR D 113 13.91 -13.32 43.70
CA TYR D 113 13.08 -12.81 44.78
C TYR D 113 13.47 -11.37 45.07
N ASP D 114 14.73 -11.04 44.81
CA ASP D 114 15.24 -9.70 45.03
C ASP D 114 14.53 -8.67 44.15
N ARG D 115 14.63 -7.40 44.51
CA ARG D 115 13.98 -6.34 43.77
C ARG D 115 14.97 -5.49 42.99
N LEU D 116 16.07 -6.09 42.56
CA LEU D 116 17.15 -5.34 41.93
C LEU D 116 16.71 -4.65 40.64
N ILE D 117 15.90 -5.33 39.83
CA ILE D 117 15.43 -4.76 38.57
C ILE D 117 14.59 -3.50 38.76
N GLU D 118 13.53 -3.61 39.57
CA GLU D 118 12.65 -2.47 39.84
C GLU D 118 13.38 -1.34 40.57
N LYS D 119 14.31 -1.73 41.44
CA LYS D 119 15.13 -0.75 42.16
C LYS D 119 15.98 0.06 41.18
N ALA D 120 16.65 -0.65 40.28
CA ALA D 120 17.48 -0.01 39.26
C ALA D 120 16.63 0.90 38.37
N LEU D 121 15.45 0.41 37.99
CA LEU D 121 14.53 1.20 37.18
C LEU D 121 14.10 2.49 37.88
N GLU D 122 13.78 2.39 39.16
CA GLU D 122 13.27 3.54 39.92
C GLU D 122 14.39 4.52 40.23
N GLU D 123 15.62 4.02 40.36
CA GLU D 123 16.78 4.90 40.50
C GLU D 123 17.03 5.68 39.23
N GLU D 124 16.52 5.16 38.12
CA GLU D 124 16.65 5.80 36.83
C GLU D 124 15.43 6.66 36.50
N ASN D 125 14.64 6.94 37.53
CA ASN D 125 13.43 7.76 37.41
C ASN D 125 12.42 7.16 36.44
N LYS D 126 12.34 5.84 36.40
CA LYS D 126 11.34 5.16 35.58
C LYS D 126 10.25 4.52 36.44
N ILE D 127 9.05 4.42 35.88
CA ILE D 127 7.91 3.84 36.59
C ILE D 127 7.79 2.36 36.24
N ALA D 128 7.86 1.51 37.25
CA ALA D 128 7.82 0.07 37.04
C ALA D 128 6.47 -0.53 37.41
N ASP D 129 5.86 -1.23 36.46
CA ASP D 129 4.66 -1.99 36.72
C ASP D 129 5.03 -3.40 37.17
N VAL D 130 5.02 -3.62 38.48
CA VAL D 130 5.48 -4.88 39.05
C VAL D 130 4.33 -5.88 39.21
N LYS D 131 4.50 -7.06 38.63
CA LYS D 131 3.46 -8.09 38.64
C LYS D 131 3.91 -9.34 39.39
N TYR D 132 3.22 -9.67 40.47
CA TYR D 132 3.49 -10.93 41.16
C TYR D 132 2.21 -11.69 41.48
N THR D 133 1.06 -11.07 41.26
CA THR D 133 -0.23 -11.76 41.38
C THR D 133 -0.94 -11.84 40.02
N VAL D 134 -1.91 -12.73 39.91
CA VAL D 134 -2.70 -12.88 38.69
C VAL D 134 -3.57 -11.66 38.42
N LYS D 135 -4.19 -11.14 39.47
CA LYS D 135 -5.10 -10.01 39.37
C LYS D 135 -4.39 -8.75 38.85
N GLN D 136 -3.14 -8.58 39.25
CA GLN D 136 -2.35 -7.42 38.83
C GLN D 136 -2.11 -7.40 37.32
N LEU D 137 -2.29 -8.55 36.67
CA LEU D 137 -2.15 -8.64 35.23
C LEU D 137 -3.33 -7.98 34.52
N ALA D 138 -4.45 -7.86 35.22
CA ALA D 138 -5.65 -7.28 34.63
C ALA D 138 -5.56 -5.76 34.63
N THR D 139 -4.62 -5.23 35.42
CA THR D 139 -4.43 -3.80 35.53
C THR D 139 -3.18 -3.36 34.77
N THR D 140 -3.16 -2.10 34.34
CA THR D 140 -2.00 -1.52 33.67
C THR D 140 -1.62 -0.19 34.32
N LYS D 141 -0.46 -0.17 34.98
CA LYS D 141 0.00 0.98 35.74
C LYS D 141 0.26 2.15 34.78
N VAL D 142 -0.29 3.32 35.10
CA VAL D 142 -0.17 4.49 34.24
C VAL D 142 1.28 4.98 34.09
N LYS D 143 1.62 5.38 32.86
CA LYS D 143 2.91 5.99 32.55
C LYS D 143 4.09 5.08 32.85
N ARG D 144 3.85 3.77 32.86
CA ARG D 144 4.90 2.81 33.14
C ARG D 144 5.94 2.82 32.02
N ASP D 145 7.19 2.55 32.40
CA ASP D 145 8.27 2.47 31.41
C ASP D 145 8.66 1.01 31.17
N ALA D 146 8.44 0.17 32.18
CA ALA D 146 8.76 -1.25 32.08
C ALA D 146 7.81 -2.09 32.93
N VAL D 147 7.53 -3.31 32.47
CA VAL D 147 6.79 -4.28 33.26
C VAL D 147 7.76 -5.29 33.85
N VAL D 148 7.61 -5.59 35.13
CA VAL D 148 8.47 -6.58 35.78
C VAL D 148 7.66 -7.75 36.34
N TYR D 149 7.71 -8.87 35.61
CA TYR D 149 7.08 -10.11 36.04
C TYR D 149 7.98 -10.85 37.02
N LYS D 150 7.54 -10.91 38.28
CA LYS D 150 8.24 -11.65 39.31
C LYS D 150 7.46 -12.93 39.61
N MSE D 151 7.51 -13.86 38.67
CA MSE D 151 6.64 -15.03 38.68
C MSE D 151 6.95 -16.02 39.81
O MSE D 151 6.24 -17.01 39.98
CB MSE D 151 6.71 -15.76 37.34
CG MSE D 151 8.09 -16.27 36.96
SE MSE D 151 8.22 -16.76 35.08
CE MSE D 151 6.63 -17.89 34.96
N HIS D 152 7.99 -15.75 40.58
CA HIS D 152 8.26 -16.57 41.77
C HIS D 152 8.16 -15.73 43.03
N GLY D 153 7.72 -14.49 42.88
CA GLY D 153 7.46 -13.63 44.01
C GLY D 153 8.57 -12.65 44.34
N ASP D 154 8.41 -11.95 45.46
CA ASP D 154 9.35 -10.94 45.92
C ASP D 154 9.64 -11.21 47.38
N VAL D 155 10.85 -10.88 47.84
CA VAL D 155 11.24 -11.20 49.21
C VAL D 155 10.32 -10.53 50.24
N GLU D 156 9.90 -9.30 49.95
CA GLU D 156 8.91 -8.62 50.77
C GLU D 156 7.50 -8.90 50.25
N HIS D 157 7.22 -10.17 50.00
CA HIS D 157 5.96 -10.68 49.42
C HIS D 157 6.01 -12.20 49.40
N PRO D 158 6.05 -12.82 50.59
CA PRO D 158 6.29 -14.26 50.73
C PRO D 158 5.23 -15.11 50.03
N ILE D 173 -3.22 -22.94 37.70
CA ILE D 173 -3.61 -22.32 38.96
C ILE D 173 -3.29 -20.83 38.95
N LYS D 174 -2.31 -20.44 39.76
CA LYS D 174 -1.87 -19.05 39.79
C LYS D 174 -0.63 -18.92 38.91
N MSE D 175 -0.59 -19.77 37.90
CA MSE D 175 0.53 -19.84 36.97
C MSE D 175 0.07 -19.50 35.56
O MSE D 175 0.80 -18.91 34.78
CB MSE D 175 1.17 -21.23 36.99
CG MSE D 175 1.04 -21.94 38.33
SE MSE D 175 2.16 -23.53 38.46
CE MSE D 175 2.24 -24.01 36.57
N ASP D 176 -1.17 -19.89 35.26
CA ASP D 176 -1.67 -19.92 33.88
C ASP D 176 -1.68 -18.58 33.13
N PRO D 177 -2.16 -17.49 33.76
CA PRO D 177 -2.08 -16.21 33.03
C PRO D 177 -0.64 -15.79 32.71
N TYR D 178 0.25 -16.04 33.66
CA TYR D 178 1.67 -15.74 33.50
C TYR D 178 2.30 -16.60 32.40
N ILE D 179 1.89 -17.86 32.34
CA ILE D 179 2.37 -18.78 31.31
C ILE D 179 1.96 -18.28 29.93
N LYS D 180 0.71 -17.84 29.82
CA LYS D 180 0.19 -17.25 28.59
C LYS D 180 1.00 -16.04 28.18
N ALA D 181 1.18 -15.12 29.12
CA ALA D 181 1.93 -13.89 28.87
C ALA D 181 3.37 -14.18 28.38
N LEU D 182 4.04 -15.08 29.07
CA LEU D 182 5.41 -15.45 28.71
C LEU D 182 5.49 -16.12 27.34
N SER D 183 4.53 -17.00 27.06
CA SER D 183 4.48 -17.68 25.76
C SER D 183 4.35 -16.66 24.63
N GLY D 184 3.38 -15.76 24.77
CA GLY D 184 3.16 -14.70 23.81
C GLY D 184 4.41 -13.85 23.62
N ASP D 185 5.02 -13.47 24.73
CA ASP D 185 6.23 -12.65 24.70
C ASP D 185 7.36 -13.35 23.96
N LEU D 186 7.48 -14.66 24.17
CA LEU D 186 8.51 -15.44 23.49
C LEU D 186 8.20 -15.60 22.01
N VAL D 187 6.93 -15.47 21.64
CA VAL D 187 6.58 -15.44 20.22
C VAL D 187 6.94 -14.09 19.58
N SER D 188 6.65 -13.00 20.29
CA SER D 188 6.73 -11.67 19.67
C SER D 188 7.99 -10.87 20.01
N LYS D 189 8.55 -11.06 21.20
CA LYS D 189 9.69 -10.26 21.63
C LYS D 189 10.97 -11.09 21.67
N THR D 190 12.09 -10.46 21.30
CA THR D 190 13.38 -11.12 21.37
C THR D 190 13.95 -11.05 22.78
N PHE D 191 14.18 -12.21 23.38
CA PHE D 191 14.63 -12.29 24.77
C PHE D 191 16.13 -12.42 24.91
N LEU D 192 16.66 -11.82 25.98
CA LEU D 192 18.01 -12.10 26.42
C LEU D 192 17.96 -12.81 27.77
N PHE D 193 18.32 -14.09 27.77
CA PHE D 193 18.40 -14.85 29.01
C PHE D 193 19.78 -14.62 29.63
N VAL D 194 19.81 -14.21 30.89
CA VAL D 194 21.08 -13.95 31.56
C VAL D 194 20.95 -14.22 33.06
N GLY D 195 22.01 -14.77 33.64
CA GLY D 195 22.00 -15.11 35.06
C GLY D 195 21.56 -16.54 35.30
N PHE D 196 21.52 -17.33 34.23
CA PHE D 196 21.15 -18.74 34.34
C PHE D 196 22.36 -19.63 34.06
N SER D 197 22.60 -20.58 34.94
CA SER D 197 23.64 -21.59 34.74
C SER D 197 23.00 -22.96 34.57
N PHE D 198 23.80 -23.99 34.29
CA PHE D 198 23.24 -25.30 34.00
C PHE D 198 22.68 -26.00 35.24
N THR D 199 22.97 -25.45 36.41
CA THR D 199 22.47 -26.03 37.65
C THR D 199 21.15 -25.40 38.08
N ASP D 200 20.64 -24.47 37.26
CA ASP D 200 19.41 -23.78 37.58
C ASP D 200 18.22 -24.74 37.57
N PRO D 201 17.44 -24.73 38.66
CA PRO D 201 16.35 -25.69 38.90
C PRO D 201 15.02 -25.44 38.17
N ASN D 202 14.83 -24.27 37.56
CA ASN D 202 13.51 -23.92 37.05
C ASN D 202 13.45 -23.56 35.57
N LEU D 203 14.59 -23.19 34.99
CA LEU D 203 14.61 -22.67 33.62
C LEU D 203 14.05 -23.67 32.59
N ASP D 204 14.49 -24.91 32.68
CA ASP D 204 14.07 -25.94 31.72
C ASP D 204 12.58 -26.27 31.81
N TYR D 205 12.06 -26.28 33.03
CA TYR D 205 10.63 -26.52 33.27
C TYR D 205 9.79 -25.42 32.61
N ILE D 206 10.11 -24.18 32.96
CA ILE D 206 9.43 -23.02 32.43
C ILE D 206 9.48 -23.00 30.90
N LEU D 207 10.67 -23.21 30.34
CA LEU D 207 10.83 -23.23 28.89
C LEU D 207 10.02 -24.34 28.25
N SER D 208 9.96 -25.49 28.91
CA SER D 208 9.17 -26.61 28.42
C SER D 208 7.68 -26.28 28.47
N ARG D 209 7.32 -25.32 29.33
CA ARG D 209 5.93 -24.92 29.47
C ARG D 209 5.52 -23.74 28.59
N VAL D 210 6.49 -22.97 28.11
CA VAL D 210 6.17 -21.76 27.33
C VAL D 210 6.68 -21.76 25.89
N ARG D 211 7.42 -22.80 25.52
CA ARG D 211 7.91 -22.90 24.14
C ARG D 211 7.72 -24.29 23.56
N SER D 212 7.52 -24.33 22.25
CA SER D 212 7.37 -25.60 21.53
C SER D 212 8.67 -25.98 20.87
N ALA D 213 9.00 -27.26 20.90
CA ALA D 213 10.23 -27.76 20.29
C ALA D 213 9.98 -28.14 18.85
N TYR D 214 8.71 -28.12 18.44
CA TYR D 214 8.37 -28.53 17.08
C TYR D 214 8.25 -27.34 16.13
N GLU D 215 8.26 -26.13 16.67
CA GLU D 215 8.29 -24.94 15.83
C GLU D 215 9.74 -24.53 15.55
N ARG D 216 10.15 -24.58 14.29
CA ARG D 216 11.54 -24.34 13.93
C ARG D 216 11.78 -22.88 13.50
N ASP D 217 10.75 -22.27 12.91
CA ASP D 217 10.84 -20.91 12.40
C ASP D 217 10.49 -19.86 13.45
N GLN D 218 10.62 -20.22 14.72
CA GLN D 218 10.33 -19.31 15.81
C GLN D 218 11.32 -18.17 15.90
N ARG D 219 10.92 -17.12 16.58
CA ARG D 219 11.80 -16.00 16.87
C ARG D 219 12.98 -16.53 17.66
N ARG D 220 14.18 -16.08 17.32
CA ARG D 220 15.38 -16.52 18.01
C ARG D 220 15.62 -15.73 19.29
N HIS D 221 15.93 -16.43 20.36
CA HIS D 221 16.28 -15.78 21.61
C HIS D 221 17.72 -16.11 21.96
N TYR D 222 18.25 -15.43 22.97
CA TYR D 222 19.65 -15.59 23.33
C TYR D 222 19.83 -15.80 24.82
N CYS D 223 20.86 -16.57 25.17
CA CYS D 223 21.21 -16.80 26.56
C CYS D 223 22.73 -16.67 26.70
N LEU D 224 23.18 -15.83 27.63
CA LEU D 224 24.61 -15.63 27.83
C LEU D 224 25.10 -16.41 29.02
N ILE D 225 26.11 -17.25 28.81
CA ILE D 225 26.69 -17.98 29.93
C ILE D 225 28.20 -17.82 29.92
N LYS D 226 28.85 -18.30 30.99
CA LYS D 226 30.30 -18.26 31.06
C LYS D 226 30.87 -19.65 30.82
N LYS D 227 31.93 -19.70 30.01
CA LYS D 227 32.60 -20.97 29.72
C LYS D 227 33.15 -21.60 30.99
N GLU D 228 32.98 -22.92 31.11
CA GLU D 228 33.54 -23.62 32.25
C GLU D 228 35.05 -23.65 32.15
N GLU D 229 35.71 -23.26 33.24
CA GLU D 229 37.15 -23.21 33.28
C GLU D 229 37.69 -24.13 34.36
N ARG D 230 38.93 -24.57 34.21
CA ARG D 230 39.51 -25.47 35.18
C ARG D 230 39.77 -24.77 36.50
N ARG D 231 39.44 -25.47 37.57
CA ARG D 231 39.67 -24.98 38.92
C ARG D 231 41.08 -25.37 39.31
N PRO D 232 41.73 -24.55 40.15
CA PRO D 232 43.11 -24.84 40.53
C PRO D 232 43.25 -26.20 41.19
N ASP D 233 43.98 -27.08 40.53
CA ASP D 233 44.24 -28.43 41.02
C ASP D 233 42.97 -29.25 41.24
N GLU D 234 42.44 -29.80 40.15
CA GLU D 234 41.36 -30.77 40.24
C GLU D 234 41.48 -31.64 38.99
N LEU D 235 41.00 -32.87 39.08
CA LEU D 235 41.22 -33.83 38.01
C LEU D 235 40.49 -33.43 36.72
N GLU D 236 40.92 -34.00 35.61
CA GLU D 236 40.41 -33.58 34.30
C GLU D 236 39.06 -34.22 34.04
N ALA D 237 38.77 -35.31 34.74
CA ALA D 237 37.50 -36.00 34.58
C ALA D 237 36.35 -35.23 35.21
N ASP D 238 36.62 -34.57 36.33
CA ASP D 238 35.61 -33.76 37.01
C ASP D 238 35.28 -32.53 36.16
N PHE D 239 36.33 -31.90 35.64
CA PHE D 239 36.19 -30.73 34.79
C PHE D 239 35.43 -31.11 33.53
N GLU D 240 35.78 -32.25 32.93
CA GLU D 240 35.13 -32.69 31.71
C GLU D 240 33.68 -33.08 31.99
N TYR D 241 33.41 -33.47 33.23
CA TYR D 241 32.06 -33.76 33.70
C TYR D 241 31.24 -32.46 33.67
N ARG D 242 31.78 -31.42 34.29
CA ARG D 242 31.11 -30.12 34.33
C ARG D 242 30.91 -29.53 32.93
N VAL D 243 31.93 -29.68 32.08
CA VAL D 243 31.86 -29.22 30.70
C VAL D 243 30.75 -29.95 29.96
N ARG D 244 30.65 -31.25 30.16
CA ARG D 244 29.61 -32.06 29.54
C ARG D 244 28.23 -31.60 29.98
N LYS D 245 28.07 -31.30 31.27
CA LYS D 245 26.80 -30.80 31.78
C LYS D 245 26.42 -29.46 31.16
N GLN D 246 27.40 -28.56 31.01
CA GLN D 246 27.15 -27.27 30.38
C GLN D 246 26.74 -27.44 28.92
N GLU D 247 27.39 -28.39 28.25
CA GLU D 247 27.12 -28.68 26.85
C GLU D 247 25.70 -29.22 26.66
N LEU D 248 25.29 -30.10 27.56
CA LEU D 248 23.92 -30.61 27.56
C LEU D 248 22.90 -29.51 27.84
N PHE D 249 23.27 -28.59 28.73
CA PHE D 249 22.42 -27.43 29.02
C PHE D 249 22.19 -26.60 27.75
N ILE D 250 23.29 -26.34 27.05
CA ILE D 250 23.24 -25.62 25.78
C ILE D 250 22.34 -26.35 24.80
N SER D 251 22.43 -27.67 24.79
CA SER D 251 21.58 -28.49 23.92
C SER D 251 20.10 -28.31 24.25
N ASP D 252 19.78 -28.35 25.55
CA ASP D 252 18.40 -28.17 26.01
C ASP D 252 17.84 -26.82 25.61
N LEU D 253 18.62 -25.76 25.78
CA LEU D 253 18.16 -24.44 25.34
C LEU D 253 18.03 -24.38 23.81
N SER D 254 18.92 -25.09 23.13
CA SER D 254 18.93 -25.11 21.68
C SER D 254 17.67 -25.76 21.12
N ARG D 255 17.14 -26.74 21.85
CA ARG D 255 15.93 -27.43 21.43
C ARG D 255 14.72 -26.48 21.38
N PHE D 256 14.79 -25.39 22.14
CA PHE D 256 13.72 -24.40 22.16
C PHE D 256 14.10 -23.16 21.35
N ASN D 257 15.06 -23.33 20.45
CA ASN D 257 15.57 -22.24 19.60
C ASN D 257 16.11 -21.06 20.41
N ILE D 258 16.72 -21.36 21.55
CA ILE D 258 17.42 -20.34 22.31
C ILE D 258 18.92 -20.51 22.13
N LYS D 259 19.53 -19.61 21.36
CA LYS D 259 20.94 -19.71 21.07
C LYS D 259 21.75 -19.28 22.28
N THR D 260 22.71 -20.13 22.66
CA THR D 260 23.54 -19.84 23.81
C THR D 260 24.89 -19.29 23.34
N ILE D 261 25.25 -18.12 23.87
CA ILE D 261 26.56 -17.56 23.61
C ILE D 261 27.41 -17.73 24.86
N VAL D 262 28.57 -18.33 24.64
CA VAL D 262 29.47 -18.71 25.70
C VAL D 262 30.63 -17.73 25.77
N LEU D 263 30.69 -16.97 26.86
CA LEU D 263 31.68 -15.93 27.03
C LEU D 263 32.88 -16.41 27.83
N ASN D 264 33.97 -15.65 27.76
CA ASN D 264 35.20 -15.99 28.46
C ASN D 264 35.11 -15.63 29.94
N ASN D 265 34.31 -14.60 30.25
CA ASN D 265 34.10 -14.16 31.61
C ASN D 265 32.80 -13.38 31.75
N TYR D 266 32.27 -13.28 32.97
CA TYR D 266 30.98 -12.64 33.20
C TYR D 266 30.98 -11.14 32.92
N ASN D 267 32.12 -10.50 33.09
CA ASN D 267 32.22 -9.07 32.82
C ASN D 267 31.98 -8.76 31.35
N GLU D 268 32.23 -9.75 30.49
CA GLU D 268 31.92 -9.61 29.07
C GLU D 268 30.43 -9.35 28.86
N ILE D 269 29.59 -9.90 29.73
CA ILE D 269 28.16 -9.55 29.73
C ILE D 269 28.00 -8.02 29.81
N THR D 270 28.58 -7.45 30.86
CA THR D 270 28.57 -6.00 31.07
C THR D 270 29.10 -5.28 29.84
N GLU D 271 30.19 -5.77 29.26
CA GLU D 271 30.82 -5.16 28.10
C GLU D 271 29.86 -5.13 26.91
N ILE D 272 29.20 -6.25 26.67
CA ILE D 272 28.19 -6.38 25.62
C ILE D 272 27.07 -5.35 25.82
N LEU D 273 26.56 -5.29 27.04
CA LEU D 273 25.49 -4.35 27.38
C LEU D 273 25.93 -2.90 27.15
N GLN D 274 27.15 -2.58 27.58
CA GLN D 274 27.76 -1.27 27.38
C GLN D 274 27.79 -0.93 25.89
N ARG D 275 28.21 -1.92 25.09
CA ARG D 275 28.29 -1.78 23.65
C ARG D 275 26.94 -1.42 23.05
N ILE D 276 25.91 -2.15 23.50
CA ILE D 276 24.53 -1.92 23.06
C ILE D 276 24.08 -0.50 23.40
N GLU D 277 24.34 -0.11 24.65
CA GLU D 277 23.98 1.22 25.14
C GLU D 277 24.64 2.29 24.30
N ASN D 278 25.91 2.07 23.99
CA ASN D 278 26.67 2.94 23.11
C ASN D 278 25.95 3.06 21.78
N ASN D 279 25.63 1.91 21.20
CA ASN D 279 24.92 1.86 19.94
C ASN D 279 23.64 2.69 19.98
N ILE D 280 23.00 2.76 21.15
CA ILE D 280 21.78 3.54 21.24
C ILE D 280 22.10 5.04 21.36
N LYS D 281 22.91 5.41 22.34
CA LYS D 281 23.10 6.81 22.67
C LYS D 281 23.90 7.57 21.60
N THR D 282 24.72 6.84 20.84
CA THR D 282 25.54 7.49 19.81
C THR D 282 24.76 7.78 18.53
N LYS D 283 23.47 7.46 18.53
CA LYS D 283 22.62 7.70 17.37
C LYS D 283 21.78 8.97 17.52
N THR D 284 21.83 9.59 18.70
CA THR D 284 21.22 10.90 18.89
C THR D 284 22.28 11.97 19.18
N VAL D 285 22.38 12.95 18.29
CA VAL D 285 23.44 13.96 18.40
C VAL D 285 22.90 15.29 18.90
N PHE D 286 23.66 15.91 19.81
CA PHE D 286 23.38 17.25 20.30
C PHE D 286 24.22 18.27 19.56
N LEU D 287 23.56 19.22 18.90
CA LEU D 287 24.28 20.26 18.16
C LEU D 287 24.37 21.53 19.00
N SER D 288 25.56 21.77 19.54
CA SER D 288 25.82 22.94 20.39
C SER D 288 26.47 24.05 19.58
N GLY D 289 26.00 25.29 19.76
CA GLY D 289 26.63 26.41 19.10
C GLY D 289 25.76 27.63 18.87
N SER D 290 26.40 28.80 18.92
CA SER D 290 25.75 30.06 18.61
C SER D 290 26.71 30.94 17.80
N ALA D 291 26.16 31.83 16.98
CA ALA D 291 26.98 32.70 16.14
C ALA D 291 26.26 33.99 15.77
N HIS D 296 38.26 31.90 8.94
CA HIS D 296 36.82 31.77 9.05
C HIS D 296 36.13 32.11 7.74
N TRP D 297 34.82 31.88 7.70
CA TRP D 297 34.05 31.96 6.46
C TRP D 297 32.97 33.03 6.42
N GLU D 298 32.47 33.30 5.21
CA GLU D 298 31.38 34.24 5.00
C GLU D 298 30.08 33.65 5.55
N THR D 299 29.26 34.51 6.16
CA THR D 299 28.05 34.10 6.86
C THR D 299 27.14 33.12 6.10
N GLU D 300 26.87 33.39 4.83
CA GLU D 300 25.98 32.54 4.05
C GLU D 300 26.61 31.15 3.87
N HIS D 301 27.91 31.13 3.63
CA HIS D 301 28.64 29.88 3.42
C HIS D 301 28.63 29.02 4.67
N ALA D 302 28.89 29.65 5.81
CA ALA D 302 28.86 28.96 7.10
C ALA D 302 27.46 28.46 7.42
N GLU D 303 26.46 29.27 7.06
CA GLU D 303 25.08 28.89 7.30
C GLU D 303 24.72 27.65 6.48
N GLN D 304 25.23 27.57 5.27
CA GLN D 304 24.98 26.39 4.43
C GLN D 304 25.83 25.21 4.93
N PHE D 305 26.94 25.51 5.58
CA PHE D 305 27.77 24.46 6.18
C PHE D 305 26.97 23.77 7.27
N ILE D 306 26.40 24.58 8.15
CA ILE D 306 25.54 24.06 9.20
C ILE D 306 24.38 23.30 8.57
N HIS D 307 23.80 23.90 7.54
CA HIS D 307 22.70 23.31 6.80
C HIS D 307 22.98 21.88 6.33
N GLN D 308 24.06 21.68 5.59
CA GLN D 308 24.33 20.37 5.00
C GLN D 308 24.93 19.37 5.98
N LEU D 309 25.59 19.89 7.02
CA LEU D 309 26.03 19.06 8.13
C LEU D 309 24.82 18.42 8.76
N SER D 310 23.84 19.25 9.09
CA SER D 310 22.57 18.78 9.61
C SER D 310 21.87 17.84 8.63
N LYS D 311 21.91 18.21 7.35
CA LYS D 311 21.14 17.52 6.34
C LYS D 311 21.57 16.09 6.13
N GLU D 312 22.88 15.81 6.15
CA GLU D 312 23.25 14.41 5.99
C GLU D 312 23.74 13.80 7.31
N LEU D 313 23.59 14.56 8.39
CA LEU D 313 23.51 13.92 9.69
C LEU D 313 22.17 13.18 9.70
N ILE D 314 21.14 13.87 9.22
CA ILE D 314 19.82 13.28 9.15
C ILE D 314 19.78 12.18 8.08
N ARG D 315 20.49 12.41 6.97
CA ARG D 315 20.53 11.40 5.90
C ARG D 315 21.16 10.09 6.36
N LYS D 316 22.10 10.17 7.29
CA LYS D 316 22.78 8.96 7.78
C LYS D 316 22.16 8.44 9.08
N ASP D 317 20.83 8.53 9.16
CA ASP D 317 20.04 7.91 10.23
C ASP D 317 20.38 8.39 11.64
N PHE D 318 20.91 9.61 11.74
CA PHE D 318 21.14 10.22 13.05
C PHE D 318 19.94 11.04 13.53
N ASN D 319 19.88 11.29 14.83
CA ASN D 319 18.86 12.15 15.40
C ASN D 319 19.50 13.42 15.96
N ILE D 320 18.81 14.55 15.81
CA ILE D 320 19.37 15.82 16.24
C ILE D 320 18.55 16.47 17.37
N VAL D 321 19.25 16.88 18.42
CA VAL D 321 18.65 17.69 19.48
C VAL D 321 19.35 19.04 19.49
N SER D 322 18.57 20.12 19.37
CA SER D 322 19.15 21.46 19.23
C SER D 322 18.56 22.47 20.21
N GLY D 323 19.41 23.33 20.74
CA GLY D 323 18.97 24.38 21.64
C GLY D 323 18.59 25.63 20.88
N PHE D 324 18.63 25.53 19.55
CA PHE D 324 18.21 26.60 18.65
C PHE D 324 18.97 27.90 18.94
N GLY D 325 20.29 27.80 18.98
CA GLY D 325 21.14 28.97 19.17
C GLY D 325 21.12 29.90 17.99
N LEU D 326 21.16 31.20 18.25
CA LEU D 326 21.13 32.21 17.21
C LEU D 326 22.33 32.05 16.27
N GLY D 327 22.05 31.93 14.97
CA GLY D 327 23.10 31.79 13.99
C GLY D 327 23.38 30.35 13.62
N VAL D 328 22.78 29.43 14.37
CA VAL D 328 22.99 28.00 14.13
C VAL D 328 21.65 27.27 13.99
N GLY D 329 20.75 27.52 14.94
CA GLY D 329 19.48 26.82 15.03
C GLY D 329 18.63 26.78 13.77
N SER D 330 18.43 27.94 13.16
CA SER D 330 17.56 28.06 12.00
C SER D 330 18.07 27.22 10.83
N PHE D 331 19.39 27.10 10.75
CA PHE D 331 20.05 26.41 9.66
C PHE D 331 20.15 24.91 9.93
N VAL D 332 20.25 24.55 11.20
CA VAL D 332 20.11 23.15 11.60
C VAL D 332 18.71 22.69 11.19
N ILE D 333 17.73 23.51 11.52
CA ILE D 333 16.33 23.25 11.17
C ILE D 333 16.14 23.11 9.66
N ASN D 334 16.66 24.07 8.90
CA ASN D 334 16.56 24.04 7.44
C ASN D 334 17.17 22.77 6.86
N GLY D 335 18.38 22.47 7.33
CA GLY D 335 19.09 21.28 6.89
C GLY D 335 18.34 20.01 7.21
N VAL D 336 17.68 19.96 8.36
CA VAL D 336 16.89 18.78 8.72
C VAL D 336 15.68 18.63 7.82
N LEU D 337 14.90 19.70 7.64
CA LEU D 337 13.69 19.58 6.81
C LEU D 337 13.99 19.32 5.35
N GLU D 338 15.16 19.75 4.87
CA GLU D 338 15.54 19.43 3.49
C GLU D 338 15.47 17.92 3.28
N GLU D 339 15.97 17.17 4.26
CA GLU D 339 15.91 15.73 4.24
C GLU D 339 14.57 15.25 4.79
N LEU D 340 14.03 16.06 5.70
CA LEU D 340 12.79 15.76 6.43
C LEU D 340 12.94 14.52 7.30
N ILE D 347 5.02 14.81 10.07
CA ILE D 347 6.16 14.79 9.15
C ILE D 347 7.47 14.58 9.91
N ASP D 348 7.68 15.37 10.95
CA ASP D 348 8.79 15.17 11.88
C ASP D 348 8.62 14.00 12.84
N ASP D 349 9.68 13.20 13.00
CA ASP D 349 9.66 12.05 13.90
C ASP D 349 10.47 12.36 15.14
N ASP D 350 11.22 11.36 15.60
CA ASP D 350 12.15 11.44 16.71
C ASP D 350 13.53 11.89 16.23
N ARG D 351 13.54 12.47 15.03
CA ARG D 351 14.76 12.89 14.34
C ARG D 351 15.22 14.27 14.78
N LEU D 352 14.28 15.14 15.11
CA LEU D 352 14.63 16.50 15.51
C LEU D 352 13.84 16.96 16.73
N ILE D 353 14.56 17.26 17.81
CA ILE D 353 13.97 17.80 19.03
C ILE D 353 14.56 19.16 19.29
N LEU D 354 13.72 20.18 19.25
CA LEU D 354 14.16 21.55 19.46
C LEU D 354 13.82 21.99 20.87
N ARG D 355 14.81 22.53 21.58
CA ARG D 355 14.61 23.04 22.93
C ARG D 355 15.15 24.45 23.04
N PRO D 356 14.46 25.42 22.41
CA PRO D 356 14.87 26.83 22.50
C PRO D 356 14.83 27.34 23.93
N PHE D 357 15.77 28.21 24.28
CA PHE D 357 15.88 28.70 25.64
C PHE D 357 14.90 29.83 25.92
N PRO D 358 14.20 29.75 27.08
CA PRO D 358 13.30 30.81 27.54
C PRO D 358 14.07 32.02 28.06
N GLN D 359 13.70 33.21 27.57
CA GLN D 359 14.39 34.43 27.95
C GLN D 359 13.72 35.12 29.13
N GLY D 360 14.52 35.79 29.95
CA GLY D 360 14.02 36.45 31.14
C GLY D 360 14.65 35.85 32.38
N LYS D 361 14.41 36.47 33.53
CA LYS D 361 15.00 36.02 34.78
C LYS D 361 14.55 34.61 35.15
N LYS D 362 13.24 34.38 35.09
CA LYS D 362 12.66 33.09 35.44
C LYS D 362 13.15 31.95 34.54
N GLY D 363 13.39 32.26 33.26
CA GLY D 363 13.91 31.27 32.33
C GLY D 363 15.35 30.91 32.62
N GLU D 364 16.18 31.94 32.79
CA GLU D 364 17.60 31.76 33.06
C GLU D 364 17.76 31.08 34.41
N GLU D 365 16.73 31.18 35.25
CA GLU D 365 16.69 30.49 36.52
C GLU D 365 16.68 28.98 36.31
N GLN D 366 16.21 28.55 35.14
CA GLN D 366 16.12 27.13 34.83
C GLN D 366 16.89 26.75 33.56
N TRP D 367 17.77 27.64 33.11
CA TRP D 367 18.58 27.37 31.91
C TRP D 367 19.52 26.16 32.09
N ASP D 368 20.02 25.99 33.31
CA ASP D 368 20.98 24.92 33.62
C ASP D 368 20.33 23.53 33.54
N LYS D 369 19.21 23.37 34.25
CA LYS D 369 18.44 22.13 34.22
C LYS D 369 17.92 21.89 32.82
N TYR D 370 17.56 22.98 32.14
CA TYR D 370 17.11 22.92 30.76
C TYR D 370 18.19 22.27 29.89
N ARG D 371 19.44 22.74 30.07
CA ARG D 371 20.56 22.20 29.31
C ARG D 371 20.85 20.74 29.62
N ARG D 372 20.88 20.39 30.91
CA ARG D 372 21.13 19.00 31.28
C ARG D 372 20.06 18.08 30.70
N ASP D 373 18.81 18.55 30.70
CA ASP D 373 17.73 17.76 30.13
C ASP D 373 17.93 17.58 28.63
N MSE D 374 18.32 18.68 27.96
CA MSE D 374 18.66 18.62 26.55
C MSE D 374 19.66 17.51 26.27
O MSE D 374 19.38 16.55 25.54
CB MSE D 374 19.27 19.93 26.06
CG MSE D 374 18.36 21.12 26.07
SE MSE D 374 19.02 22.40 24.78
CE MSE D 374 18.83 21.24 23.24
N ILE D 375 20.83 17.66 26.88
CA ILE D 375 21.98 16.80 26.59
C ILE D 375 21.73 15.36 27.03
N THR D 376 20.84 15.17 28.00
CA THR D 376 20.51 13.83 28.49
C THR D 376 19.95 12.93 27.39
N ARG D 377 19.22 13.53 26.46
CA ARG D 377 18.64 12.77 25.35
C ARG D 377 19.72 12.27 24.39
N THR D 378 20.91 12.87 24.46
CA THR D 378 21.96 12.60 23.49
C THR D 378 23.16 11.89 24.10
N GLY D 379 24.01 11.35 23.24
CA GLY D 379 25.22 10.65 23.68
C GLY D 379 26.47 11.19 23.03
N VAL D 380 26.30 12.06 22.04
CA VAL D 380 27.42 12.71 21.36
C VAL D 380 27.09 14.18 21.13
N SER D 381 28.02 15.06 21.49
CA SER D 381 27.81 16.50 21.32
C SER D 381 28.82 17.12 20.36
N ILE D 382 28.31 17.70 19.28
CA ILE D 382 29.16 18.42 18.34
C ILE D 382 29.12 19.92 18.63
N PHE D 383 30.29 20.55 18.67
CA PHE D 383 30.37 21.96 19.06
C PHE D 383 30.83 22.85 17.91
N LEU D 384 29.98 23.83 17.57
CA LEU D 384 30.23 24.74 16.46
C LEU D 384 30.29 26.19 16.92
N TYR D 385 31.34 26.90 16.51
CA TYR D 385 31.43 28.34 16.76
C TYR D 385 31.29 28.71 18.24
N GLY D 386 30.30 29.52 18.57
CA GLY D 386 30.09 29.91 19.96
C GLY D 386 30.35 31.37 20.23
N ASN D 387 29.72 32.25 19.47
CA ASN D 387 29.88 33.69 19.68
C ASN D 387 28.56 34.42 19.81
N LYS D 388 28.58 35.51 20.57
CA LYS D 388 27.36 36.28 20.82
C LYS D 388 27.65 37.75 21.01
N ILE D 389 26.62 38.58 20.99
CA ILE D 389 26.77 40.01 21.23
C ILE D 389 26.45 40.40 22.67
N ASP D 390 27.42 40.96 23.39
CA ASP D 390 27.17 41.42 24.75
C ASP D 390 27.64 42.87 24.91
N LYS D 391 26.76 43.76 25.36
CA LYS D 391 27.08 45.16 25.58
C LYS D 391 27.64 45.84 24.32
N GLY D 392 27.16 45.43 23.16
CA GLY D 392 27.62 46.03 21.93
C GLY D 392 28.19 44.98 21.01
N VAL D 394 31.60 41.38 19.54
CA VAL D 394 31.54 39.91 19.53
C VAL D 394 32.30 39.35 20.74
N VAL D 395 31.62 38.52 21.54
CA VAL D 395 32.19 37.95 22.74
C VAL D 395 31.95 36.44 22.81
N LYS D 396 32.88 35.71 23.42
CA LYS D 396 32.74 34.27 23.57
C LYS D 396 31.48 33.90 24.34
N ALA D 397 30.79 32.86 23.88
CA ALA D 397 29.53 32.43 24.50
C ALA D 397 29.75 31.34 25.55
N LYS D 398 29.73 31.74 26.82
CA LYS D 398 29.97 30.82 27.93
C LYS D 398 29.04 29.61 27.94
N GLY D 399 27.84 29.78 27.39
CA GLY D 399 26.85 28.72 27.33
C GLY D 399 27.34 27.47 26.63
N VAL D 400 28.09 27.65 25.55
CA VAL D 400 28.62 26.51 24.79
C VAL D 400 29.63 25.74 25.64
N GLN D 401 30.43 26.47 26.40
CA GLN D 401 31.40 25.87 27.30
C GLN D 401 30.68 25.10 28.41
N SER D 402 29.57 25.67 28.88
CA SER D 402 28.72 25.00 29.87
C SER D 402 28.18 23.69 29.31
N GLU D 403 27.71 23.74 28.07
CA GLU D 403 27.20 22.55 27.40
C GLU D 403 28.29 21.50 27.19
N PHE D 404 29.52 21.96 26.99
CA PHE D 404 30.67 21.05 26.90
C PHE D 404 30.86 20.35 28.25
N ASN D 405 30.91 21.15 29.31
CA ASN D 405 31.06 20.62 30.66
C ASN D 405 29.99 19.57 30.99
N ILE D 406 28.74 19.94 30.77
CA ILE D 406 27.61 19.03 31.00
C ILE D 406 27.76 17.77 30.14
N SER D 407 28.19 17.96 28.90
CA SER D 407 28.42 16.84 27.98
C SER D 407 29.42 15.84 28.55
N PHE D 408 30.51 16.34 29.11
CA PHE D 408 31.55 15.45 29.60
C PHE D 408 31.16 14.84 30.95
N GLU D 409 30.40 15.57 31.74
CA GLU D 409 29.94 15.06 33.03
C GLU D 409 28.82 14.03 32.84
N GLN D 410 28.29 13.96 31.62
CA GLN D 410 27.20 13.05 31.25
C GLN D 410 27.71 11.87 30.40
N ASN D 411 29.02 11.67 30.41
CA ASN D 411 29.72 10.69 29.56
C ASN D 411 29.32 10.74 28.08
N ASN D 412 29.33 11.94 27.52
CA ASN D 412 29.09 12.05 26.10
C ASN D 412 30.37 12.30 25.33
N TYR D 413 30.42 11.77 24.13
CA TYR D 413 31.56 11.96 23.25
C TYR D 413 31.57 13.41 22.80
N VAL D 414 32.70 14.08 22.97
CA VAL D 414 32.79 15.49 22.65
C VAL D 414 33.51 15.69 21.33
N VAL D 415 32.81 16.32 20.39
CA VAL D 415 33.35 16.54 19.06
C VAL D 415 33.30 18.04 18.78
N PRO D 416 34.32 18.77 19.24
CA PRO D 416 34.37 20.20 18.95
C PRO D 416 35.01 20.50 17.61
N VAL D 417 34.28 21.17 16.73
CA VAL D 417 34.87 21.54 15.46
C VAL D 417 35.58 22.87 15.65
N GLY D 418 36.86 22.75 15.97
CA GLY D 418 37.74 23.87 16.24
C GLY D 418 38.11 24.64 14.99
N ALA D 419 37.72 24.14 13.82
CA ALA D 419 38.11 24.74 12.55
C ALA D 419 37.55 26.16 12.43
N THR D 420 36.27 26.29 12.11
CA THR D 420 35.63 27.61 12.10
C THR D 420 35.00 27.74 13.48
N GLY D 421 35.88 27.75 14.49
CA GLY D 421 35.50 27.78 15.89
C GLY D 421 35.99 28.97 16.71
N TYR D 422 35.25 29.32 17.76
CA TYR D 422 35.72 30.35 18.68
C TYR D 422 35.97 29.65 20.01
N ILE D 423 34.89 29.42 20.75
CA ILE D 423 34.94 28.62 21.97
C ILE D 423 35.17 27.15 21.58
N ALA D 424 34.63 26.79 20.42
CA ALA D 424 34.88 25.48 19.82
C ALA D 424 36.40 25.23 19.78
N LYS D 425 37.16 26.23 19.32
CA LYS D 425 38.64 26.16 19.33
C LYS D 425 39.27 26.02 20.73
N ASP D 426 38.76 26.79 21.69
CA ASP D 426 39.24 26.69 23.07
C ASP D 426 39.11 25.25 23.57
N LEU D 427 37.96 24.64 23.32
CA LEU D 427 37.67 23.27 23.78
C LEU D 427 38.38 22.20 22.96
N TRP D 428 38.59 22.47 21.68
CA TRP D 428 39.35 21.59 20.79
C TRP D 428 40.82 21.53 21.19
N ASN D 429 41.34 22.67 21.64
CA ASN D 429 42.71 22.72 22.13
C ASN D 429 42.79 22.13 23.53
N LYS D 430 41.70 22.29 24.27
CA LYS D 430 41.59 21.71 25.60
C LYS D 430 41.53 20.18 25.47
N VAL D 431 41.08 19.71 24.30
CA VAL D 431 40.94 18.29 24.03
C VAL D 431 42.21 17.69 23.43
N ASN D 432 42.85 18.44 22.53
CA ASN D 432 44.09 17.99 21.89
C ASN D 432 45.16 17.75 22.95
N GLU D 433 45.22 18.67 23.91
CA GLU D 433 46.01 18.45 25.11
C GLU D 433 45.20 17.55 26.04
N GLU D 434 45.88 16.66 26.76
CA GLU D 434 45.21 15.69 27.63
C GLU D 434 44.13 14.92 26.89
N PHE D 435 44.50 14.36 25.75
CA PHE D 435 43.55 13.73 24.83
C PHE D 435 43.12 12.36 25.35
N GLU D 436 43.89 11.82 26.30
CA GLU D 436 43.61 10.52 26.88
C GLU D 436 42.45 10.56 27.87
N THR D 437 42.10 11.76 28.34
CA THR D 437 41.04 11.90 29.33
C THR D 437 39.67 12.00 28.68
N TYR D 438 39.66 12.07 27.35
CA TYR D 438 38.42 12.23 26.59
C TYR D 438 38.20 11.02 25.68
N TYR D 439 39.30 10.49 25.16
CA TYR D 439 39.26 9.31 24.31
C TYR D 439 40.36 8.34 24.68
N PRO D 440 40.12 7.53 25.73
CA PRO D 440 41.11 6.53 26.15
C PRO D 440 41.29 5.47 25.06
N GLY D 441 42.23 5.75 24.17
CA GLY D 441 42.51 4.92 23.03
C GLY D 441 43.14 5.80 21.96
N ALA D 442 43.53 5.22 20.84
CA ALA D 442 44.18 6.00 19.80
C ALA D 442 43.65 5.62 18.42
N ASP D 443 44.41 5.98 17.39
CA ASP D 443 44.02 5.70 16.01
C ASP D 443 44.21 4.22 15.68
N MSE D 446 41.95 7.96 13.90
CA MSE D 446 41.15 8.60 14.94
C MSE D 446 41.84 9.86 15.47
O MSE D 446 41.20 10.89 15.66
CB MSE D 446 40.87 7.63 16.08
CG MSE D 446 40.34 8.28 17.35
SE MSE D 446 39.66 6.98 18.63
CE MSE D 446 38.08 6.38 17.66
N LYS D 447 43.15 9.76 15.70
CA LYS D 447 43.93 10.91 16.12
C LYS D 447 44.05 11.91 14.97
N LYS D 448 44.17 11.39 13.76
CA LYS D 448 44.25 12.21 12.56
C LYS D 448 42.92 12.91 12.30
N LEU D 449 41.82 12.20 12.49
CA LEU D 449 40.49 12.74 12.27
C LEU D 449 40.16 13.87 13.24
N PHE D 450 40.52 13.68 14.50
CA PHE D 450 40.32 14.69 15.53
C PHE D 450 41.08 15.97 15.18
N GLY D 451 42.33 15.79 14.73
CA GLY D 451 43.15 16.91 14.32
C GLY D 451 42.61 17.59 13.09
N GLU D 452 41.84 16.85 12.30
CA GLU D 452 41.27 17.37 11.06
C GLU D 452 40.05 18.24 11.33
N LEU D 453 39.65 18.33 12.60
CA LEU D 453 38.50 19.13 12.99
C LEU D 453 38.91 20.57 13.29
N LEU D 458 40.01 23.10 4.89
CA LEU D 458 39.27 22.02 4.28
C LEU D 458 38.00 22.53 3.62
N SER D 459 37.33 21.68 2.86
CA SER D 459 36.09 22.06 2.19
C SER D 459 34.90 21.82 3.11
N ILE D 460 33.70 22.13 2.62
CA ILE D 460 32.50 21.94 3.42
C ILE D 460 32.15 20.46 3.45
N GLU D 461 32.10 19.84 2.28
CA GLU D 461 31.87 18.41 2.16
C GLU D 461 32.93 17.64 2.94
N GLU D 462 34.17 18.12 2.86
CA GLU D 462 35.29 17.45 3.51
C GLU D 462 35.18 17.54 5.03
N LEU D 463 34.83 18.72 5.54
CA LEU D 463 34.70 18.91 6.98
C LEU D 463 33.52 18.11 7.55
N ILE D 464 32.36 18.19 6.89
CA ILE D 464 31.19 17.44 7.35
C ILE D 464 31.48 15.94 7.31
N ASN D 465 32.11 15.46 6.23
CA ASN D 465 32.49 14.05 6.14
C ASN D 465 33.48 13.64 7.23
N THR D 466 34.41 14.53 7.56
CA THR D 466 35.36 14.31 8.65
C THR D 466 34.60 14.07 9.95
N ILE D 467 33.71 15.01 10.27
CA ILE D 467 32.90 14.96 11.48
C ILE D 467 32.11 13.66 11.55
N ILE D 468 31.37 13.41 10.47
CA ILE D 468 30.49 12.25 10.34
C ILE D 468 31.26 10.95 10.50
N GLU D 469 32.45 10.87 9.90
CA GLU D 469 33.25 9.66 9.98
C GLU D 469 33.84 9.48 11.36
N PHE D 470 34.10 10.60 12.05
CA PHE D 470 34.59 10.55 13.42
C PHE D 470 33.53 9.97 14.35
N VAL D 471 32.31 10.52 14.25
CA VAL D 471 31.19 10.08 15.09
C VAL D 471 30.76 8.65 14.71
N GLU D 472 30.88 8.31 13.44
CA GLU D 472 30.55 6.97 12.97
C GLU D 472 31.55 5.98 13.53
N ILE D 473 32.81 6.37 13.56
CA ILE D 473 33.84 5.55 14.18
C ILE D 473 33.52 5.40 15.67
N LEU D 474 32.96 6.45 16.25
CA LEU D 474 32.53 6.40 17.65
C LEU D 474 31.42 5.37 17.86
N SER D 475 30.50 5.27 16.89
CA SER D 475 29.40 4.34 16.99
C SER D 475 29.80 2.95 16.50
#